data_6UO9
#
_entry.id   6UO9
#
_cell.length_a   1.00
_cell.length_b   1.00
_cell.length_c   1.00
_cell.angle_alpha   90.00
_cell.angle_beta   90.00
_cell.angle_gamma   90.00
#
_symmetry.space_group_name_H-M   'P 1'
#
loop_
_entity.id
_entity.type
_entity.pdbx_description
1 polymer 'Gamma-aminobutyric acid type B receptor subunit 1'
2 polymer 'Gamma-aminobutyric acid type B receptor subunit 2'
3 branched 2-acetamido-2-deoxy-beta-D-glucopyranose-(1-4)-2-acetamido-2-deoxy-beta-D-glucopyranose
4 branched beta-D-mannopyranose-(1-4)-2-acetamido-2-deoxy-beta-D-glucopyranose-(1-4)-2-acetamido-2-deoxy-beta-D-glucopyranose
5 non-polymer '(R)-(3-aminopropyl)methylphosphinic acid'
6 non-polymer 2-acetamido-2-deoxy-beta-D-glucopyranose
#
loop_
_entity_poly.entity_id
_entity_poly.type
_entity_poly.pdbx_seq_one_letter_code
_entity_poly.pdbx_strand_id
1 'polypeptide(L)'
;GSERRAVYIGALFPMSGGWPGGQACQPAVEMALEDVNSRRDILPDYELKLIHHDSKCDPGQATKYLYELLYNDPIKIILM
PGCSSVSTLVAEAARMWNLIVLSYGSSSPALSNRQRFPTFFRTHPSATLHNPTRVKLFEKWGWKKIATIQQTTEVFTSTL
DDLEERVKEAGIEITFRQSFFSDPAVPVKNLKRQDARIIVGLFYETEARKVFCEVYKERLFGKKYVWFLIGWYADNWFKI
YDPSINCTVDEMTEAVEGHITTEIVMLNPANTRSISNMTSQEFVEKLTKRLKRHPEETGGFQEAPLAYDAIWALALALNK
TSGGGGRSGVRLEDFNYNNQTITDQIYRAMNSSSFEGVSGHVVFDASGSRMAWTLIEQLQGGSYKKIGYYDSTKDDLSWS
KTDKWIGGSPPADQTLVIKTFRFLSQKLFISVSVLSSLGIVLAVVCLSFNIYNSHVRYIQNSQPNLNNLTAVGCSLALAA
VFPLGLDGYHIGRNQFPFVCQARLWLLGLGFSLGYGSMFTKIWWVHTVFTKKEEKKEWRKTLEPWKLYATVGLLVGMDVL
TLAIWQIVDPLHRTIETFAKEEPKEDIDVSILPQLEHCSSRKMNTWLGIFYGYKGLLLLLGIFLAYETKSVSTEKINDHR
AVGMAIYNVAVLCLITAPVTMILSSQQDAAFAFASLAIVFSSYITLVVLFVPKMRRLITRGEWQSEAQDTMKTGSSTNNN
EEEKSRLLEKENRELEKIIAEKEERVSELRHQLQSRLEVLFQ
;
A
2 'polypeptide(L)'
;GWARGAPRPPPSSPPLSIMGLMPLTKEVAKGSIGRGVLPAVELAIEQIRNESLLRPYFLDLRLYDTECDNAKGLKAFYDA
IKYGPNHLMVFGGVCPSVTSIIAESLQGWNLVQLSFAATTPVLADKKKYPYFFRTVPSDNAVNPAILKLLKHYQWKRVGT
LTQDVQRFSEVRNDLTGVLYGEDIEISDTESFSNDPCTSVKKLKGNDVRIILGQFDQNMAAKVFCCAYEENMYGSKYQWI
IPGWYEPSWWEQVHTEANSSRCLRKNLLAAMEGYIGVDFEPLSSKQIKTISGKTPQQYEREYNNKRSGVGPSKFHGYAYD
GIWVIAKTLQRAMETLHASSRHQRIQDFNYTDHTLGRIILNAMNETNFFGVTGQVVFRNGERMGTIKFTQFQDSREVKVG
EYNAVADTLEIINDTIRFQGSEPPKDKTIILEQLRKISLPLYSILSALTILGMIMASAFLFFNIKNRNQKLIKMSSPYMN
NLIILGGMLSYASIFLFGLDGSFVSEKTFETLCTVRTWILTVGYTTAFGAMFAKTWRVHAIFKNVKMKKKIIKDQKLLVI
VGGMLLIDLCILICWQAVDPLRRTVEKYSMEPDPAGRDISIRPLLEHCENTHMTIWLGIVYAYKGLLMLFGCFLAWETRN
VSIPALNDSKYIGMSVYNVGIMCIIGAAVSFLTRDQPNVQFCIVALVIIFCSTITLCLVFVPKLITLRTNPDAATQNRRF
QFTQNQKKEDSKTSTSVTSVNQASTSRLEGLQSENHRLRMKITELDKDLEEVTMQLQDT
;
B
#
loop_
_chem_comp.id
_chem_comp.type
_chem_comp.name
_chem_comp.formula
BMA D-saccharide, beta linking beta-D-mannopyranose 'C6 H12 O6'
NAG D-saccharide, beta linking 2-acetamido-2-deoxy-beta-D-glucopyranose 'C8 H15 N O6'
QD7 non-polymer '(R)-(3-aminopropyl)methylphosphinic acid' 'C4 H12 N O2 P'
#
# COMPACT_ATOMS: atom_id res chain seq x y z
N ARG A 4 47.44 58.33 7.70
CA ARG A 4 46.59 57.40 8.44
C ARG A 4 47.14 55.99 8.42
N ARG A 5 47.01 55.28 9.54
CA ARG A 5 47.41 53.90 9.57
C ARG A 5 46.39 53.07 8.79
N ALA A 6 46.74 51.84 8.48
CA ALA A 6 45.86 50.99 7.68
C ALA A 6 45.67 49.65 8.38
N VAL A 7 44.44 49.16 8.40
CA VAL A 7 44.12 47.83 8.91
C VAL A 7 43.53 47.02 7.77
N TYR A 8 43.47 45.71 7.97
CA TYR A 8 43.12 44.81 6.88
C TYR A 8 42.03 43.84 7.31
N ILE A 9 41.14 43.52 6.38
CA ILE A 9 40.12 42.51 6.63
C ILE A 9 40.24 41.43 5.56
N GLY A 10 39.79 40.23 5.89
CA GLY A 10 39.84 39.11 4.98
C GLY A 10 38.43 38.74 4.57
N ALA A 11 38.26 38.38 3.30
CA ALA A 11 36.92 38.10 2.81
C ALA A 11 36.96 37.01 1.75
N LEU A 12 35.95 36.15 1.79
CA LEU A 12 35.77 35.15 0.75
C LEU A 12 34.45 35.42 0.03
N PHE A 13 34.51 35.54 -1.29
CA PHE A 13 33.33 35.84 -2.10
C PHE A 13 33.06 34.71 -3.08
N PRO A 14 32.00 33.93 -2.87
CA PRO A 14 31.69 32.87 -3.83
C PRO A 14 31.10 33.45 -5.11
N MET A 15 31.69 33.14 -6.27
CA MET A 15 31.21 33.66 -7.54
C MET A 15 30.72 32.57 -8.48
N SER A 16 30.78 31.31 -8.07
CA SER A 16 30.23 30.22 -8.85
C SER A 16 29.85 29.09 -7.91
N GLY A 17 29.26 28.05 -8.48
CA GLY A 17 28.95 26.86 -7.69
C GLY A 17 27.50 26.76 -7.31
N GLY A 18 27.22 26.23 -6.12
CA GLY A 18 25.85 26.01 -5.71
C GLY A 18 25.07 27.26 -5.38
N TRP A 19 25.77 28.34 -5.07
CA TRP A 19 25.07 29.60 -4.78
C TRP A 19 25.99 30.77 -5.14
N PRO A 20 25.95 31.24 -6.37
CA PRO A 20 26.77 32.41 -6.72
C PRO A 20 26.17 33.71 -6.19
N GLY A 21 26.79 34.28 -5.16
CA GLY A 21 26.25 35.49 -4.58
C GLY A 21 27.21 36.65 -4.75
N GLY A 22 28.51 36.34 -4.77
CA GLY A 22 29.56 37.35 -4.77
C GLY A 22 29.50 38.29 -5.96
N GLN A 23 28.94 37.83 -7.07
CA GLN A 23 28.76 38.63 -8.28
C GLN A 23 27.91 39.86 -8.00
N ALA A 24 27.03 39.79 -7.01
CA ALA A 24 26.28 40.94 -6.55
C ALA A 24 26.76 41.42 -5.21
N CYS A 25 27.67 40.70 -4.56
CA CYS A 25 28.12 41.04 -3.23
C CYS A 25 29.48 41.72 -3.21
N GLN A 26 30.35 41.37 -4.16
CA GLN A 26 31.64 42.05 -4.24
C GLN A 26 31.54 43.53 -4.60
N PRO A 27 30.69 43.97 -5.53
CA PRO A 27 30.61 45.43 -5.71
C PRO A 27 29.97 46.13 -4.54
N ALA A 28 29.01 45.46 -3.88
CA ALA A 28 28.27 46.08 -2.80
C ALA A 28 29.16 46.44 -1.62
N VAL A 29 30.04 45.52 -1.20
CA VAL A 29 31.03 45.86 -0.18
C VAL A 29 31.94 46.96 -0.70
N GLU A 30 32.27 46.91 -1.99
CA GLU A 30 33.05 47.94 -2.67
C GLU A 30 32.29 49.26 -2.78
N MET A 31 30.98 49.23 -2.56
CA MET A 31 30.18 50.45 -2.47
C MET A 31 30.12 50.95 -1.04
N ALA A 32 30.54 50.13 -0.09
CA ALA A 32 30.46 50.51 1.31
C ALA A 32 31.75 51.14 1.84
N LEU A 33 32.92 50.60 1.48
CA LEU A 33 34.14 51.14 2.05
C LEU A 33 34.37 52.59 1.67
N GLU A 34 34.10 52.91 0.39
CA GLU A 34 34.23 54.29 -0.06
C GLU A 34 33.25 55.23 0.65
N ASP A 35 32.18 54.72 1.25
CA ASP A 35 31.36 55.63 2.03
C ASP A 35 31.80 55.74 3.49
N VAL A 36 32.44 54.71 4.04
CA VAL A 36 32.84 54.71 5.44
C VAL A 36 34.22 55.35 5.60
N ASN A 37 34.98 55.42 4.51
CA ASN A 37 36.28 56.05 4.50
C ASN A 37 36.20 57.51 4.08
N SER A 38 34.99 58.05 4.00
CA SER A 38 34.74 59.42 3.61
C SER A 38 34.09 60.24 4.72
N ARG A 39 33.58 59.58 5.77
CA ARG A 39 33.00 60.27 6.92
C ARG A 39 34.06 60.37 8.01
N ARG A 40 34.41 61.60 8.39
CA ARG A 40 35.45 61.90 9.37
C ARG A 40 35.02 61.66 10.81
N ASP A 41 33.75 61.35 11.05
CA ASP A 41 33.26 61.13 12.40
C ASP A 41 33.73 59.81 13.01
N ILE A 42 33.63 58.71 12.27
CA ILE A 42 33.84 57.40 12.86
C ILE A 42 35.30 56.99 12.89
N LEU A 43 36.14 57.50 11.99
CA LEU A 43 37.55 57.13 12.06
C LEU A 43 38.53 58.25 11.75
N PRO A 44 39.13 58.84 12.78
CA PRO A 44 39.96 60.03 12.57
C PRO A 44 41.36 59.69 12.10
N ASP A 45 41.84 58.49 12.42
CA ASP A 45 43.23 58.12 12.14
C ASP A 45 43.40 56.68 11.67
N TYR A 46 42.45 56.11 10.94
CA TYR A 46 42.57 54.74 10.48
C TYR A 46 41.90 54.60 9.12
N GLU A 47 42.45 53.70 8.30
CA GLU A 47 41.82 53.26 7.06
C GLU A 47 41.59 51.77 7.08
N LEU A 48 40.57 51.33 6.35
CA LEU A 48 40.22 49.92 6.23
C LEU A 48 40.51 49.42 4.82
N LYS A 49 41.16 48.26 4.71
CA LYS A 49 41.42 47.66 3.41
C LYS A 49 40.88 46.22 3.38
N LEU A 50 40.60 45.74 2.16
CA LEU A 50 39.97 44.45 1.97
C LEU A 50 40.89 43.52 1.20
N ILE A 51 40.94 42.25 1.60
CA ILE A 51 41.61 41.20 0.84
C ILE A 51 40.59 40.13 0.51
N HIS A 52 40.10 40.10 -0.72
CA HIS A 52 39.05 39.18 -1.10
C HIS A 52 39.62 37.99 -1.88
N HIS A 53 38.96 36.84 -1.73
CA HIS A 53 39.33 35.65 -2.47
C HIS A 53 38.11 34.83 -2.86
N ASP A 54 38.13 34.31 -4.09
CA ASP A 54 37.12 33.37 -4.57
C ASP A 54 37.26 31.98 -3.96
N SER A 55 36.10 31.33 -3.71
CA SER A 55 36.10 30.01 -3.10
C SER A 55 35.15 29.00 -3.74
N LYS A 56 34.11 29.43 -4.45
CA LYS A 56 33.02 28.58 -4.94
C LYS A 56 32.29 27.81 -3.83
N CYS A 57 32.51 28.19 -2.58
CA CYS A 57 32.20 27.46 -1.35
C CYS A 57 32.38 25.95 -1.53
N ASP A 58 33.60 25.60 -1.92
CA ASP A 58 34.08 24.23 -1.88
C ASP A 58 35.12 24.12 -0.79
N PRO A 59 35.07 23.09 0.06
CA PRO A 59 35.95 23.07 1.24
C PRO A 59 37.43 22.99 0.92
N GLY A 60 37.80 22.47 -0.26
CA GLY A 60 39.20 22.37 -0.62
C GLY A 60 39.89 23.70 -0.86
N GLN A 61 39.34 24.46 -1.80
CA GLN A 61 39.87 25.79 -2.07
C GLN A 61 39.73 26.68 -0.85
N ALA A 62 38.66 26.46 -0.07
CA ALA A 62 38.49 27.21 1.17
C ALA A 62 39.59 26.92 2.16
N THR A 63 39.98 25.65 2.29
CA THR A 63 41.06 25.31 3.21
C THR A 63 42.38 25.88 2.73
N LYS A 64 42.63 25.81 1.41
CA LYS A 64 43.87 26.36 0.87
C LYS A 64 43.96 27.87 1.09
N TYR A 65 42.91 28.59 0.79
CA TYR A 65 42.95 30.03 0.98
C TYR A 65 42.90 30.41 2.45
N LEU A 66 42.34 29.57 3.31
CA LEU A 66 42.39 29.86 4.73
C LEU A 66 43.80 29.72 5.26
N TYR A 67 44.51 28.69 4.80
CA TYR A 67 45.92 28.57 5.15
C TYR A 67 46.72 29.73 4.57
N GLU A 68 46.34 30.20 3.38
CA GLU A 68 47.01 31.36 2.82
C GLU A 68 46.77 32.61 3.65
N LEU A 69 45.56 32.81 4.15
CA LEU A 69 45.28 34.01 4.92
C LEU A 69 45.92 33.97 6.28
N LEU A 70 45.87 32.82 6.96
CA LEU A 70 46.31 32.88 8.34
C LEU A 70 47.82 32.97 8.45
N TYR A 71 48.56 32.74 7.37
CA TYR A 71 50.02 32.75 7.46
C TYR A 71 50.63 33.64 6.39
N ASN A 72 50.07 34.83 6.19
CA ASN A 72 50.60 35.84 5.29
C ASN A 72 50.80 37.15 6.04
N ASP A 73 51.32 38.13 5.31
CA ASP A 73 51.73 39.42 5.83
C ASP A 73 50.90 40.51 5.16
N PRO A 74 50.54 41.56 5.89
CA PRO A 74 50.56 41.77 7.33
C PRO A 74 49.51 40.96 8.08
N ILE A 75 49.39 41.25 9.37
CA ILE A 75 48.48 40.57 10.28
C ILE A 75 47.06 41.09 10.06
N LYS A 76 46.11 40.18 9.94
CA LYS A 76 44.72 40.53 9.67
C LYS A 76 43.92 40.64 10.96
N ILE A 77 42.70 41.17 10.84
CA ILE A 77 41.84 41.41 12.01
C ILE A 77 40.56 40.60 11.95
N ILE A 78 39.75 40.77 10.91
CA ILE A 78 38.53 39.99 10.90
C ILE A 78 38.50 39.16 9.61
N LEU A 79 37.67 38.12 9.63
CA LEU A 79 37.40 37.27 8.48
C LEU A 79 35.92 37.42 8.15
N MET A 80 35.61 37.33 6.86
CA MET A 80 34.25 37.49 6.35
C MET A 80 34.02 36.29 5.45
N PRO A 81 33.36 35.26 5.95
CA PRO A 81 33.14 34.06 5.15
C PRO A 81 31.95 34.18 4.21
N GLY A 82 31.72 33.09 3.50
CA GLY A 82 30.68 32.97 2.51
C GLY A 82 29.52 32.04 2.80
N CYS A 83 29.57 30.91 2.10
CA CYS A 83 28.57 29.86 2.11
C CYS A 83 28.67 29.02 3.39
N SER A 84 27.71 28.11 3.55
CA SER A 84 27.55 27.52 4.88
C SER A 84 28.64 26.53 5.28
N SER A 85 29.17 25.76 4.33
CA SER A 85 30.22 24.79 4.65
C SER A 85 31.52 25.43 5.07
N VAL A 86 31.76 26.64 4.58
CA VAL A 86 32.94 27.35 5.02
C VAL A 86 32.64 28.12 6.28
N SER A 87 31.41 28.62 6.46
CA SER A 87 31.14 29.36 7.68
C SER A 87 31.28 28.41 8.86
N THR A 88 30.79 27.18 8.69
CA THR A 88 30.90 26.19 9.75
C THR A 88 32.35 25.80 9.97
N LEU A 89 33.13 25.63 8.89
CA LEU A 89 34.53 25.28 9.10
C LEU A 89 35.33 26.38 9.79
N VAL A 90 35.16 27.63 9.38
CA VAL A 90 35.89 28.72 10.02
C VAL A 90 35.43 28.89 11.47
N ALA A 91 34.13 28.78 11.75
CA ALA A 91 33.64 28.98 13.10
C ALA A 91 34.11 27.86 14.03
N GLU A 92 34.24 26.64 13.50
CA GLU A 92 34.75 25.57 14.35
C GLU A 92 36.25 25.73 14.57
N ALA A 93 36.97 26.19 13.55
CA ALA A 93 38.43 26.25 13.62
C ALA A 93 38.97 27.52 14.30
N ALA A 94 38.18 28.58 14.39
CA ALA A 94 38.68 29.85 14.88
C ALA A 94 38.86 29.93 16.39
N ARG A 95 38.62 28.83 17.12
CA ARG A 95 38.76 28.93 18.58
C ARG A 95 40.21 28.96 19.04
N MET A 96 41.15 28.49 18.23
CA MET A 96 42.54 28.43 18.67
C MET A 96 43.34 29.67 18.33
N TRP A 97 42.77 30.64 17.64
CA TRP A 97 43.50 31.86 17.31
C TRP A 97 42.87 33.11 17.89
N ASN A 98 41.73 32.96 18.57
CA ASN A 98 40.95 34.03 19.18
C ASN A 98 40.51 35.11 18.21
N LEU A 99 39.69 34.75 17.23
CA LEU A 99 39.16 35.67 16.23
C LEU A 99 37.64 35.73 16.35
N ILE A 100 37.04 36.60 15.54
CA ILE A 100 35.60 36.83 15.53
C ILE A 100 35.09 36.57 14.12
N VAL A 101 34.13 35.65 14.00
CA VAL A 101 33.52 35.31 12.71
C VAL A 101 32.16 35.99 12.58
N LEU A 102 31.97 36.69 11.46
CA LEU A 102 30.74 37.40 11.14
C LEU A 102 30.26 37.00 9.76
N SER A 103 29.27 36.13 9.71
CA SER A 103 28.73 35.61 8.47
C SER A 103 27.57 36.48 8.00
N TYR A 104 27.22 36.35 6.72
CA TYR A 104 26.12 37.13 6.18
C TYR A 104 25.19 36.37 5.25
N GLY A 105 25.40 35.06 5.05
CA GLY A 105 24.51 34.37 4.15
C GLY A 105 24.17 32.97 4.62
N SER A 106 24.73 32.62 5.77
CA SER A 106 24.49 31.30 6.36
C SER A 106 23.19 31.34 7.13
N SER A 107 22.40 30.28 7.02
CA SER A 107 21.13 30.27 7.75
C SER A 107 20.92 28.93 8.43
N SER A 108 21.95 28.40 8.96
CA SER A 108 21.80 27.14 9.67
C SER A 108 21.29 27.39 11.09
N PRO A 109 20.28 26.66 11.48
CA PRO A 109 19.79 26.73 12.86
C PRO A 109 20.76 26.14 13.88
N ALA A 110 21.67 25.28 13.46
CA ALA A 110 22.56 24.67 14.41
C ALA A 110 23.69 25.60 14.81
N LEU A 111 23.74 26.78 14.23
CA LEU A 111 24.69 27.80 14.63
C LEU A 111 24.13 28.62 15.76
N SER A 112 22.97 28.23 16.30
CA SER A 112 22.43 28.94 17.43
C SER A 112 22.99 28.39 18.74
N ASN A 113 23.57 27.21 18.71
CA ASN A 113 24.16 26.62 19.90
C ASN A 113 25.42 27.39 20.26
N ARG A 114 25.33 28.22 21.28
CA ARG A 114 26.41 29.11 21.65
C ARG A 114 27.54 28.35 22.36
N GLN A 115 27.30 27.10 22.75
CA GLN A 115 28.33 26.34 23.45
C GLN A 115 29.46 25.93 22.53
N ARG A 116 29.17 25.71 21.25
CA ARG A 116 30.22 25.29 20.34
C ARG A 116 30.81 26.47 19.56
N PHE A 117 30.01 27.51 19.35
CA PHE A 117 30.43 28.67 18.57
C PHE A 117 30.38 29.92 19.44
N PRO A 118 31.49 30.26 20.10
CA PRO A 118 31.46 31.37 21.05
C PRO A 118 31.55 32.73 20.40
N THR A 119 32.31 32.84 19.31
CA THR A 119 32.62 34.13 18.68
C THR A 119 32.00 34.26 17.31
N PHE A 120 30.74 33.86 17.17
CA PHE A 120 30.06 33.85 15.89
C PHE A 120 28.87 34.80 15.90
N PHE A 121 28.77 35.60 14.84
CA PHE A 121 27.65 36.51 14.66
C PHE A 121 27.22 36.46 13.21
N ARG A 122 25.94 36.72 12.96
CA ARG A 122 25.41 36.71 11.62
C ARG A 122 24.26 37.70 11.53
N THR A 123 24.00 38.17 10.30
CA THR A 123 22.88 39.07 10.07
C THR A 123 21.76 38.39 9.29
N HIS A 124 22.06 37.28 8.66
CA HIS A 124 21.05 36.54 7.95
C HIS A 124 20.14 35.86 8.96
N PRO A 125 18.82 35.88 8.76
CA PRO A 125 17.92 35.20 9.71
C PRO A 125 17.99 33.69 9.61
N SER A 126 17.43 33.02 10.62
CA SER A 126 17.40 31.57 10.67
C SER A 126 16.46 31.01 9.61
N ALA A 127 16.66 29.73 9.27
CA ALA A 127 15.86 29.10 8.24
C ALA A 127 14.62 28.39 8.79
N THR A 128 14.36 28.49 10.09
CA THR A 128 13.14 27.92 10.63
C THR A 128 11.94 28.84 10.46
N LEU A 129 12.12 29.96 9.77
CA LEU A 129 11.03 30.90 9.57
C LEU A 129 10.07 30.43 8.51
N HIS A 130 10.42 29.38 7.80
CA HIS A 130 9.53 28.81 6.81
C HIS A 130 8.52 27.89 7.47
N ASN A 131 8.84 27.40 8.66
CA ASN A 131 7.96 26.42 9.28
C ASN A 131 6.65 27.01 9.84
N PRO A 132 6.61 28.24 10.43
CA PRO A 132 5.30 28.83 10.75
C PRO A 132 4.44 29.14 9.54
N THR A 133 5.05 29.18 8.36
CA THR A 133 4.29 29.42 7.15
C THR A 133 3.65 28.16 6.61
N ARG A 134 4.45 27.10 6.44
CA ARG A 134 4.00 25.90 5.75
C ARG A 134 2.84 25.21 6.47
N VAL A 135 2.88 25.16 7.79
CA VAL A 135 1.78 24.61 8.56
C VAL A 135 0.48 25.35 8.25
N LYS A 136 0.55 26.67 8.12
CA LYS A 136 -0.62 27.45 7.71
C LYS A 136 -1.15 27.01 6.36
N LEU A 137 -0.26 26.83 5.37
CA LEU A 137 -0.78 26.35 4.09
C LEU A 137 -1.19 24.90 4.17
N PHE A 138 -0.87 24.23 5.26
CA PHE A 138 -1.38 22.90 5.51
C PHE A 138 -2.74 22.90 6.20
N GLU A 139 -3.15 24.02 6.78
CA GLU A 139 -4.44 23.98 7.44
C GLU A 139 -5.54 24.55 6.55
N LYS A 140 -5.17 25.36 5.57
CA LYS A 140 -6.15 25.89 4.64
C LYS A 140 -6.66 24.81 3.69
N TRP A 141 -5.74 23.98 3.19
CA TRP A 141 -6.15 22.93 2.26
C TRP A 141 -6.36 21.57 2.92
N GLY A 142 -6.10 21.43 4.22
CA GLY A 142 -6.52 20.25 4.95
C GLY A 142 -5.79 18.98 4.57
N TRP A 143 -4.50 18.87 4.88
CA TRP A 143 -3.74 17.67 4.63
C TRP A 143 -3.10 17.13 5.90
N LYS A 144 -2.80 15.83 5.88
CA LYS A 144 -2.23 15.14 7.03
C LYS A 144 -1.07 14.21 6.72
N LYS A 145 -0.81 13.87 5.45
CA LYS A 145 0.26 12.93 5.11
C LYS A 145 1.16 13.57 4.06
N ILE A 146 2.43 13.80 4.40
CA ILE A 146 3.38 14.47 3.51
C ILE A 146 4.60 13.56 3.35
N ALA A 147 5.58 13.98 2.55
CA ALA A 147 6.83 13.24 2.37
C ALA A 147 7.95 14.21 2.01
N THR A 148 9.17 13.88 2.44
CA THR A 148 10.33 14.74 2.27
C THR A 148 11.43 14.08 1.44
N ILE A 149 12.28 14.92 0.86
CA ILE A 149 13.51 14.47 0.20
C ILE A 149 14.59 15.54 0.36
N GLN A 150 15.77 15.13 0.83
CA GLN A 150 16.77 16.12 1.21
C GLN A 150 18.17 15.73 0.76
N GLN A 151 19.06 16.73 0.73
CA GLN A 151 20.49 16.51 0.49
C GLN A 151 21.18 16.55 1.85
N THR A 152 21.99 15.53 2.11
CA THR A 152 22.47 15.19 3.45
C THR A 152 23.54 16.17 3.95
N THR A 153 23.14 17.42 4.13
CA THR A 153 23.97 18.37 4.84
C THR A 153 23.17 18.79 6.06
N GLU A 154 23.87 19.11 7.15
CA GLU A 154 23.23 19.36 8.44
C GLU A 154 22.33 20.59 8.43
N VAL A 155 22.57 21.50 7.49
CA VAL A 155 21.76 22.69 7.34
C VAL A 155 20.33 22.32 6.98
N PHE A 156 20.13 21.26 6.21
CA PHE A 156 18.77 20.84 5.92
C PHE A 156 18.25 19.81 6.91
N THR A 157 19.14 19.04 7.55
CA THR A 157 18.68 18.06 8.53
C THR A 157 18.10 18.73 9.75
N SER A 158 18.75 19.78 10.24
CA SER A 158 18.22 20.49 11.40
C SER A 158 16.91 21.22 11.10
N THR A 159 16.75 21.78 9.90
CA THR A 159 15.49 22.42 9.55
C THR A 159 14.36 21.41 9.43
N LEU A 160 14.67 20.25 8.84
CA LEU A 160 13.68 19.19 8.76
C LEU A 160 13.32 18.69 10.16
N ASP A 161 14.31 18.63 11.05
CA ASP A 161 14.05 18.23 12.42
C ASP A 161 13.13 19.22 13.12
N ASP A 162 13.37 20.52 12.92
CA ASP A 162 12.49 21.51 13.53
C ASP A 162 11.08 21.46 12.96
N LEU A 163 10.95 21.21 11.65
CA LEU A 163 9.62 21.12 11.05
C LEU A 163 8.88 19.90 11.55
N GLU A 164 9.57 18.76 11.64
CA GLU A 164 8.91 17.56 12.13
C GLU A 164 8.65 17.63 13.63
N GLU A 165 9.35 18.51 14.33
CA GLU A 165 9.04 18.75 15.73
C GLU A 165 7.81 19.64 15.91
N ARG A 166 7.68 20.68 15.09
CA ARG A 166 6.58 21.62 15.24
C ARG A 166 5.34 21.20 14.48
N VAL A 167 5.43 20.15 13.67
CA VAL A 167 4.24 19.65 12.97
C VAL A 167 3.53 18.63 13.84
N LYS A 168 4.16 18.20 14.93
CA LYS A 168 3.57 17.21 15.81
C LYS A 168 2.39 17.79 16.57
N GLU A 169 2.33 19.11 16.73
CA GLU A 169 1.24 19.70 17.49
C GLU A 169 0.01 19.91 16.62
N ALA A 170 0.21 20.09 15.32
CA ALA A 170 -0.96 20.26 14.46
C ALA A 170 -1.51 18.94 13.94
N GLY A 171 -1.06 17.80 14.45
CA GLY A 171 -1.60 16.52 14.03
C GLY A 171 -0.98 15.90 12.80
N ILE A 172 -0.36 16.69 11.93
CA ILE A 172 0.24 16.15 10.72
C ILE A 172 1.49 15.35 11.09
N GLU A 173 1.73 14.27 10.35
CA GLU A 173 2.83 13.36 10.61
C GLU A 173 3.53 12.96 9.32
N ILE A 174 4.85 12.88 9.39
CA ILE A 174 5.67 12.44 8.27
C ILE A 174 5.47 10.94 8.07
N THR A 175 5.50 10.50 6.82
CA THR A 175 5.32 9.10 6.46
C THR A 175 6.53 8.47 5.79
N PHE A 176 7.20 9.18 4.89
CA PHE A 176 8.27 8.58 4.10
C PHE A 176 9.46 9.53 4.04
N ARG A 177 10.63 8.99 4.33
CA ARG A 177 11.87 9.74 4.28
C ARG A 177 12.81 9.09 3.28
N GLN A 178 13.61 9.90 2.59
CA GLN A 178 14.59 9.42 1.63
C GLN A 178 15.87 10.23 1.77
N SER A 179 16.97 9.67 1.28
CA SER A 179 18.24 10.37 1.30
C SER A 179 19.14 9.88 0.18
N PHE A 180 20.04 10.77 -0.26
CA PHE A 180 21.05 10.44 -1.26
C PHE A 180 22.20 11.42 -1.06
N PHE A 181 23.40 11.00 -1.43
CA PHE A 181 24.54 11.88 -1.29
C PHE A 181 24.90 12.55 -2.61
N SER A 182 24.99 11.75 -3.69
CA SER A 182 25.29 12.32 -5.00
C SER A 182 24.45 11.82 -6.15
N ASP A 183 23.83 10.64 -6.06
CA ASP A 183 23.07 10.10 -7.18
C ASP A 183 21.66 9.83 -6.68
N PRO A 184 20.67 10.60 -7.11
CA PRO A 184 19.30 10.47 -6.60
C PRO A 184 18.38 9.55 -7.39
N ALA A 185 18.88 8.67 -8.26
CA ALA A 185 17.98 7.87 -9.08
C ALA A 185 17.17 6.86 -8.27
N VAL A 186 17.82 6.12 -7.39
CA VAL A 186 17.10 5.12 -6.60
C VAL A 186 16.09 5.74 -5.63
N PRO A 187 16.34 6.85 -4.91
CA PRO A 187 15.24 7.39 -4.10
C PRO A 187 14.04 7.85 -4.91
N VAL A 188 14.23 8.45 -6.09
CA VAL A 188 13.07 8.83 -6.89
C VAL A 188 12.33 7.59 -7.39
N LYS A 189 13.05 6.54 -7.76
CA LYS A 189 12.40 5.30 -8.18
C LYS A 189 11.58 4.70 -7.04
N ASN A 190 12.14 4.71 -5.84
CA ASN A 190 11.43 4.17 -4.69
C ASN A 190 10.24 5.04 -4.29
N LEU A 191 10.36 6.35 -4.44
CA LEU A 191 9.27 7.25 -4.13
C LEU A 191 8.13 7.09 -5.13
N LYS A 192 8.46 6.81 -6.39
CA LYS A 192 7.46 6.55 -7.40
C LYS A 192 6.77 5.23 -7.08
N ARG A 193 7.57 4.24 -6.65
CA ARG A 193 7.00 2.94 -6.34
C ARG A 193 6.15 2.99 -5.07
N GLN A 194 6.45 3.93 -4.18
CA GLN A 194 5.65 4.06 -2.97
C GLN A 194 4.46 4.98 -3.18
N ASP A 195 4.47 5.78 -4.24
CA ASP A 195 3.35 6.62 -4.66
C ASP A 195 2.93 7.63 -3.60
N ALA A 196 3.81 8.55 -3.24
CA ALA A 196 3.44 9.69 -2.43
C ALA A 196 2.85 10.78 -3.30
N ARG A 197 2.23 11.76 -2.65
CA ARG A 197 1.52 12.81 -3.38
C ARG A 197 1.95 14.22 -3.02
N ILE A 198 2.35 14.48 -1.78
CA ILE A 198 2.81 15.80 -1.38
C ILE A 198 4.29 15.68 -1.03
N ILE A 199 5.14 16.35 -1.81
CA ILE A 199 6.58 16.16 -1.66
C ILE A 199 7.24 17.51 -1.37
N VAL A 200 8.15 17.53 -0.40
CA VAL A 200 8.92 18.72 -0.08
C VAL A 200 10.40 18.45 -0.32
N GLY A 201 11.01 19.27 -1.18
CA GLY A 201 12.40 19.09 -1.58
C GLY A 201 13.36 20.05 -0.91
N LEU A 202 14.55 19.57 -0.55
CA LEU A 202 15.58 20.39 0.08
C LEU A 202 16.89 19.95 -0.55
N PHE A 203 17.30 20.67 -1.60
CA PHE A 203 18.54 20.38 -2.28
C PHE A 203 19.04 21.60 -3.02
N TYR A 204 20.22 21.46 -3.58
CA TYR A 204 20.88 22.58 -4.23
C TYR A 204 20.28 22.86 -5.61
N GLU A 205 20.88 23.76 -6.41
CA GLU A 205 20.29 24.05 -7.72
C GLU A 205 20.67 22.99 -8.75
N THR A 206 21.93 22.58 -8.74
CA THR A 206 22.34 21.62 -9.76
C THR A 206 21.73 20.27 -9.48
N GLU A 207 21.43 19.99 -8.21
CA GLU A 207 20.77 18.73 -7.98
C GLU A 207 19.30 18.88 -8.28
N ALA A 208 18.83 20.13 -8.34
CA ALA A 208 17.43 20.36 -8.68
C ALA A 208 17.22 19.98 -10.12
N ARG A 209 18.20 20.32 -10.97
CA ARG A 209 18.09 19.93 -12.36
C ARG A 209 18.28 18.42 -12.53
N LYS A 210 19.23 17.84 -11.80
CA LYS A 210 19.47 16.41 -11.88
C LYS A 210 18.40 15.57 -11.18
N VAL A 211 17.45 16.18 -10.49
CA VAL A 211 16.29 15.43 -10.02
C VAL A 211 15.05 15.73 -10.86
N PHE A 212 14.98 16.88 -11.51
CA PHE A 212 13.75 17.10 -12.26
C PHE A 212 13.79 16.41 -13.61
N CYS A 213 14.97 16.30 -14.23
CA CYS A 213 14.96 15.43 -15.41
C CYS A 213 14.77 13.94 -15.10
N GLU A 214 14.97 13.51 -13.87
CA GLU A 214 14.71 12.12 -13.54
C GLU A 214 13.33 11.95 -12.96
N VAL A 215 12.69 13.04 -12.55
CA VAL A 215 11.30 12.92 -12.21
C VAL A 215 10.51 12.99 -13.49
N TYR A 216 11.11 13.55 -14.57
CA TYR A 216 10.44 13.43 -15.84
C TYR A 216 10.62 12.01 -16.32
N LYS A 217 11.79 11.43 -16.01
CA LYS A 217 12.02 10.08 -16.51
C LYS A 217 11.36 9.03 -15.64
N GLU A 218 10.53 9.43 -14.68
CA GLU A 218 9.80 8.44 -13.91
C GLU A 218 8.33 8.79 -13.79
N ARG A 219 7.87 9.84 -14.50
CA ARG A 219 6.47 10.26 -14.61
C ARG A 219 5.80 10.51 -13.26
N LEU A 220 6.55 11.11 -12.33
CA LEU A 220 6.05 11.45 -11.00
C LEU A 220 5.59 12.91 -10.98
N PHE A 221 4.64 13.23 -11.85
CA PHE A 221 4.11 14.59 -11.91
C PHE A 221 2.76 14.56 -12.60
N GLY A 222 2.20 15.76 -12.75
CA GLY A 222 0.94 15.88 -13.47
C GLY A 222 -0.18 16.50 -12.66
N LYS A 223 -1.19 15.72 -12.34
CA LYS A 223 -2.43 16.25 -11.77
C LYS A 223 -2.57 16.04 -10.27
N LYS A 224 -1.93 15.04 -9.69
CA LYS A 224 -2.16 14.65 -8.31
C LYS A 224 -0.84 14.65 -7.55
N TYR A 225 0.02 15.61 -7.85
CA TYR A 225 1.31 15.72 -7.19
C TYR A 225 1.59 17.20 -6.92
N VAL A 226 2.03 17.49 -5.70
CA VAL A 226 2.36 18.85 -5.26
C VAL A 226 3.82 18.88 -4.85
N TRP A 227 4.54 19.90 -5.30
CA TRP A 227 5.97 20.04 -5.03
C TRP A 227 6.24 21.33 -4.25
N PHE A 228 6.99 21.20 -3.16
CA PHE A 228 7.43 22.36 -2.41
C PHE A 228 8.93 22.60 -2.54
N LEU A 229 9.31 23.83 -2.88
CA LEU A 229 10.73 24.12 -3.09
C LEU A 229 11.20 25.35 -2.33
N ILE A 230 12.43 25.81 -2.62
CA ILE A 230 13.01 26.98 -1.97
C ILE A 230 12.92 28.17 -2.94
N GLY A 231 13.17 29.37 -2.44
CA GLY A 231 12.86 30.54 -3.22
C GLY A 231 13.98 31.41 -3.74
N TRP A 232 15.18 31.26 -3.20
CA TRP A 232 16.26 32.14 -3.60
C TRP A 232 17.02 31.66 -4.82
N TYR A 233 16.45 30.78 -5.62
CA TYR A 233 17.06 30.40 -6.88
C TYR A 233 16.98 31.56 -7.87
N ALA A 234 17.65 31.38 -9.01
CA ALA A 234 17.55 32.34 -10.10
C ALA A 234 16.17 32.25 -10.77
N ASP A 235 15.88 33.25 -11.60
CA ASP A 235 14.57 33.33 -12.22
C ASP A 235 14.44 32.33 -13.36
N ASN A 236 15.55 31.94 -13.96
CA ASN A 236 15.57 31.04 -15.10
C ASN A 236 16.61 29.95 -14.93
N TRP A 237 16.55 29.29 -13.76
CA TRP A 237 17.58 28.35 -13.33
C TRP A 237 17.51 27.04 -14.10
N PHE A 238 16.57 26.92 -15.02
CA PHE A 238 16.43 25.78 -15.90
C PHE A 238 16.68 26.11 -17.36
N LYS A 239 16.76 27.39 -17.73
CA LYS A 239 16.99 27.80 -19.11
C LYS A 239 18.46 27.95 -19.47
N ILE A 240 19.36 27.31 -18.75
CA ILE A 240 20.77 27.42 -19.09
C ILE A 240 21.23 26.08 -19.64
N TYR A 241 22.32 26.08 -20.37
CA TYR A 241 22.84 24.88 -21.02
C TYR A 241 23.78 24.17 -20.05
N ASP A 242 23.50 22.91 -19.77
CA ASP A 242 24.36 22.16 -18.89
C ASP A 242 24.75 20.83 -19.52
N PRO A 243 26.04 20.62 -19.77
CA PRO A 243 26.49 19.39 -20.45
C PRO A 243 26.49 18.16 -19.57
N SER A 244 26.22 18.30 -18.26
CA SER A 244 26.28 17.20 -17.32
C SER A 244 24.94 16.48 -17.18
N ILE A 245 23.98 16.77 -18.06
CA ILE A 245 22.69 16.11 -18.04
C ILE A 245 22.32 15.68 -19.45
N ASN A 246 21.28 14.83 -19.53
CA ASN A 246 20.81 14.27 -20.78
C ASN A 246 19.43 14.78 -21.16
N CYS A 247 18.74 15.41 -20.22
CA CYS A 247 17.41 15.93 -20.44
C CYS A 247 17.40 17.19 -21.31
N THR A 248 16.23 17.47 -21.89
CA THR A 248 15.95 18.66 -22.68
C THR A 248 15.03 19.67 -21.98
N VAL A 249 14.95 20.85 -22.60
CA VAL A 249 14.30 22.01 -22.02
C VAL A 249 12.78 21.90 -21.92
N ASP A 250 12.12 21.26 -22.88
CA ASP A 250 10.67 21.06 -22.84
C ASP A 250 10.26 19.93 -21.90
N GLU A 251 11.25 19.14 -21.49
CA GLU A 251 11.03 18.10 -20.50
C GLU A 251 11.25 18.61 -19.10
N MET A 252 11.56 19.88 -18.98
CA MET A 252 11.58 20.59 -17.71
C MET A 252 10.49 21.63 -17.70
N THR A 253 10.19 22.20 -18.87
CA THR A 253 9.08 23.13 -18.98
C THR A 253 7.76 22.46 -18.65
N GLU A 254 7.61 21.18 -19.04
CA GLU A 254 6.45 20.43 -18.59
C GLU A 254 6.61 19.84 -17.20
N ALA A 255 7.81 19.84 -16.64
CA ALA A 255 8.05 19.28 -15.32
C ALA A 255 7.90 20.24 -14.16
N VAL A 256 8.20 21.52 -14.33
CA VAL A 256 8.16 22.39 -13.15
C VAL A 256 6.86 23.20 -13.07
N GLU A 257 5.87 22.86 -13.86
CA GLU A 257 4.65 23.65 -13.82
C GLU A 257 3.82 23.28 -12.60
N GLY A 258 3.56 24.27 -11.76
CA GLY A 258 2.70 24.06 -10.62
C GLY A 258 3.44 23.58 -9.39
N HIS A 259 4.42 24.33 -8.93
CA HIS A 259 5.11 24.07 -7.68
C HIS A 259 5.01 25.31 -6.81
N ILE A 260 5.28 25.15 -5.52
CA ILE A 260 5.08 26.24 -4.57
C ILE A 260 6.43 26.65 -4.01
N THR A 261 6.74 27.95 -4.10
CA THR A 261 7.98 28.47 -3.57
C THR A 261 7.69 29.48 -2.48
N THR A 262 8.54 29.47 -1.45
CA THR A 262 8.46 30.41 -0.33
C THR A 262 9.82 31.08 -0.15
N GLU A 263 9.80 32.39 0.09
CA GLU A 263 11.02 33.14 0.34
C GLU A 263 10.74 34.10 1.48
N ILE A 264 11.77 34.81 1.93
CA ILE A 264 11.67 35.75 3.02
C ILE A 264 11.94 37.13 2.46
N VAL A 265 11.13 38.12 2.84
CA VAL A 265 11.42 39.47 2.40
C VAL A 265 12.65 39.96 3.15
N MET A 266 13.38 40.88 2.53
CA MET A 266 14.63 41.35 3.11
C MET A 266 14.83 42.86 3.00
N LEU A 267 13.80 43.63 2.74
CA LEU A 267 13.95 45.07 2.56
C LEU A 267 12.80 45.82 3.21
N ASN A 268 13.14 46.91 3.90
CA ASN A 268 12.14 47.74 4.54
C ASN A 268 11.26 48.44 3.51
N PRO A 269 9.98 48.11 3.46
CA PRO A 269 9.10 48.69 2.43
C PRO A 269 8.69 50.11 2.77
N ALA A 270 9.05 50.58 3.95
CA ALA A 270 8.62 51.90 4.39
C ALA A 270 9.49 52.99 3.76
N ASN A 271 9.31 54.20 4.27
CA ASN A 271 10.05 55.37 3.80
C ASN A 271 10.64 56.07 5.03
N THR A 272 11.84 55.64 5.45
CA THR A 272 12.48 56.21 6.61
C THR A 272 13.81 56.88 6.18
N ARG A 273 14.60 57.34 7.15
CA ARG A 273 15.94 57.88 6.95
C ARG A 273 16.93 57.01 7.70
N SER A 274 17.94 56.49 7.00
CA SER A 274 18.85 55.53 7.61
C SER A 274 19.94 56.24 8.42
N ILE A 275 20.92 55.47 8.87
CA ILE A 275 22.08 55.99 9.59
C ILE A 275 23.09 56.63 8.65
N SER A 276 22.92 56.41 7.35
CA SER A 276 23.86 56.91 6.36
C SER A 276 23.19 57.92 5.44
N ASN A 277 22.08 58.47 5.93
CA ASN A 277 21.30 59.53 5.28
C ASN A 277 20.84 59.09 3.89
N MET A 278 20.20 57.94 3.84
CA MET A 278 19.81 57.47 2.52
C MET A 278 18.60 56.56 2.59
N THR A 279 17.69 56.74 1.66
CA THR A 279 16.46 55.98 1.63
C THR A 279 16.79 54.61 1.03
N SER A 280 15.78 53.82 0.70
CA SER A 280 16.04 52.47 0.24
C SER A 280 16.05 52.28 -1.27
N GLN A 281 15.09 52.84 -2.00
CA GLN A 281 15.20 52.70 -3.44
C GLN A 281 16.29 53.55 -4.08
N GLU A 282 16.75 54.63 -3.46
CA GLU A 282 17.91 55.30 -4.05
C GLU A 282 19.14 54.42 -3.95
N PHE A 283 19.25 53.66 -2.87
CA PHE A 283 20.28 52.65 -2.67
C PHE A 283 20.16 51.59 -3.74
N VAL A 284 18.92 51.19 -4.03
CA VAL A 284 18.66 50.19 -5.06
C VAL A 284 19.10 50.71 -6.41
N GLU A 285 18.82 51.98 -6.69
CA GLU A 285 19.21 52.60 -7.95
C GLU A 285 20.72 52.67 -8.09
N LYS A 286 21.42 53.06 -7.03
CA LYS A 286 22.87 53.13 -7.11
C LYS A 286 23.48 51.76 -7.31
N LEU A 287 22.97 50.74 -6.61
CA LEU A 287 23.52 49.40 -6.77
C LEU A 287 23.25 48.84 -8.17
N THR A 288 22.06 49.05 -8.71
CA THR A 288 21.80 48.57 -10.05
C THR A 288 22.62 49.30 -11.09
N LYS A 289 22.93 50.58 -10.86
CA LYS A 289 23.84 51.26 -11.77
C LYS A 289 25.27 50.73 -11.68
N ARG A 290 25.74 50.34 -10.50
CA ARG A 290 27.14 49.92 -10.41
C ARG A 290 27.39 48.57 -11.08
N LEU A 291 26.38 47.71 -11.14
CA LEU A 291 26.55 46.40 -11.75
C LEU A 291 26.63 46.51 -13.27
N LYS A 292 26.82 45.36 -13.92
CA LYS A 292 26.93 45.32 -15.37
C LYS A 292 25.83 44.54 -16.06
N ARG A 293 25.37 43.43 -15.52
CA ARG A 293 24.29 42.68 -16.15
C ARG A 293 22.96 43.09 -15.55
N HIS A 294 21.90 42.42 -16.00
CA HIS A 294 20.57 42.74 -15.54
C HIS A 294 20.40 42.24 -14.11
N PRO A 295 19.66 42.97 -13.28
CA PRO A 295 19.48 42.52 -11.89
C PRO A 295 18.58 41.32 -11.73
N GLU A 296 17.95 40.85 -12.81
CA GLU A 296 17.05 39.72 -12.66
C GLU A 296 17.83 38.41 -12.69
N GLU A 297 18.97 38.38 -13.38
CA GLU A 297 19.72 37.13 -13.51
C GLU A 297 21.06 37.20 -12.79
N THR A 298 21.38 38.34 -12.19
CA THR A 298 22.59 38.45 -11.39
C THR A 298 22.39 37.68 -10.09
N GLY A 299 23.30 36.75 -9.79
CA GLY A 299 23.11 35.89 -8.63
C GLY A 299 23.35 36.62 -7.32
N GLY A 300 22.51 36.28 -6.34
CA GLY A 300 22.64 36.87 -5.01
C GLY A 300 22.23 38.32 -4.93
N PHE A 301 21.21 38.73 -5.70
CA PHE A 301 20.79 40.12 -5.72
C PHE A 301 19.98 40.54 -4.50
N GLN A 302 19.27 39.62 -3.87
CA GLN A 302 18.43 39.96 -2.72
C GLN A 302 19.20 40.23 -1.44
N GLU A 303 20.41 39.72 -1.30
CA GLU A 303 21.18 39.83 -0.06
C GLU A 303 22.22 40.94 -0.04
N ALA A 304 21.97 42.04 -0.73
CA ALA A 304 22.94 43.14 -0.66
C ALA A 304 22.83 44.04 0.58
N PRO A 305 21.63 44.47 1.02
CA PRO A 305 21.59 45.33 2.23
C PRO A 305 22.03 44.65 3.50
N LEU A 306 21.94 43.32 3.60
CA LEU A 306 22.49 42.66 4.79
C LEU A 306 23.99 42.87 4.88
N ALA A 307 24.71 42.72 3.78
CA ALA A 307 26.14 43.01 3.80
C ALA A 307 26.42 44.49 3.97
N TYR A 308 25.49 45.33 3.51
CA TYR A 308 25.69 46.75 3.70
C TYR A 308 25.48 47.17 5.14
N ASP A 309 24.66 46.44 5.88
CA ASP A 309 24.52 46.79 7.29
C ASP A 309 25.59 46.07 8.10
N ALA A 310 26.06 44.92 7.58
CA ALA A 310 27.07 44.12 8.25
C ALA A 310 28.40 44.86 8.30
N ILE A 311 28.59 45.81 7.38
CA ILE A 311 29.80 46.63 7.47
C ILE A 311 29.58 47.79 8.45
N TRP A 312 28.41 48.40 8.40
CA TRP A 312 28.12 49.55 9.24
C TRP A 312 28.10 49.19 10.71
N ALA A 313 27.63 47.99 11.04
CA ALA A 313 27.60 47.56 12.44
C ALA A 313 29.02 47.45 12.99
N LEU A 314 29.92 46.84 12.24
CA LEU A 314 31.30 46.76 12.68
C LEU A 314 31.95 48.13 12.69
N ALA A 315 31.55 49.03 11.79
CA ALA A 315 32.07 50.39 11.80
C ALA A 315 31.69 51.11 13.09
N LEU A 316 30.43 50.97 13.49
CA LEU A 316 29.97 51.59 14.74
C LEU A 316 30.66 50.94 15.92
N ALA A 317 30.89 49.63 15.84
CA ALA A 317 31.58 48.91 16.91
C ALA A 317 33.01 49.40 17.02
N LEU A 318 33.68 49.59 15.89
CA LEU A 318 35.05 50.07 15.91
C LEU A 318 35.12 51.52 16.36
N ASN A 319 34.04 52.28 16.21
CA ASN A 319 34.02 53.60 16.84
C ASN A 319 33.83 53.47 18.34
N LYS A 320 33.04 52.49 18.77
CA LYS A 320 32.88 52.23 20.20
C LYS A 320 34.14 51.78 20.91
N THR A 321 34.97 50.93 20.30
CA THR A 321 36.24 50.62 20.93
C THR A 321 37.21 51.80 20.82
N SER A 322 37.46 52.26 19.60
CA SER A 322 38.36 53.38 19.27
C SER A 322 39.77 53.23 19.84
N ARG A 331 44.86 51.77 19.81
CA ARG A 331 45.85 50.84 20.33
C ARG A 331 45.78 49.59 19.48
N LEU A 332 45.04 49.66 18.37
CA LEU A 332 44.89 48.51 17.49
C LEU A 332 45.94 48.48 16.39
N GLU A 333 47.21 48.53 16.79
CA GLU A 333 48.31 48.51 15.83
C GLU A 333 49.38 47.52 16.25
N ASP A 334 49.20 46.86 17.40
CA ASP A 334 50.11 45.89 17.99
C ASP A 334 49.28 44.72 18.48
N PHE A 335 48.33 44.31 17.65
CA PHE A 335 47.41 43.21 17.93
C PHE A 335 47.99 41.90 17.45
N ASN A 336 48.33 41.03 18.39
CA ASN A 336 48.91 39.73 18.09
C ASN A 336 47.78 38.70 17.95
N TYR A 337 48.15 37.42 17.88
CA TYR A 337 47.19 36.34 17.76
C TYR A 337 47.11 35.51 19.02
N ASN A 338 47.64 36.03 20.13
CA ASN A 338 47.63 35.32 21.40
C ASN A 338 47.30 36.19 22.61
N ASN A 339 46.84 37.42 22.41
CA ASN A 339 46.45 38.27 23.52
C ASN A 339 44.93 38.22 23.61
N GLN A 340 44.42 38.12 24.83
CA GLN A 340 42.98 37.99 25.00
C GLN A 340 42.26 39.31 25.23
N THR A 341 42.90 40.31 25.88
CA THR A 341 42.17 41.46 26.45
C THR A 341 41.50 42.33 25.43
N ILE A 342 41.84 42.15 24.16
CA ILE A 342 41.22 42.92 23.10
C ILE A 342 40.05 42.15 22.52
N THR A 343 40.14 40.82 22.50
CA THR A 343 39.09 40.05 21.88
C THR A 343 37.89 40.16 22.80
N ASP A 344 38.12 40.05 24.12
CA ASP A 344 37.03 40.22 25.06
C ASP A 344 36.56 41.68 25.13
N GLN A 345 37.46 42.65 24.96
CA GLN A 345 36.99 44.04 24.97
C GLN A 345 36.08 44.33 23.78
N ILE A 346 36.48 43.90 22.58
CA ILE A 346 35.64 44.06 21.40
C ILE A 346 34.37 43.23 21.52
N TYR A 347 34.44 42.05 22.14
CA TYR A 347 33.27 41.21 22.33
C TYR A 347 32.26 41.89 23.25
N ARG A 348 32.74 42.53 24.31
CA ARG A 348 31.83 43.23 25.19
C ARG A 348 31.26 44.47 24.51
N ALA A 349 32.03 45.08 23.60
CA ALA A 349 31.50 46.21 22.87
C ALA A 349 30.47 45.78 21.82
N MET A 350 30.65 44.59 21.23
CA MET A 350 29.71 44.10 20.23
C MET A 350 28.44 43.51 20.84
N ASN A 351 28.52 42.93 22.04
CA ASN A 351 27.33 42.32 22.64
C ASN A 351 26.28 43.37 22.96
N SER A 352 26.70 44.59 23.27
CA SER A 352 25.79 45.63 23.69
C SER A 352 25.50 46.62 22.57
N SER A 353 25.41 46.16 21.34
CA SER A 353 25.16 47.06 20.23
C SER A 353 23.79 46.81 19.60
N SER A 354 23.10 47.91 19.27
CA SER A 354 21.83 47.89 18.58
C SER A 354 21.60 49.28 18.01
N PHE A 355 21.20 49.34 16.75
CA PHE A 355 20.93 50.64 16.15
C PHE A 355 19.97 50.41 14.99
N GLU A 356 19.77 51.46 14.20
CA GLU A 356 18.93 51.36 13.00
C GLU A 356 19.80 51.57 11.77
N GLY A 357 19.61 50.70 10.76
CA GLY A 357 20.37 50.84 9.54
C GLY A 357 19.48 50.91 8.33
N VAL A 358 19.68 50.04 7.34
CA VAL A 358 18.84 50.05 6.17
C VAL A 358 17.75 48.98 6.22
N SER A 359 18.04 47.78 6.73
CA SER A 359 17.01 46.75 6.89
C SER A 359 16.26 46.97 8.21
N GLY A 360 15.75 48.17 8.40
CA GLY A 360 15.02 48.46 9.63
C GLY A 360 16.01 48.63 10.76
N HIS A 361 15.61 48.18 11.95
CA HIS A 361 16.51 48.25 13.09
C HIS A 361 17.40 47.03 13.06
N VAL A 362 18.68 47.26 13.24
CA VAL A 362 19.68 46.22 13.25
C VAL A 362 20.08 45.91 14.69
N VAL A 363 19.62 44.77 15.18
CA VAL A 363 19.96 44.25 16.49
C VAL A 363 20.24 42.77 16.22
N PHE A 364 21.48 42.47 15.87
CA PHE A 364 22.01 41.12 15.81
C PHE A 364 22.20 40.45 17.17
N ASP A 365 21.98 41.14 18.27
CA ASP A 365 22.08 40.46 19.55
C ASP A 365 20.71 39.97 19.99
N ALA A 366 20.41 38.71 19.67
CA ALA A 366 19.21 38.00 20.08
C ALA A 366 19.52 36.52 19.91
N SER A 367 18.48 35.69 19.96
CA SER A 367 18.61 34.29 19.55
C SER A 367 18.25 34.14 18.08
N GLY A 368 18.45 35.19 17.29
CA GLY A 368 18.01 35.32 15.92
C GLY A 368 16.59 35.86 15.86
N SER A 369 15.92 35.69 14.73
CA SER A 369 14.50 36.00 14.52
C SER A 369 14.19 37.47 14.83
N ARG A 370 14.79 38.38 14.07
CA ARG A 370 14.40 39.78 14.13
C ARG A 370 13.58 40.24 12.93
N MET A 371 13.53 39.49 11.84
CA MET A 371 12.56 39.82 10.81
C MET A 371 11.22 39.15 11.10
N ALA A 372 10.19 39.61 10.38
CA ALA A 372 8.83 39.12 10.58
C ALA A 372 8.23 38.47 9.33
N TRP A 373 8.25 39.13 8.18
CA TRP A 373 7.39 38.71 7.09
C TRP A 373 8.07 37.67 6.20
N THR A 374 7.25 37.03 5.36
CA THR A 374 7.71 36.13 4.32
C THR A 374 7.04 36.51 3.01
N LEU A 375 7.17 35.67 1.98
CA LEU A 375 6.55 35.97 0.69
C LEU A 375 6.35 34.65 -0.06
N ILE A 376 5.17 34.44 -0.63
CA ILE A 376 4.82 33.17 -1.27
C ILE A 376 4.53 33.35 -2.76
N GLU A 377 5.07 32.45 -3.61
CA GLU A 377 4.93 32.54 -5.07
C GLU A 377 4.68 31.18 -5.70
N GLN A 378 4.08 31.23 -6.89
CA GLN A 378 3.81 30.03 -7.67
C GLN A 378 4.18 30.30 -9.12
N LEU A 379 4.42 29.24 -9.89
CA LEU A 379 4.76 29.34 -11.32
C LEU A 379 3.59 28.97 -12.23
N GLN A 380 3.19 29.91 -13.12
CA GLN A 380 2.10 29.68 -14.09
C GLN A 380 2.55 30.11 -15.49
N GLY A 381 2.51 29.17 -16.42
CA GLY A 381 2.77 29.44 -17.82
C GLY A 381 4.12 30.01 -18.15
N GLY A 382 5.15 29.71 -17.36
CA GLY A 382 6.41 30.36 -17.60
C GLY A 382 6.48 31.76 -17.06
N SER A 383 5.73 32.05 -16.00
CA SER A 383 5.81 33.35 -15.35
C SER A 383 5.61 33.16 -13.85
N TYR A 384 6.25 34.02 -13.08
CA TYR A 384 6.20 33.97 -11.63
C TYR A 384 5.03 34.78 -11.14
N LYS A 385 4.32 34.30 -10.12
CA LYS A 385 3.21 35.07 -9.58
C LYS A 385 3.22 35.10 -8.07
N LYS A 386 2.98 36.28 -7.49
CA LYS A 386 3.00 36.48 -6.05
C LYS A 386 1.62 36.18 -5.48
N ILE A 387 1.53 35.15 -4.64
CA ILE A 387 0.25 34.77 -4.07
C ILE A 387 -0.19 35.69 -2.93
N GLY A 388 0.58 35.68 -1.83
CA GLY A 388 0.22 36.45 -0.65
C GLY A 388 1.25 36.54 0.46
N TYR A 389 1.21 37.63 1.23
CA TYR A 389 2.20 37.86 2.28
C TYR A 389 1.82 37.06 3.53
N TYR A 390 2.59 37.28 4.60
CA TYR A 390 2.36 36.63 5.88
C TYR A 390 3.10 37.35 6.99
N ASP A 391 2.52 37.30 8.19
CA ASP A 391 3.17 37.80 9.38
C ASP A 391 3.13 36.69 10.42
N SER A 392 4.16 36.61 11.24
CA SER A 392 4.29 35.48 12.17
C SER A 392 3.61 35.73 13.50
N THR A 393 3.68 36.96 14.00
CA THR A 393 3.22 37.29 15.33
C THR A 393 1.70 37.42 15.38
N LYS A 394 1.16 38.38 14.64
CA LYS A 394 -0.25 38.67 14.70
C LYS A 394 -1.11 37.78 13.82
N ASP A 395 -0.51 36.73 13.22
CA ASP A 395 -1.23 35.76 12.38
C ASP A 395 -1.94 36.42 11.21
N ASP A 396 -1.31 37.43 10.62
CA ASP A 396 -1.86 38.11 9.47
C ASP A 396 -1.64 37.29 8.20
N LEU A 397 -2.65 37.29 7.33
CA LEU A 397 -2.59 36.51 6.11
C LEU A 397 -3.33 37.26 5.01
N SER A 398 -2.57 38.02 4.22
CA SER A 398 -3.16 38.87 3.21
C SER A 398 -3.32 38.08 1.92
N TRP A 399 -4.40 37.30 1.84
CA TRP A 399 -4.68 36.48 0.67
C TRP A 399 -5.08 37.34 -0.51
N SER A 400 -4.94 36.81 -1.73
CA SER A 400 -5.26 37.58 -2.92
C SER A 400 -6.09 36.84 -3.95
N LYS A 401 -6.37 35.54 -3.75
CA LYS A 401 -7.26 34.70 -4.57
C LYS A 401 -6.85 34.68 -6.04
N THR A 402 -5.66 34.15 -6.30
CA THR A 402 -5.19 34.03 -7.67
C THR A 402 -4.59 32.65 -7.96
N ASP A 403 -4.57 31.73 -7.00
CA ASP A 403 -4.02 30.40 -7.21
C ASP A 403 -4.84 29.59 -8.22
N LYS A 404 -4.15 29.08 -9.23
CA LYS A 404 -4.79 28.36 -10.32
C LYS A 404 -4.35 26.91 -10.25
N TRP A 405 -5.22 26.04 -9.77
CA TRP A 405 -4.99 24.61 -9.76
C TRP A 405 -5.48 24.02 -11.07
N ILE A 406 -5.49 22.69 -11.16
CA ILE A 406 -6.07 22.01 -12.32
C ILE A 406 -7.51 21.72 -11.93
N GLY A 407 -8.45 22.26 -12.69
CA GLY A 407 -9.84 22.08 -12.36
C GLY A 407 -10.32 23.00 -11.27
N GLY A 408 -9.58 24.07 -10.98
CA GLY A 408 -9.99 25.05 -10.00
C GLY A 408 -10.02 24.56 -8.56
N SER A 409 -9.32 23.47 -8.24
CA SER A 409 -9.35 22.91 -6.91
C SER A 409 -8.09 22.13 -6.68
N PRO A 410 -7.50 22.22 -5.49
CA PRO A 410 -6.28 21.48 -5.22
C PRO A 410 -6.57 20.00 -5.05
N PRO A 411 -5.57 19.16 -5.29
CA PRO A 411 -5.73 17.71 -5.10
C PRO A 411 -5.74 17.34 -3.62
N ALA A 412 -5.76 16.03 -3.39
CA ALA A 412 -5.76 15.48 -2.04
C ALA A 412 -5.08 14.11 -2.13
N ASP A 413 -5.11 13.31 -1.07
CA ASP A 413 -4.45 12.03 -1.22
C ASP A 413 -5.31 10.99 -1.90
N GLN A 414 -6.29 10.45 -1.19
CA GLN A 414 -7.22 9.45 -1.70
C GLN A 414 -8.25 9.18 -0.62
N THR A 415 -9.50 8.96 -1.02
CA THR A 415 -10.54 8.78 -0.04
C THR A 415 -11.44 7.62 -0.46
N LEU A 416 -12.53 7.46 0.27
CA LEU A 416 -13.43 6.32 0.12
C LEU A 416 -14.79 6.72 0.68
N VAL A 417 -15.81 6.51 -0.14
CA VAL A 417 -17.17 6.87 0.19
C VAL A 417 -17.94 5.59 0.50
N ILE A 418 -19.01 5.74 1.29
CA ILE A 418 -19.82 4.64 1.76
C ILE A 418 -21.18 4.82 1.10
N LYS A 419 -21.69 3.78 0.45
CA LYS A 419 -22.93 3.89 -0.33
C LYS A 419 -23.88 2.72 -0.04
N THR A 420 -25.08 3.06 0.42
CA THR A 420 -26.11 2.04 0.56
C THR A 420 -26.77 1.80 -0.79
N PHE A 421 -27.27 0.59 -0.97
CA PHE A 421 -27.96 0.23 -2.20
C PHE A 421 -29.42 0.66 -2.12
N ARG A 422 -30.04 0.83 -3.28
CA ARG A 422 -31.47 1.04 -3.43
C ARG A 422 -31.96 0.21 -4.61
N PHE A 423 -33.17 0.51 -5.10
CA PHE A 423 -33.67 -0.17 -6.29
C PHE A 423 -34.57 0.71 -7.15
N LEU A 424 -35.33 0.09 -8.05
CA LEU A 424 -36.20 0.82 -8.96
C LEU A 424 -37.43 1.40 -8.27
N SER A 425 -37.27 2.58 -7.69
CA SER A 425 -38.30 3.21 -6.86
C SER A 425 -39.50 3.71 -7.67
N GLN A 426 -39.44 3.67 -9.00
CA GLN A 426 -40.59 4.07 -9.81
C GLN A 426 -41.19 2.92 -10.61
N LYS A 427 -40.38 2.24 -11.42
CA LYS A 427 -40.95 1.34 -12.43
C LYS A 427 -41.51 0.08 -11.79
N LEU A 428 -40.76 -0.53 -10.88
CA LEU A 428 -41.22 -1.74 -10.22
C LEU A 428 -42.16 -1.44 -9.06
N PHE A 429 -42.16 -0.21 -8.55
CA PHE A 429 -42.96 0.07 -7.36
C PHE A 429 -44.32 0.67 -7.69
N ILE A 430 -44.38 1.62 -8.63
CA ILE A 430 -45.66 2.25 -8.94
C ILE A 430 -46.58 1.28 -9.67
N SER A 431 -46.00 0.37 -10.46
CA SER A 431 -46.80 -0.66 -11.12
C SER A 431 -47.43 -1.62 -10.12
N VAL A 432 -46.66 -2.05 -9.12
CA VAL A 432 -47.18 -2.91 -8.08
C VAL A 432 -48.23 -2.17 -7.26
N SER A 433 -48.01 -0.89 -7.02
CA SER A 433 -48.98 -0.10 -6.25
C SER A 433 -50.31 0.04 -6.97
N VAL A 434 -50.29 0.31 -8.27
CA VAL A 434 -51.53 0.49 -9.01
C VAL A 434 -52.20 -0.88 -9.20
N LEU A 435 -51.40 -1.94 -9.33
CA LEU A 435 -51.96 -3.28 -9.45
C LEU A 435 -52.61 -3.73 -8.14
N SER A 436 -52.08 -3.27 -7.01
CA SER A 436 -52.71 -3.57 -5.73
C SER A 436 -53.97 -2.74 -5.54
N SER A 437 -53.93 -1.48 -5.99
CA SER A 437 -55.08 -0.59 -5.83
C SER A 437 -56.23 -1.01 -6.75
N LEU A 438 -55.92 -1.70 -7.85
CA LEU A 438 -56.99 -2.17 -8.73
C LEU A 438 -57.81 -3.27 -8.07
N GLY A 439 -57.23 -4.01 -7.14
CA GLY A 439 -57.90 -5.14 -6.53
C GLY A 439 -58.37 -4.90 -5.13
N ILE A 440 -57.72 -3.96 -4.42
CA ILE A 440 -58.07 -3.68 -3.04
C ILE A 440 -59.46 -3.06 -2.92
N VAL A 441 -59.92 -2.38 -3.97
CA VAL A 441 -61.26 -1.81 -3.94
C VAL A 441 -62.31 -2.82 -4.40
N LEU A 442 -61.93 -3.72 -5.32
CA LEU A 442 -62.84 -4.79 -5.72
C LEU A 442 -63.10 -5.73 -4.56
N ALA A 443 -62.09 -5.94 -3.71
CA ALA A 443 -62.26 -6.75 -2.51
C ALA A 443 -63.32 -6.16 -1.59
N VAL A 444 -63.27 -4.86 -1.35
CA VAL A 444 -64.21 -4.27 -0.39
C VAL A 444 -65.60 -4.13 -1.01
N VAL A 445 -65.69 -3.98 -2.33
CA VAL A 445 -67.04 -3.89 -2.89
C VAL A 445 -67.68 -5.28 -2.97
N CYS A 446 -66.88 -6.34 -3.16
CA CYS A 446 -67.45 -7.68 -3.07
C CYS A 446 -67.80 -8.04 -1.64
N LEU A 447 -67.04 -7.52 -0.67
CA LEU A 447 -67.41 -7.68 0.74
C LEU A 447 -68.73 -6.99 1.04
N SER A 448 -68.92 -5.78 0.50
CA SER A 448 -70.18 -5.06 0.67
C SER A 448 -71.34 -5.83 0.04
N PHE A 449 -71.10 -6.42 -1.14
CA PHE A 449 -72.12 -7.26 -1.77
C PHE A 449 -72.46 -8.45 -0.88
N ASN A 450 -71.46 -8.99 -0.19
CA ASN A 450 -71.70 -10.03 0.81
C ASN A 450 -72.50 -9.48 1.98
N ILE A 451 -72.31 -8.20 2.29
CA ILE A 451 -72.97 -7.59 3.43
C ILE A 451 -74.46 -7.40 3.16
N TYR A 452 -74.81 -6.66 2.12
CA TYR A 452 -76.18 -6.18 2.05
C TYR A 452 -77.12 -7.20 1.44
N ASN A 453 -76.58 -8.26 0.84
CA ASN A 453 -77.44 -9.23 0.18
C ASN A 453 -78.16 -10.17 1.13
N SER A 454 -79.05 -9.65 1.98
CA SER A 454 -79.78 -10.50 2.91
C SER A 454 -80.74 -11.22 1.98
N HIS A 455 -80.39 -12.45 1.62
CA HIS A 455 -81.15 -13.19 0.63
C HIS A 455 -81.21 -14.68 0.93
N VAL A 456 -82.42 -15.22 0.88
CA VAL A 456 -82.81 -16.62 1.03
C VAL A 456 -81.80 -17.61 0.45
N ARG A 457 -81.47 -17.46 -0.83
CA ARG A 457 -80.47 -18.30 -1.47
C ARG A 457 -79.05 -18.07 -0.94
N TYR A 458 -78.71 -16.84 -0.54
CA TYR A 458 -77.40 -16.65 0.08
C TYR A 458 -77.36 -17.29 1.46
N ILE A 459 -78.50 -17.33 2.13
CA ILE A 459 -78.67 -18.05 3.40
C ILE A 459 -78.57 -19.55 3.15
N GLN A 460 -79.06 -19.99 1.98
CA GLN A 460 -78.88 -21.35 1.51
C GLN A 460 -77.43 -21.66 1.22
N ASN A 461 -76.62 -20.67 0.86
CA ASN A 461 -75.20 -20.95 0.68
C ASN A 461 -74.55 -20.95 2.06
N SER A 462 -73.22 -20.94 2.14
CA SER A 462 -72.59 -20.93 3.45
C SER A 462 -72.82 -19.62 4.18
N GLN A 463 -72.57 -19.66 5.49
CA GLN A 463 -72.78 -18.49 6.33
C GLN A 463 -71.70 -17.47 5.98
N PRO A 464 -72.05 -16.20 5.75
CA PRO A 464 -71.05 -15.28 5.21
C PRO A 464 -70.05 -14.79 6.24
N ASN A 465 -70.14 -15.23 7.49
CA ASN A 465 -69.15 -14.79 8.46
C ASN A 465 -67.77 -15.36 8.15
N LEU A 466 -67.72 -16.64 7.77
CA LEU A 466 -66.48 -17.27 7.35
C LEU A 466 -65.97 -16.80 5.99
N ASN A 467 -66.81 -16.14 5.20
CA ASN A 467 -66.34 -15.46 4.00
C ASN A 467 -65.86 -14.05 4.28
N ASN A 468 -66.49 -13.36 5.22
CA ASN A 468 -65.97 -12.08 5.69
C ASN A 468 -64.62 -12.23 6.38
N LEU A 469 -64.42 -13.34 7.10
CA LEU A 469 -63.11 -13.63 7.66
C LEU A 469 -62.04 -13.76 6.58
N THR A 470 -62.32 -14.53 5.52
CA THR A 470 -61.40 -14.73 4.42
C THR A 470 -61.15 -13.44 3.68
N ALA A 471 -62.20 -12.64 3.48
CA ALA A 471 -62.10 -11.38 2.78
C ALA A 471 -61.26 -10.38 3.56
N VAL A 472 -61.48 -10.29 4.87
CA VAL A 472 -60.66 -9.40 5.71
C VAL A 472 -59.22 -9.87 5.71
N GLY A 473 -59.01 -11.19 5.69
CA GLY A 473 -57.65 -11.70 5.68
C GLY A 473 -56.95 -11.36 4.39
N CYS A 474 -57.63 -11.53 3.26
CA CYS A 474 -57.02 -11.21 1.97
C CYS A 474 -56.89 -9.71 1.77
N SER A 475 -57.79 -8.91 2.35
CA SER A 475 -57.65 -7.46 2.28
C SER A 475 -56.44 -6.97 3.07
N LEU A 476 -56.25 -7.47 4.28
CA LEU A 476 -55.11 -7.04 5.06
C LEU A 476 -53.81 -7.60 4.50
N ALA A 477 -53.89 -8.74 3.80
CA ALA A 477 -52.71 -9.24 3.11
C ALA A 477 -52.40 -8.41 1.87
N LEU A 478 -53.42 -7.99 1.13
CA LEU A 478 -53.23 -7.18 -0.05
C LEU A 478 -52.67 -5.83 0.33
N ALA A 479 -53.13 -5.28 1.45
CA ALA A 479 -52.64 -3.97 1.85
C ALA A 479 -51.31 -4.12 2.56
N ALA A 480 -50.34 -4.80 1.93
CA ALA A 480 -49.03 -4.95 2.56
C ALA A 480 -47.89 -4.77 1.56
N VAL A 481 -48.13 -4.18 0.39
CA VAL A 481 -47.03 -3.98 -0.53
C VAL A 481 -46.36 -2.65 -0.23
N PHE A 482 -47.11 -1.70 0.31
CA PHE A 482 -46.54 -0.38 0.62
C PHE A 482 -45.51 -0.44 1.74
N PRO A 483 -45.71 -1.20 2.85
CA PRO A 483 -44.58 -1.35 3.78
C PRO A 483 -43.46 -2.22 3.24
N LEU A 484 -43.70 -2.91 2.11
CA LEU A 484 -42.70 -3.83 1.61
C LEU A 484 -41.80 -3.17 0.58
N GLY A 485 -42.32 -2.19 -0.14
CA GLY A 485 -41.60 -1.52 -1.19
C GLY A 485 -40.80 -0.34 -0.71
N LEU A 486 -41.15 0.18 0.47
CA LEU A 486 -40.45 1.33 1.01
C LEU A 486 -39.08 0.93 1.54
N ASP A 487 -38.12 1.85 1.45
CA ASP A 487 -36.74 1.60 1.84
C ASP A 487 -36.13 2.92 2.32
N GLY A 488 -34.81 2.97 2.36
CA GLY A 488 -34.06 4.17 2.70
C GLY A 488 -34.16 5.36 1.76
N TYR A 489 -34.84 5.20 0.63
CA TYR A 489 -35.11 6.32 -0.26
C TYR A 489 -35.97 7.41 0.38
N HIS A 490 -36.97 7.04 1.17
CA HIS A 490 -37.88 8.07 1.67
C HIS A 490 -37.95 8.22 3.19
N ILE A 491 -38.18 7.10 3.86
CA ILE A 491 -38.62 7.03 5.25
C ILE A 491 -37.62 6.33 6.13
N GLY A 492 -36.77 5.49 5.56
CA GLY A 492 -35.90 4.54 6.23
C GLY A 492 -34.78 5.19 6.99
N ARG A 493 -35.14 6.06 7.94
CA ARG A 493 -34.13 6.67 8.79
C ARG A 493 -34.26 6.23 10.25
N ASN A 494 -35.43 6.40 10.88
CA ASN A 494 -35.62 6.07 12.30
C ASN A 494 -36.71 5.03 12.55
N GLN A 495 -37.89 5.18 11.95
CA GLN A 495 -38.95 4.22 12.17
C GLN A 495 -38.92 3.07 11.18
N PHE A 496 -37.77 2.78 10.59
CA PHE A 496 -37.54 1.58 9.81
C PHE A 496 -37.88 0.28 10.56
N PRO A 497 -37.51 0.12 11.89
CA PRO A 497 -37.95 -1.10 12.59
C PRO A 497 -39.45 -1.17 12.69
N PHE A 498 -40.12 -0.03 12.79
CA PHE A 498 -41.58 -0.03 12.78
C PHE A 498 -42.17 -0.30 11.40
N VAL A 499 -41.47 0.05 10.32
CA VAL A 499 -41.96 -0.34 9.00
C VAL A 499 -41.88 -1.85 8.80
N CYS A 500 -40.76 -2.46 9.17
CA CYS A 500 -40.68 -3.93 9.12
C CYS A 500 -41.66 -4.58 10.11
N GLN A 501 -41.92 -3.91 11.24
CA GLN A 501 -42.90 -4.42 12.21
C GLN A 501 -44.31 -4.41 11.61
N ALA A 502 -44.65 -3.33 10.89
CA ALA A 502 -45.92 -3.22 10.20
C ALA A 502 -46.04 -4.36 9.19
N ARG A 503 -44.94 -4.62 8.47
CA ARG A 503 -44.89 -5.73 7.52
C ARG A 503 -45.23 -7.02 8.23
N LEU A 504 -44.58 -7.29 9.37
CA LEU A 504 -44.71 -8.57 10.03
C LEU A 504 -46.11 -8.73 10.62
N TRP A 505 -46.70 -7.64 11.12
CA TRP A 505 -48.04 -7.72 11.70
C TRP A 505 -49.07 -7.99 10.61
N LEU A 506 -48.94 -7.29 9.46
CA LEU A 506 -49.84 -7.49 8.35
C LEU A 506 -49.71 -8.90 7.79
N LEU A 507 -48.47 -9.39 7.68
CA LEU A 507 -48.23 -10.73 7.17
C LEU A 507 -48.78 -11.79 8.11
N GLY A 508 -48.57 -11.62 9.42
CA GLY A 508 -49.05 -12.60 10.37
C GLY A 508 -50.57 -12.63 10.46
N LEU A 509 -51.21 -11.50 10.19
CA LEU A 509 -52.67 -11.51 10.27
C LEU A 509 -53.23 -12.07 8.97
N GLY A 510 -52.95 -11.39 7.86
CA GLY A 510 -53.69 -11.57 6.62
C GLY A 510 -53.60 -12.95 6.01
N PHE A 511 -52.55 -13.69 6.31
CA PHE A 511 -52.45 -15.08 5.85
C PHE A 511 -53.24 -16.00 6.77
N SER A 512 -53.08 -15.81 8.08
CA SER A 512 -53.62 -16.72 9.08
C SER A 512 -55.14 -16.66 9.06
N LEU A 513 -55.68 -15.44 8.90
CA LEU A 513 -57.12 -15.25 8.95
C LEU A 513 -57.82 -15.97 7.80
N GLY A 514 -57.38 -15.71 6.56
CA GLY A 514 -57.99 -16.36 5.42
C GLY A 514 -57.77 -17.85 5.39
N TYR A 515 -56.55 -18.28 5.75
CA TYR A 515 -56.25 -19.72 5.72
C TYR A 515 -57.09 -20.47 6.75
N GLY A 516 -57.29 -19.87 7.93
CA GLY A 516 -58.17 -20.45 8.92
C GLY A 516 -59.61 -20.47 8.46
N SER A 517 -60.05 -19.38 7.81
CA SER A 517 -61.43 -19.29 7.35
C SER A 517 -61.72 -20.28 6.23
N MET A 518 -60.69 -20.76 5.53
CA MET A 518 -60.89 -21.88 4.61
C MET A 518 -60.76 -23.21 5.33
N PHE A 519 -59.81 -23.29 6.25
CA PHE A 519 -59.44 -24.55 6.90
C PHE A 519 -60.57 -25.06 7.78
N THR A 520 -61.31 -24.16 8.43
CA THR A 520 -62.41 -24.61 9.27
C THR A 520 -63.56 -25.16 8.44
N LYS A 521 -63.84 -24.56 7.28
CA LYS A 521 -64.83 -25.10 6.36
C LYS A 521 -64.41 -26.48 5.87
N ILE A 522 -63.13 -26.64 5.53
CA ILE A 522 -62.66 -27.93 5.04
C ILE A 522 -62.64 -28.96 6.18
N TRP A 523 -62.41 -28.49 7.42
CA TRP A 523 -62.44 -29.35 8.59
C TRP A 523 -63.83 -29.91 8.80
N TRP A 524 -64.84 -29.04 8.72
CA TRP A 524 -66.21 -29.49 8.90
C TRP A 524 -66.63 -30.41 7.76
N VAL A 525 -66.29 -30.03 6.53
CA VAL A 525 -66.67 -30.81 5.37
C VAL A 525 -65.95 -32.15 5.31
N HIS A 526 -64.81 -32.29 6.00
CA HIS A 526 -64.24 -33.60 6.23
C HIS A 526 -65.00 -34.35 7.32
N THR A 527 -65.17 -33.73 8.49
CA THR A 527 -65.57 -34.52 9.65
C THR A 527 -67.05 -34.85 9.64
N VAL A 528 -67.82 -34.18 8.78
CA VAL A 528 -69.26 -34.37 8.71
C VAL A 528 -69.61 -35.65 7.96
N PHE A 529 -68.84 -35.98 6.92
CA PHE A 529 -69.35 -36.82 5.84
C PHE A 529 -69.47 -38.28 6.26
N THR A 530 -68.34 -38.91 6.56
CA THR A 530 -68.35 -40.36 6.77
C THR A 530 -67.82 -40.72 8.15
N LEU A 542 -75.35 -28.73 15.72
CA LEU A 542 -74.11 -28.53 16.46
C LEU A 542 -73.23 -27.49 15.78
N GLU A 543 -73.19 -27.56 14.44
CA GLU A 543 -72.38 -26.67 13.61
C GLU A 543 -72.47 -25.18 13.95
N PRO A 544 -73.64 -24.58 14.21
CA PRO A 544 -73.69 -23.16 14.58
C PRO A 544 -72.84 -22.64 15.74
N TRP A 545 -72.29 -23.47 16.63
CA TRP A 545 -71.29 -22.87 17.51
C TRP A 545 -69.96 -23.58 17.83
N LYS A 546 -69.88 -24.89 17.69
CA LYS A 546 -68.61 -25.62 17.91
C LYS A 546 -67.31 -25.28 17.15
N LEU A 547 -67.29 -25.43 15.84
CA LEU A 547 -66.10 -25.15 15.04
C LEU A 547 -65.56 -23.71 15.06
N TYR A 548 -66.43 -22.70 15.15
CA TYR A 548 -66.01 -21.30 15.16
C TYR A 548 -65.15 -20.94 16.37
N ALA A 549 -65.47 -21.51 17.53
CA ALA A 549 -64.74 -21.15 18.74
C ALA A 549 -63.36 -21.79 18.80
N THR A 550 -63.22 -23.03 18.34
CA THR A 550 -61.92 -23.69 18.32
C THR A 550 -61.03 -23.09 17.24
N VAL A 551 -61.64 -22.65 16.12
CA VAL A 551 -60.89 -21.87 15.14
C VAL A 551 -60.38 -20.55 15.72
N GLY A 552 -61.21 -19.88 16.52
CA GLY A 552 -60.81 -18.61 17.12
C GLY A 552 -59.67 -18.81 18.10
N LEU A 553 -59.74 -19.92 18.83
CA LEU A 553 -58.66 -20.31 19.75
C LEU A 553 -57.37 -20.58 19.01
N LEU A 554 -57.45 -21.31 17.90
CA LEU A 554 -56.27 -21.66 17.11
C LEU A 554 -55.61 -20.40 16.54
N VAL A 555 -56.43 -19.44 16.11
CA VAL A 555 -55.84 -18.24 15.52
C VAL A 555 -55.27 -17.35 16.62
N GLY A 556 -55.88 -17.37 17.81
CA GLY A 556 -55.31 -16.57 18.88
C GLY A 556 -53.99 -17.14 19.36
N MET A 557 -53.87 -18.47 19.33
CA MET A 557 -52.58 -19.15 19.51
C MET A 557 -51.53 -18.66 18.52
N ASP A 558 -51.91 -18.58 17.23
CA ASP A 558 -50.97 -18.12 16.20
C ASP A 558 -50.58 -16.66 16.45
N VAL A 559 -51.52 -15.85 16.93
CA VAL A 559 -51.27 -14.45 17.29
C VAL A 559 -50.27 -14.34 18.44
N LEU A 560 -50.39 -15.22 19.44
CA LEU A 560 -49.45 -15.26 20.57
C LEU A 560 -48.02 -15.58 20.17
N THR A 561 -47.83 -16.49 19.22
CA THR A 561 -46.50 -16.88 18.75
C THR A 561 -45.71 -15.73 18.14
N LEU A 562 -46.37 -14.87 17.37
CA LEU A 562 -45.66 -13.73 16.79
C LEU A 562 -45.30 -12.71 17.86
N ALA A 563 -46.23 -12.48 18.78
CA ALA A 563 -46.06 -11.43 19.79
C ALA A 563 -45.05 -11.82 20.85
N ILE A 564 -44.76 -13.12 20.97
CA ILE A 564 -43.75 -13.54 21.94
C ILE A 564 -42.36 -13.11 21.51
N TRP A 565 -41.87 -13.59 20.38
CA TRP A 565 -40.53 -13.22 19.95
C TRP A 565 -40.53 -12.00 19.02
N GLN A 566 -41.61 -11.22 19.01
CA GLN A 566 -41.59 -9.86 18.50
C GLN A 566 -41.38 -8.81 19.59
N ILE A 567 -41.60 -9.17 20.85
CA ILE A 567 -41.37 -8.22 21.94
C ILE A 567 -40.16 -8.60 22.79
N VAL A 568 -39.62 -9.81 22.61
CA VAL A 568 -38.42 -10.23 23.34
C VAL A 568 -37.16 -10.08 22.50
N ASP A 569 -37.23 -10.37 21.20
CA ASP A 569 -36.03 -10.28 20.37
C ASP A 569 -36.49 -9.81 19.01
N PRO A 570 -36.71 -8.50 18.86
CA PRO A 570 -37.20 -7.94 17.61
C PRO A 570 -36.11 -7.82 16.58
N LEU A 571 -36.51 -7.35 15.40
CA LEU A 571 -35.62 -7.16 14.27
C LEU A 571 -35.56 -5.65 14.08
N HIS A 572 -34.39 -5.07 14.35
CA HIS A 572 -34.18 -3.64 14.28
C HIS A 572 -33.58 -3.20 12.96
N ARG A 573 -32.36 -3.62 12.66
CA ARG A 573 -31.56 -3.17 11.53
C ARG A 573 -30.32 -4.04 11.49
N THR A 574 -29.82 -4.24 10.27
CA THR A 574 -28.60 -5.00 10.05
C THR A 574 -28.02 -4.55 8.73
N ILE A 575 -26.76 -4.15 8.75
CA ILE A 575 -26.06 -3.75 7.54
C ILE A 575 -25.18 -4.91 7.11
N GLU A 576 -25.16 -5.19 5.82
CA GLU A 576 -24.28 -6.17 5.24
C GLU A 576 -23.44 -5.53 4.15
N THR A 577 -22.13 -5.79 4.20
CA THR A 577 -21.19 -5.20 3.26
C THR A 577 -20.44 -6.34 2.61
N PHE A 578 -20.44 -6.38 1.29
CA PHE A 578 -19.67 -7.41 0.60
C PHE A 578 -18.73 -6.80 -0.43
N ALA A 579 -19.26 -5.92 -1.27
CA ALA A 579 -18.64 -5.48 -2.51
C ALA A 579 -17.27 -4.87 -2.28
N LYS A 580 -16.47 -4.80 -3.35
CA LYS A 580 -15.04 -4.59 -3.20
C LYS A 580 -14.66 -3.14 -3.43
N GLU A 581 -13.39 -2.90 -3.69
CA GLU A 581 -12.86 -1.57 -3.91
C GLU A 581 -12.93 -1.22 -5.40
N GLU A 582 -12.20 -0.17 -5.78
CA GLU A 582 -11.77 0.16 -7.14
C GLU A 582 -12.92 0.45 -8.10
N PRO A 583 -13.58 1.60 -7.96
CA PRO A 583 -14.70 1.93 -8.86
C PRO A 583 -14.25 2.10 -10.31
N LYS A 584 -12.96 2.40 -10.50
CA LYS A 584 -12.30 2.43 -11.81
C LYS A 584 -12.89 3.50 -12.72
N GLU A 585 -13.53 4.49 -12.11
CA GLU A 585 -14.00 5.68 -12.80
C GLU A 585 -12.84 6.68 -12.94
N ASP A 586 -13.18 7.89 -13.37
CA ASP A 586 -12.21 8.97 -13.51
C ASP A 586 -11.81 9.62 -12.20
N ILE A 587 -12.40 9.28 -11.06
CA ILE A 587 -11.95 9.76 -9.76
C ILE A 587 -11.35 8.61 -8.96
N ASP A 588 -10.24 8.89 -8.28
CA ASP A 588 -9.52 7.86 -7.54
C ASP A 588 -10.25 7.42 -6.27
N VAL A 589 -11.41 8.00 -5.98
CA VAL A 589 -12.18 7.68 -4.77
C VAL A 589 -12.59 6.21 -4.82
N SER A 590 -12.87 5.64 -3.65
CA SER A 590 -13.25 4.24 -3.63
C SER A 590 -14.56 4.03 -2.90
N ILE A 591 -15.52 3.41 -3.60
CA ILE A 591 -16.87 3.20 -3.10
C ILE A 591 -16.94 1.91 -2.32
N LEU A 592 -17.63 1.93 -1.19
CA LEU A 592 -17.90 0.72 -0.42
C LEU A 592 -19.40 0.57 -0.34
N PRO A 593 -19.95 -0.39 -1.07
CA PRO A 593 -21.40 -0.61 -1.07
C PRO A 593 -21.83 -1.50 0.09
N GLN A 594 -22.98 -1.16 0.66
CA GLN A 594 -23.63 -1.95 1.68
C GLN A 594 -25.14 -1.96 1.44
N LEU A 595 -25.82 -2.81 2.21
CA LEU A 595 -27.26 -2.95 2.11
C LEU A 595 -27.81 -3.26 3.50
N GLU A 596 -28.86 -2.53 3.89
CA GLU A 596 -29.44 -2.70 5.21
C GLU A 596 -30.77 -3.41 5.07
N HIS A 597 -31.07 -4.26 6.05
CA HIS A 597 -32.35 -4.96 6.12
C HIS A 597 -32.65 -5.31 7.58
N CYS A 598 -33.90 -5.64 7.86
CA CYS A 598 -34.34 -5.83 9.23
C CYS A 598 -34.12 -7.28 9.67
N SER A 599 -33.27 -7.47 10.67
CA SER A 599 -33.05 -8.82 11.17
C SER A 599 -32.53 -8.75 12.59
N SER A 600 -32.84 -9.79 13.35
CA SER A 600 -32.37 -9.99 14.71
C SER A 600 -30.98 -10.60 14.71
N ARG A 601 -30.51 -11.05 15.87
CA ARG A 601 -29.27 -11.81 15.92
C ARG A 601 -29.47 -13.21 15.39
N LYS A 602 -30.68 -13.75 15.52
CA LYS A 602 -30.99 -15.10 15.06
C LYS A 602 -32.30 -15.06 14.30
N MET A 603 -32.28 -15.49 13.06
CA MET A 603 -33.46 -15.52 12.21
C MET A 603 -33.69 -16.88 11.56
N ASN A 604 -32.63 -17.61 11.20
CA ASN A 604 -32.73 -18.85 10.45
C ASN A 604 -33.29 -20.02 11.27
N THR A 605 -33.55 -19.81 12.55
CA THR A 605 -34.25 -20.77 13.38
C THR A 605 -35.73 -20.47 13.51
N TRP A 606 -36.08 -19.24 13.90
CA TRP A 606 -37.48 -18.89 14.11
C TRP A 606 -38.29 -18.90 12.81
N LEU A 607 -37.74 -18.30 11.75
CA LEU A 607 -38.42 -18.28 10.46
C LEU A 607 -38.59 -19.70 9.93
N GLY A 608 -37.57 -20.53 10.12
CA GLY A 608 -37.63 -21.92 9.68
C GLY A 608 -38.70 -22.69 10.42
N ILE A 609 -38.75 -22.56 11.74
CA ILE A 609 -39.70 -23.35 12.52
C ILE A 609 -41.13 -22.86 12.28
N PHE A 610 -41.31 -21.55 12.07
CA PHE A 610 -42.66 -21.06 11.80
C PHE A 610 -43.13 -21.47 10.41
N TYR A 611 -42.24 -21.41 9.42
CA TYR A 611 -42.63 -21.82 8.08
C TYR A 611 -42.90 -23.32 8.02
N GLY A 612 -42.12 -24.12 8.73
CA GLY A 612 -42.41 -25.54 8.75
C GLY A 612 -43.67 -25.91 9.50
N TYR A 613 -43.91 -25.26 10.65
CA TYR A 613 -45.12 -25.51 11.43
C TYR A 613 -46.36 -25.07 10.65
N LYS A 614 -46.24 -24.02 9.85
CA LYS A 614 -47.36 -23.60 9.02
C LYS A 614 -47.51 -24.48 7.78
N GLY A 615 -46.39 -25.00 7.27
CA GLY A 615 -46.42 -25.81 6.07
C GLY A 615 -47.02 -27.16 6.36
N LEU A 616 -46.80 -27.68 7.57
CA LEU A 616 -47.44 -28.91 8.00
C LEU A 616 -48.95 -28.72 8.03
N LEU A 617 -49.40 -27.54 8.47
CA LEU A 617 -50.83 -27.26 8.49
C LEU A 617 -51.36 -27.13 7.07
N LEU A 618 -50.54 -26.60 6.17
CA LEU A 618 -50.95 -26.50 4.76
C LEU A 618 -51.08 -27.88 4.12
N LEU A 619 -50.15 -28.78 4.41
CA LEU A 619 -50.20 -30.14 3.90
C LEU A 619 -51.35 -30.91 4.51
N LEU A 620 -51.65 -30.66 5.80
CA LEU A 620 -52.83 -31.24 6.42
C LEU A 620 -54.10 -30.76 5.75
N GLY A 621 -54.14 -29.48 5.37
CA GLY A 621 -55.31 -28.95 4.68
C GLY A 621 -55.51 -29.57 3.31
N ILE A 622 -54.42 -29.78 2.58
CA ILE A 622 -54.53 -30.40 1.27
C ILE A 622 -54.84 -31.88 1.41
N PHE A 623 -54.40 -32.52 2.49
CA PHE A 623 -54.75 -33.90 2.78
C PHE A 623 -56.24 -34.03 3.06
N LEU A 624 -56.78 -33.16 3.89
CA LEU A 624 -58.20 -33.10 4.18
C LEU A 624 -59.03 -32.74 2.95
N ALA A 625 -58.45 -32.01 2.00
CA ALA A 625 -59.14 -31.66 0.77
C ALA A 625 -59.14 -32.86 -0.18
N TYR A 626 -58.10 -33.67 -0.12
CA TYR A 626 -58.00 -34.84 -0.96
C TYR A 626 -58.89 -35.96 -0.42
N GLU A 627 -58.98 -36.06 0.91
CA GLU A 627 -59.63 -37.20 1.52
C GLU A 627 -61.14 -37.27 1.31
N THR A 628 -61.78 -36.19 0.83
CA THR A 628 -63.15 -36.31 0.31
C THR A 628 -63.55 -35.08 -0.50
N LYS A 629 -63.92 -35.35 -1.75
CA LYS A 629 -64.30 -34.33 -2.72
C LYS A 629 -65.70 -34.54 -3.28
N SER A 630 -66.43 -35.55 -2.80
CA SER A 630 -67.59 -36.09 -3.50
C SER A 630 -68.90 -35.30 -3.45
N VAL A 631 -69.55 -35.17 -2.30
CA VAL A 631 -70.74 -34.32 -2.21
C VAL A 631 -70.62 -33.28 -1.11
N SER A 632 -71.72 -32.54 -0.98
CA SER A 632 -72.01 -31.40 -0.13
C SER A 632 -73.51 -31.44 0.07
N THR A 633 -73.99 -31.14 1.29
CA THR A 633 -75.44 -31.13 1.45
C THR A 633 -75.94 -30.23 2.57
N GLU A 634 -76.93 -29.40 2.21
CA GLU A 634 -77.68 -28.46 3.05
C GLU A 634 -76.92 -27.24 3.54
N LYS A 635 -75.61 -27.16 3.30
CA LYS A 635 -74.89 -25.99 3.78
C LYS A 635 -74.43 -25.09 2.64
N ILE A 636 -73.61 -25.63 1.75
CA ILE A 636 -72.97 -24.92 0.65
C ILE A 636 -72.39 -26.01 -0.23
N ASN A 637 -71.91 -25.65 -1.42
CA ASN A 637 -71.43 -26.73 -2.28
C ASN A 637 -70.20 -26.26 -3.02
N ASP A 638 -69.52 -25.28 -2.40
CA ASP A 638 -68.44 -24.52 -3.00
C ASP A 638 -67.13 -25.29 -2.94
N HIS A 639 -67.19 -26.59 -2.64
CA HIS A 639 -66.01 -27.33 -2.22
C HIS A 639 -65.02 -27.58 -3.34
N ARG A 640 -65.49 -27.79 -4.57
CA ARG A 640 -64.54 -27.92 -5.67
C ARG A 640 -63.78 -26.64 -5.92
N ALA A 641 -64.48 -25.50 -5.92
CA ALA A 641 -63.83 -24.21 -6.15
C ALA A 641 -62.88 -23.86 -5.02
N VAL A 642 -63.30 -24.06 -3.77
CA VAL A 642 -62.43 -23.70 -2.65
C VAL A 642 -61.25 -24.67 -2.55
N GLY A 643 -61.45 -25.92 -2.97
CA GLY A 643 -60.34 -26.86 -3.00
C GLY A 643 -59.30 -26.48 -4.04
N MET A 644 -59.77 -26.13 -5.25
CA MET A 644 -58.86 -25.69 -6.30
C MET A 644 -58.13 -24.41 -5.91
N ALA A 645 -58.84 -23.44 -5.33
CA ALA A 645 -58.20 -22.19 -4.93
C ALA A 645 -57.18 -22.41 -3.82
N ILE A 646 -57.51 -23.28 -2.85
CA ILE A 646 -56.58 -23.47 -1.74
C ILE A 646 -55.40 -24.31 -2.17
N TYR A 647 -55.58 -25.20 -3.13
CA TYR A 647 -54.49 -25.99 -3.71
C TYR A 647 -53.54 -25.06 -4.46
N ASN A 648 -54.11 -24.16 -5.27
CA ASN A 648 -53.32 -23.20 -6.03
C ASN A 648 -52.51 -22.30 -5.11
N VAL A 649 -53.17 -21.73 -4.09
CA VAL A 649 -52.50 -20.84 -3.16
C VAL A 649 -51.42 -21.59 -2.39
N ALA A 650 -51.70 -22.83 -2.02
CA ALA A 650 -50.79 -23.68 -1.28
C ALA A 650 -49.53 -23.95 -2.10
N VAL A 651 -49.71 -24.36 -3.36
CA VAL A 651 -48.57 -24.72 -4.19
C VAL A 651 -47.76 -23.48 -4.53
N LEU A 652 -48.45 -22.35 -4.72
CA LEU A 652 -47.74 -21.12 -5.06
C LEU A 652 -46.91 -20.63 -3.88
N CYS A 653 -47.47 -20.71 -2.67
CA CYS A 653 -46.72 -20.29 -1.49
C CYS A 653 -45.57 -21.25 -1.23
N LEU A 654 -45.82 -22.56 -1.37
CA LEU A 654 -44.79 -23.57 -1.11
C LEU A 654 -43.65 -23.46 -2.11
N ILE A 655 -43.93 -22.97 -3.32
CA ILE A 655 -42.86 -22.80 -4.28
C ILE A 655 -42.13 -21.47 -4.06
N THR A 656 -42.86 -20.41 -3.72
CA THR A 656 -42.25 -19.08 -3.70
C THR A 656 -41.48 -18.83 -2.40
N ALA A 657 -42.02 -19.26 -1.26
CA ALA A 657 -41.51 -18.92 0.06
C ALA A 657 -40.08 -19.39 0.37
N PRO A 658 -39.67 -20.65 0.08
CA PRO A 658 -38.27 -21.02 0.38
C PRO A 658 -37.25 -20.41 -0.56
N VAL A 659 -37.69 -19.65 -1.55
CA VAL A 659 -36.74 -19.02 -2.46
C VAL A 659 -36.22 -17.73 -1.89
N THR A 660 -37.09 -16.89 -1.33
CA THR A 660 -36.67 -15.59 -0.83
C THR A 660 -35.79 -15.73 0.41
N MET A 661 -35.77 -16.89 1.06
CA MET A 661 -34.84 -17.09 2.14
C MET A 661 -33.46 -17.40 1.58
N ILE A 662 -33.40 -18.01 0.41
CA ILE A 662 -32.15 -18.40 -0.21
C ILE A 662 -31.49 -17.19 -0.87
N LEU A 663 -32.26 -16.48 -1.67
CA LEU A 663 -31.73 -15.34 -2.41
C LEU A 663 -31.54 -14.16 -1.45
N SER A 664 -30.30 -13.73 -1.27
CA SER A 664 -30.02 -12.56 -0.45
C SER A 664 -29.87 -11.30 -1.30
N SER A 665 -29.56 -11.44 -2.58
CA SER A 665 -29.51 -10.29 -3.47
C SER A 665 -30.93 -9.87 -3.79
N GLN A 666 -31.49 -9.01 -2.95
CA GLN A 666 -32.91 -8.65 -3.02
C GLN A 666 -33.11 -7.38 -3.84
N GLN A 667 -32.27 -7.18 -4.85
CA GLN A 667 -32.44 -6.03 -5.72
C GLN A 667 -33.66 -6.15 -6.63
N ASP A 668 -33.83 -7.31 -7.29
CA ASP A 668 -34.97 -7.48 -8.19
C ASP A 668 -35.60 -8.86 -8.15
N ALA A 669 -35.17 -9.73 -7.23
CA ALA A 669 -35.73 -11.08 -7.21
C ALA A 669 -36.76 -11.31 -6.10
N ALA A 670 -36.35 -11.11 -4.84
CA ALA A 670 -37.16 -11.48 -3.70
C ALA A 670 -38.39 -10.59 -3.52
N PHE A 671 -38.32 -9.33 -3.97
CA PHE A 671 -39.51 -8.50 -3.93
C PHE A 671 -40.49 -8.93 -5.01
N ALA A 672 -39.98 -9.18 -6.21
CA ALA A 672 -40.83 -9.46 -7.36
C ALA A 672 -41.56 -10.80 -7.21
N PHE A 673 -40.85 -11.81 -6.69
CA PHE A 673 -41.44 -13.13 -6.51
C PHE A 673 -42.60 -13.07 -5.53
N ALA A 674 -42.37 -12.43 -4.38
CA ALA A 674 -43.39 -12.31 -3.35
C ALA A 674 -44.57 -11.48 -3.83
N SER A 675 -44.30 -10.40 -4.57
CA SER A 675 -45.38 -9.54 -5.05
C SER A 675 -46.25 -10.28 -6.05
N LEU A 676 -45.62 -11.03 -6.98
CA LEU A 676 -46.36 -11.80 -7.96
C LEU A 676 -47.20 -12.87 -7.26
N ALA A 677 -46.62 -13.51 -6.24
CA ALA A 677 -47.33 -14.55 -5.49
C ALA A 677 -48.55 -13.96 -4.79
N ILE A 678 -48.38 -12.79 -4.17
CA ILE A 678 -49.45 -12.14 -3.43
C ILE A 678 -50.56 -11.75 -4.38
N VAL A 679 -50.20 -11.14 -5.51
CA VAL A 679 -51.20 -10.65 -6.45
C VAL A 679 -51.96 -11.81 -7.08
N PHE A 680 -51.27 -12.89 -7.45
CA PHE A 680 -51.94 -14.03 -8.06
C PHE A 680 -52.86 -14.71 -7.05
N SER A 681 -52.41 -14.86 -5.81
CA SER A 681 -53.23 -15.46 -4.77
C SER A 681 -54.47 -14.63 -4.50
N SER A 682 -54.32 -13.30 -4.45
CA SER A 682 -55.45 -12.41 -4.20
C SER A 682 -56.45 -12.50 -5.34
N TYR A 683 -55.95 -12.50 -6.59
CA TYR A 683 -56.81 -12.59 -7.76
C TYR A 683 -57.60 -13.90 -7.74
N ILE A 684 -56.92 -15.01 -7.50
CA ILE A 684 -57.56 -16.33 -7.53
C ILE A 684 -58.58 -16.43 -6.42
N THR A 685 -58.24 -15.93 -5.23
CA THR A 685 -59.15 -15.94 -4.10
C THR A 685 -60.43 -15.17 -4.43
N LEU A 686 -60.26 -13.97 -5.02
CA LEU A 686 -61.39 -13.12 -5.37
C LEU A 686 -62.29 -13.81 -6.38
N VAL A 687 -61.68 -14.37 -7.44
CA VAL A 687 -62.47 -14.94 -8.52
C VAL A 687 -63.18 -16.20 -8.06
N VAL A 688 -62.53 -17.00 -7.21
CA VAL A 688 -63.14 -18.24 -6.74
C VAL A 688 -64.25 -17.90 -5.76
N LEU A 689 -64.06 -16.84 -4.98
CA LEU A 689 -65.04 -16.43 -3.98
C LEU A 689 -66.26 -15.78 -4.59
N PHE A 690 -66.12 -15.06 -5.70
CA PHE A 690 -67.23 -14.27 -6.20
C PHE A 690 -67.49 -14.62 -7.67
N VAL A 691 -67.19 -15.86 -8.05
CA VAL A 691 -67.79 -16.48 -9.23
C VAL A 691 -69.20 -17.02 -9.02
N PRO A 692 -69.57 -17.69 -7.91
CA PRO A 692 -70.89 -18.32 -7.89
C PRO A 692 -72.03 -17.33 -7.71
N LYS A 693 -71.73 -16.14 -7.20
CA LYS A 693 -72.71 -15.07 -7.13
C LYS A 693 -73.15 -14.63 -8.52
N MET A 694 -72.18 -14.42 -9.43
CA MET A 694 -72.50 -14.11 -10.81
C MET A 694 -73.17 -15.29 -11.49
N ARG A 695 -72.79 -16.51 -11.08
CA ARG A 695 -73.43 -17.70 -11.65
C ARG A 695 -74.92 -17.74 -11.31
N ARG A 696 -75.25 -17.62 -10.02
CA ARG A 696 -76.64 -17.65 -9.59
C ARG A 696 -77.39 -16.36 -9.93
N LEU A 697 -76.68 -15.29 -10.27
CA LEU A 697 -77.35 -14.08 -10.74
C LEU A 697 -76.62 -13.44 -11.92
N SER B 13 73.18 8.63 3.25
CA SER B 13 71.82 8.10 3.24
C SER B 13 70.82 9.17 3.66
N PRO B 14 70.37 9.98 2.71
CA PRO B 14 69.37 11.00 3.01
C PRO B 14 68.03 10.37 3.30
N PRO B 15 67.31 10.88 4.31
CA PRO B 15 66.05 10.26 4.71
C PRO B 15 64.87 10.85 3.97
N LEU B 16 63.74 10.15 4.05
CA LEU B 16 62.46 10.63 3.57
C LEU B 16 61.41 10.27 4.62
N SER B 17 60.58 11.24 4.98
CA SER B 17 59.72 11.15 6.15
C SER B 17 58.26 11.23 5.75
N ILE B 18 57.42 10.53 6.51
CA ILE B 18 55.99 10.49 6.25
C ILE B 18 55.25 10.91 7.51
N MET B 19 54.14 11.63 7.33
CA MET B 19 53.39 12.18 8.45
C MET B 19 52.36 11.19 8.97
N GLY B 20 52.09 11.30 10.28
CA GLY B 20 51.09 10.49 10.93
C GLY B 20 50.38 11.25 12.03
N LEU B 21 49.06 11.09 12.08
CA LEU B 21 48.20 11.80 13.02
C LEU B 21 47.30 10.78 13.70
N MET B 22 47.33 10.76 15.02
CA MET B 22 46.54 9.82 15.81
C MET B 22 46.46 10.34 17.24
N PRO B 23 45.41 9.95 17.97
CA PRO B 23 45.33 10.35 19.38
C PRO B 23 46.42 9.63 20.16
N LEU B 24 46.97 10.32 21.14
CA LEU B 24 48.08 9.79 21.90
C LEU B 24 47.88 9.72 23.41
N THR B 25 47.19 10.70 23.99
CA THR B 25 47.12 10.78 25.45
C THR B 25 46.15 9.75 26.01
N LYS B 26 46.02 9.76 27.34
CA LYS B 26 45.15 8.84 28.07
C LYS B 26 43.92 9.55 28.62
N GLU B 27 43.88 10.88 28.54
CA GLU B 27 42.73 11.63 29.05
C GLU B 27 41.52 11.58 28.15
N VAL B 28 41.62 10.92 27.00
CA VAL B 28 40.51 10.84 26.05
C VAL B 28 39.93 9.44 26.09
N ALA B 29 38.78 9.27 25.43
CA ALA B 29 38.11 7.98 25.45
C ALA B 29 38.64 7.05 24.36
N LYS B 30 39.29 7.58 23.34
CA LYS B 30 39.76 6.76 22.22
C LYS B 30 41.27 6.91 22.00
N GLY B 31 42.05 6.98 23.09
CA GLY B 31 43.49 7.06 22.97
C GLY B 31 44.22 5.74 22.89
N SER B 32 43.75 4.75 23.65
CA SER B 32 44.40 3.45 23.71
C SER B 32 44.46 2.76 22.36
N ILE B 33 43.45 3.01 21.51
CA ILE B 33 43.46 2.51 20.14
C ILE B 33 44.73 2.94 19.42
N GLY B 34 45.08 4.21 19.53
CA GLY B 34 46.35 4.71 19.02
C GLY B 34 47.49 4.01 19.72
N ARG B 35 47.38 3.92 21.05
CA ARG B 35 48.35 3.22 21.88
C ARG B 35 48.29 1.71 21.64
N GLY B 36 47.31 1.26 20.89
CA GLY B 36 47.18 -0.11 20.44
C GLY B 36 47.92 -0.41 19.16
N VAL B 37 48.23 0.62 18.35
CA VAL B 37 48.82 0.36 17.05
C VAL B 37 50.26 0.86 16.97
N LEU B 38 50.70 1.56 17.99
CA LEU B 38 52.07 2.08 18.00
C LEU B 38 53.14 0.99 18.09
N PRO B 39 52.98 -0.11 18.85
CA PRO B 39 54.01 -1.16 18.78
C PRO B 39 54.09 -1.87 17.44
N ALA B 40 52.95 -2.08 16.75
CA ALA B 40 52.95 -2.86 15.53
C ALA B 40 53.81 -2.24 14.45
N VAL B 41 53.62 -0.95 14.16
CA VAL B 41 54.50 -0.24 13.26
C VAL B 41 55.93 -0.22 13.79
N GLU B 42 56.11 -0.25 15.11
CA GLU B 42 57.43 -0.32 15.72
C GLU B 42 58.17 -1.60 15.36
N LEU B 43 57.43 -2.64 15.00
CA LEU B 43 58.11 -3.81 14.46
C LEU B 43 58.54 -3.62 13.01
N ALA B 44 57.64 -3.08 12.18
CA ALA B 44 57.87 -3.17 10.74
C ALA B 44 59.07 -2.40 10.27
N ILE B 45 59.29 -1.20 10.84
CA ILE B 45 60.46 -0.40 10.49
C ILE B 45 61.74 -1.16 10.80
N GLU B 46 61.80 -1.82 11.96
CA GLU B 46 63.00 -2.61 12.27
C GLU B 46 63.17 -3.73 11.26
N GLN B 47 62.06 -4.34 10.83
CA GLN B 47 62.14 -5.38 9.82
C GLN B 47 62.66 -4.82 8.50
N ILE B 48 62.40 -3.54 8.25
CA ILE B 48 62.97 -2.90 7.08
C ILE B 48 64.41 -2.60 7.41
N ARG B 49 64.63 -2.18 8.66
CA ARG B 49 65.95 -1.71 9.02
C ARG B 49 66.88 -2.92 9.07
N ASN B 50 66.30 -4.13 9.11
CA ASN B 50 67.14 -5.33 9.06
C ASN B 50 67.41 -5.76 7.63
N GLU B 51 66.68 -5.24 6.66
CA GLU B 51 66.89 -5.58 5.27
C GLU B 51 67.32 -4.39 4.41
N SER B 52 66.82 -3.19 4.71
CA SER B 52 67.18 -1.92 4.10
C SER B 52 66.95 -1.98 2.59
N LEU B 53 65.70 -2.12 2.19
CA LEU B 53 65.32 -2.08 0.78
C LEU B 53 65.64 -0.74 0.12
N LEU B 54 65.51 0.36 0.85
CA LEU B 54 65.96 1.68 0.39
C LEU B 54 67.43 1.89 0.71
N ARG B 55 68.31 1.32 -0.11
CA ARG B 55 69.72 1.26 0.24
C ARG B 55 70.38 2.66 0.23
N PRO B 56 70.19 3.53 -0.76
CA PRO B 56 70.80 4.86 -0.67
C PRO B 56 70.01 5.88 0.14
N TYR B 57 68.95 5.48 0.84
CA TYR B 57 68.12 6.39 1.60
C TYR B 57 67.81 5.83 2.99
N PHE B 58 66.89 6.48 3.69
CA PHE B 58 66.54 6.07 5.04
C PHE B 58 65.13 6.52 5.34
N LEU B 59 64.32 5.60 5.84
CA LEU B 59 62.92 5.88 6.12
C LEU B 59 62.76 6.61 7.45
N ASP B 60 61.86 7.58 7.47
CA ASP B 60 61.56 8.32 8.69
C ASP B 60 60.06 8.50 8.83
N LEU B 61 59.56 8.36 10.06
CA LEU B 61 58.14 8.48 10.33
C LEU B 61 57.96 9.53 11.40
N ARG B 62 57.15 10.56 11.11
CA ARG B 62 56.85 11.56 12.11
C ARG B 62 55.44 11.34 12.67
N LEU B 63 55.31 11.51 13.97
CA LEU B 63 54.04 11.26 14.64
C LEU B 63 53.62 12.56 15.30
N TYR B 64 52.33 12.87 15.21
CA TYR B 64 51.86 14.08 15.85
C TYR B 64 50.56 13.76 16.58
N ASP B 65 49.84 14.77 17.04
CA ASP B 65 48.66 14.53 17.86
C ASP B 65 47.53 15.36 17.29
N THR B 66 46.36 14.73 17.24
CA THR B 66 45.14 15.35 16.76
C THR B 66 44.03 15.43 17.78
N GLU B 67 43.87 14.36 18.56
CA GLU B 67 42.90 14.15 19.63
C GLU B 67 41.48 14.21 19.05
N CYS B 68 41.43 14.00 17.73
CA CYS B 68 40.24 14.02 16.88
C CYS B 68 39.43 15.30 17.09
N ASP B 69 40.13 16.43 17.04
CA ASP B 69 39.53 17.74 17.20
C ASP B 69 39.97 18.58 16.02
N ASN B 70 39.01 19.31 15.48
CA ASN B 70 39.24 20.16 14.32
C ASN B 70 40.17 21.33 14.58
N ALA B 71 39.99 22.07 15.68
CA ALA B 71 40.87 23.21 15.88
C ALA B 71 42.30 22.78 16.16
N LYS B 72 42.49 21.86 17.10
CA LYS B 72 43.82 21.38 17.41
C LYS B 72 44.44 20.59 16.27
N GLY B 73 43.62 19.80 15.56
CA GLY B 73 44.09 19.02 14.44
C GLY B 73 44.54 19.89 13.29
N LEU B 74 43.75 20.90 12.97
CA LEU B 74 44.13 21.82 11.89
C LEU B 74 45.34 22.64 12.29
N LYS B 75 45.45 23.02 13.56
CA LYS B 75 46.62 23.75 14.01
C LYS B 75 47.88 22.89 13.91
N ALA B 76 47.79 21.62 14.31
CA ALA B 76 48.92 20.72 14.21
C ALA B 76 49.28 20.43 12.77
N PHE B 77 48.26 20.33 11.91
CA PHE B 77 48.48 20.10 10.49
C PHE B 77 49.21 21.28 9.86
N TYR B 78 48.75 22.49 10.18
CA TYR B 78 49.37 23.68 9.64
C TYR B 78 50.79 23.85 10.18
N ASP B 79 51.01 23.54 11.45
CA ASP B 79 52.33 23.64 12.03
C ASP B 79 53.29 22.60 11.47
N ALA B 80 52.81 21.40 11.17
CA ALA B 80 53.62 20.39 10.55
C ALA B 80 53.94 20.74 9.11
N ILE B 81 53.04 21.44 8.44
CA ILE B 81 53.31 21.93 7.09
C ILE B 81 54.35 23.04 7.12
N LYS B 82 54.19 23.95 8.08
CA LYS B 82 55.01 25.16 8.11
C LYS B 82 56.42 24.86 8.59
N TYR B 83 56.55 24.06 9.64
CA TYR B 83 57.85 23.84 10.27
C TYR B 83 58.33 22.40 10.12
N GLY B 84 58.15 21.82 8.94
CA GLY B 84 58.57 20.46 8.71
C GLY B 84 59.39 20.29 7.44
N PRO B 85 60.10 19.17 7.34
CA PRO B 85 60.84 18.88 6.10
C PRO B 85 59.91 18.48 4.98
N ASN B 86 60.46 18.13 3.81
CA ASN B 86 59.62 17.74 2.69
C ASN B 86 58.96 16.40 2.99
N HIS B 87 57.64 16.40 3.06
CA HIS B 87 56.87 15.21 3.31
C HIS B 87 56.29 14.67 2.02
N LEU B 88 55.98 13.39 2.01
CA LEU B 88 55.48 12.76 0.81
C LEU B 88 54.03 12.29 0.85
N MET B 89 53.64 11.48 1.84
CA MET B 89 52.27 11.02 1.94
C MET B 89 51.79 11.19 3.38
N VAL B 90 50.48 11.08 3.61
CA VAL B 90 49.95 11.14 4.98
C VAL B 90 49.23 9.85 5.34
N PHE B 91 49.53 9.35 6.55
CA PHE B 91 49.07 8.03 6.97
C PHE B 91 48.50 8.10 8.38
N GLY B 92 47.21 7.81 8.52
CA GLY B 92 46.56 7.76 9.81
C GLY B 92 45.23 8.46 9.77
N GLY B 93 44.75 8.89 10.94
CA GLY B 93 43.45 9.53 10.98
C GLY B 93 42.34 8.57 11.40
N VAL B 94 41.82 8.69 12.62
CA VAL B 94 40.83 7.74 13.10
C VAL B 94 39.49 8.37 13.44
N CYS B 95 39.40 9.69 13.61
CA CYS B 95 38.10 10.23 14.00
C CYS B 95 37.33 10.56 12.73
N PRO B 96 36.05 10.20 12.66
CA PRO B 96 35.32 10.22 11.37
C PRO B 96 34.93 11.60 10.84
N SER B 97 35.46 12.67 11.42
CA SER B 97 35.19 14.01 10.91
C SER B 97 36.45 14.70 10.40
N VAL B 98 37.51 14.68 11.21
CA VAL B 98 38.76 15.33 10.80
C VAL B 98 39.38 14.60 9.61
N THR B 99 39.10 13.31 9.49
CA THR B 99 39.57 12.55 8.33
C THR B 99 38.94 13.06 7.06
N SER B 100 37.62 13.27 7.10
CA SER B 100 36.92 13.78 5.93
C SER B 100 37.32 15.22 5.62
N ILE B 101 37.54 16.02 6.66
CA ILE B 101 37.95 17.41 6.43
C ILE B 101 39.31 17.44 5.75
N ILE B 102 40.23 16.55 6.13
CA ILE B 102 41.53 16.49 5.47
C ILE B 102 41.41 15.95 4.05
N ALA B 103 40.66 14.88 3.84
CA ALA B 103 40.64 14.25 2.54
C ALA B 103 39.91 15.12 1.54
N GLU B 104 38.98 15.96 2.00
CA GLU B 104 38.30 16.77 1.01
C GLU B 104 39.18 17.93 0.58
N SER B 105 40.29 18.17 1.28
CA SER B 105 41.14 19.30 0.98
C SER B 105 42.57 18.80 0.95
N LEU B 106 42.75 17.66 0.31
CA LEU B 106 44.05 17.03 0.14
C LEU B 106 44.69 17.29 -1.23
N GLN B 107 43.91 17.70 -2.22
CA GLN B 107 44.35 17.94 -3.59
C GLN B 107 45.21 19.18 -3.80
N GLY B 108 45.20 20.13 -2.88
CA GLY B 108 46.00 21.32 -3.08
C GLY B 108 47.49 21.14 -2.95
N TRP B 109 47.94 20.06 -2.35
CA TRP B 109 49.38 19.87 -2.20
C TRP B 109 49.82 18.58 -2.87
N ASN B 110 48.85 17.85 -3.41
CA ASN B 110 49.05 16.57 -4.10
C ASN B 110 49.72 15.46 -3.30
N LEU B 111 49.04 15.02 -2.24
CA LEU B 111 49.44 13.93 -1.37
C LEU B 111 48.32 12.91 -1.34
N VAL B 112 48.64 11.71 -0.86
CA VAL B 112 47.69 10.62 -0.76
C VAL B 112 47.59 10.20 0.70
N GLN B 113 46.36 9.96 1.14
CA GLN B 113 46.12 9.63 2.53
C GLN B 113 45.73 8.17 2.62
N LEU B 114 46.30 7.51 3.63
CA LEU B 114 46.03 6.11 3.95
C LEU B 114 45.59 5.90 5.39
N SER B 115 44.35 5.44 5.55
CA SER B 115 43.72 5.19 6.82
C SER B 115 43.59 3.69 7.00
N PHE B 116 43.37 3.28 8.24
CA PHE B 116 43.19 1.86 8.52
C PHE B 116 42.04 1.56 9.46
N ALA B 117 41.31 2.57 9.90
CA ALA B 117 40.19 2.35 10.80
C ALA B 117 38.97 3.17 10.44
N ALA B 118 39.00 3.94 9.36
CA ALA B 118 37.87 4.74 8.94
C ALA B 118 36.97 3.90 8.05
N THR B 119 35.86 3.42 8.61
CA THR B 119 34.96 2.56 7.85
C THR B 119 33.66 3.27 7.49
N THR B 120 33.67 4.57 7.46
CA THR B 120 32.49 5.31 7.05
C THR B 120 32.34 5.26 5.53
N PRO B 121 31.11 5.14 5.03
CA PRO B 121 30.88 4.94 3.59
C PRO B 121 30.99 6.18 2.71
N VAL B 122 31.13 7.38 3.30
CA VAL B 122 31.13 8.56 2.45
C VAL B 122 32.45 8.70 1.72
N LEU B 123 33.47 7.94 2.12
CA LEU B 123 34.75 8.03 1.45
C LEU B 123 34.75 7.16 0.21
N ALA B 124 33.58 6.68 -0.24
CA ALA B 124 33.56 5.86 -1.43
C ALA B 124 33.34 6.67 -2.70
N ASP B 125 32.90 7.91 -2.58
CA ASP B 125 32.69 8.78 -3.74
C ASP B 125 34.05 9.26 -4.22
N LYS B 126 34.52 8.74 -5.34
CA LYS B 126 35.83 9.14 -5.84
C LYS B 126 35.74 10.35 -6.75
N LYS B 127 34.59 11.04 -6.73
CA LYS B 127 34.42 12.29 -7.43
C LYS B 127 34.94 13.48 -6.64
N LYS B 128 35.10 13.34 -5.33
CA LYS B 128 35.67 14.39 -4.50
C LYS B 128 36.67 13.79 -3.53
N TYR B 129 37.05 12.53 -3.75
CA TYR B 129 38.15 11.94 -2.99
C TYR B 129 39.13 11.21 -3.90
N PRO B 130 39.91 11.94 -4.70
CA PRO B 130 40.72 11.26 -5.70
C PRO B 130 41.96 10.66 -5.06
N TYR B 131 42.36 11.18 -3.90
CA TYR B 131 43.67 10.85 -3.34
C TYR B 131 43.56 10.12 -2.00
N PHE B 132 42.58 9.23 -1.88
CA PHE B 132 42.35 8.59 -0.59
C PHE B 132 42.26 7.09 -0.78
N PHE B 133 43.07 6.36 -0.03
CA PHE B 133 43.01 4.92 -0.04
C PHE B 133 42.93 4.40 1.39
N ARG B 134 42.29 3.24 1.54
CA ARG B 134 42.21 2.60 2.85
C ARG B 134 42.41 1.10 2.65
N THR B 135 42.92 0.44 3.69
CA THR B 135 43.22 -0.98 3.61
C THR B 135 42.32 -1.79 4.54
N VAL B 136 41.04 -1.44 4.57
CA VAL B 136 40.13 -2.12 5.47
C VAL B 136 38.76 -2.17 4.79
N PRO B 137 38.09 -3.31 4.80
CA PRO B 137 36.77 -3.40 4.19
C PRO B 137 35.75 -2.54 4.94
N SER B 138 35.07 -1.70 4.19
CA SER B 138 34.10 -0.77 4.73
C SER B 138 32.78 -1.51 4.87
N ASP B 139 31.70 -0.78 5.11
CA ASP B 139 30.38 -1.38 5.27
C ASP B 139 29.69 -1.70 3.96
N ASN B 140 30.35 -1.54 2.83
CA ASN B 140 29.78 -1.97 1.57
C ASN B 140 30.29 -3.33 1.12
N ALA B 141 31.24 -3.92 1.86
CA ALA B 141 31.73 -5.26 1.55
C ALA B 141 30.88 -6.35 2.21
N VAL B 142 29.73 -5.96 2.74
CA VAL B 142 28.81 -6.90 3.36
C VAL B 142 27.71 -7.31 2.41
N ASN B 143 27.31 -6.44 1.51
CA ASN B 143 26.21 -6.59 0.57
C ASN B 143 26.37 -7.70 -0.44
N PRO B 144 27.55 -7.99 -1.00
CA PRO B 144 27.65 -9.17 -1.85
C PRO B 144 27.51 -10.48 -1.09
N ALA B 145 28.21 -10.63 0.03
CA ALA B 145 28.24 -11.92 0.71
C ALA B 145 26.85 -12.39 1.10
N ILE B 146 26.08 -11.50 1.73
CA ILE B 146 24.69 -11.81 2.09
C ILE B 146 23.86 -12.28 0.91
N LEU B 147 23.96 -11.64 -0.26
CA LEU B 147 23.19 -12.10 -1.40
C LEU B 147 23.51 -13.55 -1.71
N LYS B 148 24.80 -13.91 -1.74
CA LYS B 148 25.15 -15.30 -2.05
C LYS B 148 24.63 -16.25 -0.99
N LEU B 149 24.56 -15.80 0.27
CA LEU B 149 24.00 -16.68 1.30
C LEU B 149 22.54 -16.96 1.00
N LEU B 150 21.85 -15.96 0.45
CA LEU B 150 20.46 -16.14 0.05
C LEU B 150 20.37 -17.19 -1.04
N LYS B 151 21.37 -17.22 -1.94
CA LYS B 151 21.39 -18.23 -2.98
C LYS B 151 21.78 -19.60 -2.43
N HIS B 152 22.04 -19.67 -1.13
CA HIS B 152 22.19 -20.95 -0.45
C HIS B 152 20.94 -21.36 0.29
N TYR B 153 19.94 -20.49 0.35
CA TYR B 153 18.75 -20.87 1.09
C TYR B 153 17.45 -20.48 0.42
N GLN B 154 17.51 -19.81 -0.73
CA GLN B 154 16.34 -19.48 -1.54
C GLN B 154 15.35 -18.64 -0.75
N TRP B 155 15.79 -17.45 -0.37
CA TRP B 155 14.98 -16.45 0.29
C TRP B 155 14.83 -15.26 -0.65
N LYS B 156 13.59 -14.91 -0.92
CA LYS B 156 13.31 -13.91 -1.95
C LYS B 156 12.45 -12.77 -1.44
N ARG B 157 11.49 -13.05 -0.57
CA ARG B 157 10.69 -11.99 0.05
C ARG B 157 11.40 -11.50 1.31
N VAL B 158 11.96 -10.31 1.22
CA VAL B 158 12.76 -9.78 2.31
C VAL B 158 12.29 -8.37 2.64
N GLY B 159 12.43 -7.99 3.90
CA GLY B 159 12.12 -6.62 4.29
C GLY B 159 13.22 -5.91 5.06
N THR B 160 13.40 -4.62 4.78
CA THR B 160 14.47 -3.85 5.37
C THR B 160 13.90 -2.86 6.38
N LEU B 161 14.67 -2.64 7.45
CA LEU B 161 14.28 -1.66 8.46
C LEU B 161 15.51 -0.85 8.82
N THR B 162 15.52 0.43 8.45
CA THR B 162 16.71 1.24 8.63
C THR B 162 16.41 2.49 9.45
N GLN B 163 17.47 3.00 10.07
CA GLN B 163 17.50 4.28 10.75
C GLN B 163 17.72 5.40 9.73
N ASP B 164 17.92 6.62 10.23
CA ASP B 164 18.20 7.78 9.39
C ASP B 164 19.45 8.48 9.93
N VAL B 165 20.61 7.96 9.55
CA VAL B 165 21.90 8.61 9.71
C VAL B 165 22.54 8.52 8.33
N GLN B 166 23.76 9.04 8.17
CA GLN B 166 24.43 9.00 6.89
C GLN B 166 24.84 7.58 6.51
N ARG B 167 25.52 6.88 7.41
CA ARG B 167 26.04 5.56 7.10
C ARG B 167 24.95 4.52 6.95
N PHE B 168 23.80 4.76 7.58
CA PHE B 168 22.67 3.86 7.47
C PHE B 168 21.80 4.22 6.28
N SER B 169 22.10 5.33 5.62
CA SER B 169 21.39 5.61 4.38
C SER B 169 22.24 5.25 3.19
N GLU B 170 23.57 5.34 3.35
CA GLU B 170 24.46 4.92 2.28
C GLU B 170 24.36 3.43 2.06
N VAL B 171 24.24 2.65 3.15
CA VAL B 171 24.10 1.20 2.95
C VAL B 171 22.79 0.85 2.28
N ARG B 172 21.69 1.49 2.66
CA ARG B 172 20.40 1.21 2.06
C ARG B 172 20.36 1.67 0.60
N ASN B 173 21.09 2.71 0.26
CA ASN B 173 21.19 3.14 -1.13
C ASN B 173 22.05 2.19 -1.95
N ASP B 174 23.06 1.59 -1.34
CA ASP B 174 23.92 0.66 -2.05
C ASP B 174 23.25 -0.70 -2.25
N LEU B 175 22.29 -1.05 -1.39
CA LEU B 175 21.65 -2.36 -1.50
C LEU B 175 20.89 -2.56 -2.81
N THR B 176 20.27 -1.52 -3.34
CA THR B 176 19.56 -1.67 -4.60
C THR B 176 20.51 -1.93 -5.76
N GLY B 177 21.61 -1.17 -5.84
CA GLY B 177 22.55 -1.41 -6.92
C GLY B 177 23.30 -2.72 -6.82
N VAL B 178 23.49 -3.24 -5.61
CA VAL B 178 24.12 -4.56 -5.52
C VAL B 178 23.11 -5.64 -5.88
N LEU B 179 21.89 -5.52 -5.36
CA LEU B 179 20.81 -6.48 -5.50
C LEU B 179 19.98 -6.23 -6.76
N TYR B 180 20.57 -5.66 -7.80
CA TYR B 180 19.89 -5.46 -9.06
C TYR B 180 20.32 -6.51 -10.08
N GLY B 181 19.35 -7.12 -10.74
CA GLY B 181 19.63 -8.17 -11.69
C GLY B 181 19.11 -9.52 -11.30
N GLU B 182 19.22 -9.85 -10.00
CA GLU B 182 18.71 -11.12 -9.53
C GLU B 182 17.20 -11.06 -9.32
N ASP B 183 16.62 -12.23 -9.05
CA ASP B 183 15.19 -12.37 -8.84
C ASP B 183 14.81 -12.24 -7.37
N ILE B 184 15.28 -11.19 -6.71
CA ILE B 184 14.94 -10.93 -5.33
C ILE B 184 14.36 -9.54 -5.25
N GLU B 185 13.27 -9.39 -4.51
CA GLU B 185 12.59 -8.11 -4.44
C GLU B 185 12.50 -7.68 -2.98
N ILE B 186 12.65 -6.38 -2.76
CA ILE B 186 12.52 -5.78 -1.45
C ILE B 186 11.05 -5.43 -1.25
N SER B 187 10.39 -6.09 -0.30
CA SER B 187 8.96 -5.88 -0.12
C SER B 187 8.67 -4.53 0.52
N ASP B 188 9.28 -4.24 1.67
CA ASP B 188 9.00 -3.00 2.37
C ASP B 188 10.29 -2.22 2.57
N THR B 189 10.16 -0.92 2.85
CA THR B 189 11.27 -0.02 3.14
C THR B 189 10.74 1.01 4.13
N GLU B 190 11.14 0.90 5.39
CA GLU B 190 10.71 1.84 6.41
C GLU B 190 11.90 2.57 7.03
N SER B 191 11.58 3.70 7.68
CA SER B 191 12.57 4.56 8.29
C SER B 191 11.88 5.31 9.42
N PHE B 192 12.51 5.31 10.59
CA PHE B 192 12.02 5.94 11.80
C PHE B 192 13.06 6.92 12.30
N SER B 193 12.67 7.74 13.26
CA SER B 193 13.61 8.68 13.86
C SER B 193 13.60 8.48 15.36
N ASN B 194 12.43 8.27 15.97
CA ASN B 194 12.41 7.99 17.39
C ASN B 194 11.44 6.88 17.76
N ASP B 195 10.43 6.61 16.94
CA ASP B 195 9.50 5.51 17.23
C ASP B 195 9.53 4.41 16.18
N PRO B 196 10.20 3.32 16.47
CA PRO B 196 10.43 2.29 15.46
C PRO B 196 9.21 1.42 15.18
N CYS B 197 8.44 1.15 16.23
CA CYS B 197 7.45 0.14 15.97
C CYS B 197 6.08 0.64 15.63
N THR B 198 6.04 1.76 14.95
CA THR B 198 4.85 2.05 14.17
C THR B 198 5.08 1.46 12.81
N SER B 199 6.34 1.39 12.43
CA SER B 199 6.57 0.72 11.19
C SER B 199 6.80 -0.75 11.44
N VAL B 200 7.13 -1.13 12.68
CA VAL B 200 7.14 -2.57 12.96
C VAL B 200 5.70 -3.08 12.85
N LYS B 201 4.72 -2.25 13.26
CA LYS B 201 3.33 -2.66 13.05
C LYS B 201 2.97 -2.69 11.58
N LYS B 202 3.55 -1.80 10.76
CA LYS B 202 3.29 -1.91 9.32
C LYS B 202 3.91 -3.17 8.72
N LEU B 203 5.13 -3.54 9.15
CA LEU B 203 5.70 -4.81 8.69
C LEU B 203 4.90 -6.01 9.18
N LYS B 204 4.28 -5.91 10.36
CA LYS B 204 3.42 -7.00 10.80
C LYS B 204 2.18 -7.10 9.93
N GLY B 205 1.63 -5.96 9.53
CA GLY B 205 0.47 -5.98 8.67
C GLY B 205 0.81 -6.43 7.27
N ASN B 206 2.07 -6.22 6.85
CA ASN B 206 2.52 -6.68 5.54
C ASN B 206 3.01 -8.12 5.51
N ASP B 207 3.14 -8.78 6.67
CA ASP B 207 3.46 -10.21 6.77
C ASP B 207 4.81 -10.55 6.11
N VAL B 208 5.87 -9.99 6.66
CA VAL B 208 7.24 -10.34 6.27
C VAL B 208 7.84 -11.34 7.24
N ARG B 209 8.87 -12.07 6.79
CA ARG B 209 9.47 -13.08 7.65
C ARG B 209 10.99 -13.06 7.71
N ILE B 210 11.67 -12.33 6.83
CA ILE B 210 13.12 -12.14 6.89
C ILE B 210 13.39 -10.64 6.97
N ILE B 211 14.11 -10.22 8.00
CA ILE B 211 14.31 -8.80 8.27
C ILE B 211 15.80 -8.49 8.22
N LEU B 212 16.16 -7.47 7.47
CA LEU B 212 17.53 -6.95 7.45
C LEU B 212 17.48 -5.56 8.09
N GLY B 213 18.26 -5.37 9.17
CA GLY B 213 18.20 -4.13 9.92
C GLY B 213 19.47 -3.31 9.80
N GLN B 214 19.31 -1.98 9.89
CA GLN B 214 20.42 -1.03 9.95
C GLN B 214 20.05 0.05 10.98
N PHE B 215 20.60 -0.09 12.18
CA PHE B 215 20.40 0.85 13.26
C PHE B 215 21.55 0.68 14.24
N ASP B 216 21.78 1.70 15.06
CA ASP B 216 22.92 1.66 15.96
C ASP B 216 22.63 0.77 17.16
N GLN B 217 23.51 0.85 18.14
CA GLN B 217 23.45 -0.05 19.28
C GLN B 217 22.35 0.34 20.27
N ASN B 218 22.07 1.64 20.39
CA ASN B 218 21.12 2.14 21.37
C ASN B 218 19.67 1.79 21.08
N MET B 219 19.24 1.85 19.83
CA MET B 219 17.85 1.58 19.46
C MET B 219 17.47 0.11 19.45
N ALA B 220 18.43 -0.80 19.54
CA ALA B 220 18.14 -2.22 19.46
C ALA B 220 17.32 -2.77 20.61
N ALA B 221 17.54 -2.32 21.84
CA ALA B 221 16.71 -2.81 22.95
C ALA B 221 15.26 -2.41 22.77
N LYS B 222 15.02 -1.15 22.35
CA LYS B 222 13.65 -0.70 22.16
C LYS B 222 12.97 -1.41 21.00
N VAL B 223 13.71 -1.66 19.92
CA VAL B 223 13.10 -2.34 18.79
C VAL B 223 12.76 -3.79 19.16
N PHE B 224 13.67 -4.50 19.83
CA PHE B 224 13.28 -5.87 20.14
C PHE B 224 12.27 -6.00 21.26
N CYS B 225 12.08 -4.99 22.13
CA CYS B 225 10.97 -5.22 23.04
C CYS B 225 9.61 -4.85 22.48
N CYS B 226 9.51 -3.75 21.72
CA CYS B 226 8.20 -3.49 21.17
C CYS B 226 7.93 -4.42 20.00
N ALA B 227 8.99 -4.96 19.39
CA ALA B 227 8.83 -5.94 18.33
C ALA B 227 8.51 -7.30 18.93
N TYR B 228 8.72 -7.44 20.24
CA TYR B 228 8.45 -8.66 20.97
C TYR B 228 6.98 -8.70 21.35
N GLU B 229 6.39 -7.53 21.54
CA GLU B 229 4.98 -7.48 21.89
C GLU B 229 4.14 -7.88 20.69
N GLU B 230 4.59 -7.50 19.48
CA GLU B 230 3.86 -7.82 18.25
C GLU B 230 4.10 -9.25 17.77
N ASN B 231 4.87 -10.06 18.51
CA ASN B 231 5.20 -11.45 18.17
C ASN B 231 5.86 -11.64 16.81
N MET B 232 7.07 -11.10 16.68
CA MET B 232 7.82 -11.29 15.44
C MET B 232 9.07 -12.05 15.84
N TYR B 233 8.87 -13.09 16.62
CA TYR B 233 9.95 -13.94 17.11
C TYR B 233 9.50 -15.40 17.04
N GLY B 234 10.31 -16.28 17.62
CA GLY B 234 10.00 -17.69 17.61
C GLY B 234 10.74 -18.35 16.45
N SER B 235 10.22 -19.52 16.06
CA SER B 235 10.79 -20.28 14.95
C SER B 235 10.09 -19.91 13.64
N LYS B 236 9.97 -18.60 13.40
CA LYS B 236 9.35 -18.18 12.16
C LYS B 236 10.02 -16.98 11.50
N TYR B 237 11.05 -16.41 12.12
CA TYR B 237 11.66 -15.21 11.56
C TYR B 237 13.17 -15.27 11.68
N GLN B 238 13.83 -14.36 10.97
CA GLN B 238 15.28 -14.26 11.00
C GLN B 238 15.74 -12.83 10.78
N TRP B 239 16.62 -12.36 11.67
CA TRP B 239 17.10 -11.00 11.70
C TRP B 239 18.56 -10.96 11.26
N ILE B 240 18.89 -10.02 10.38
CA ILE B 240 20.26 -9.80 9.93
C ILE B 240 20.74 -8.42 10.37
N ILE B 241 21.65 -8.41 11.34
CA ILE B 241 22.11 -7.23 12.04
C ILE B 241 23.62 -7.02 11.88
N PRO B 242 24.08 -5.78 11.74
CA PRO B 242 25.53 -5.52 11.77
C PRO B 242 26.08 -5.87 13.14
N GLY B 243 27.35 -6.27 13.16
CA GLY B 243 27.92 -6.83 14.37
C GLY B 243 29.23 -6.24 14.84
N TRP B 244 29.41 -4.92 14.73
CA TRP B 244 30.59 -4.29 15.29
C TRP B 244 30.36 -3.72 16.68
N TYR B 245 29.34 -4.18 17.37
CA TYR B 245 29.08 -3.73 18.73
C TYR B 245 30.10 -4.36 19.66
N GLU B 246 30.29 -3.75 20.83
CA GLU B 246 31.20 -4.36 21.78
C GLU B 246 30.54 -5.58 22.41
N PRO B 247 31.34 -6.54 22.89
CA PRO B 247 30.75 -7.75 23.49
C PRO B 247 29.99 -7.46 24.77
N SER B 248 28.97 -8.28 24.99
CA SER B 248 28.08 -8.22 26.16
C SER B 248 27.45 -6.83 26.28
N TRP B 249 27.04 -6.30 25.14
CA TRP B 249 26.48 -4.95 25.09
C TRP B 249 25.07 -4.86 25.64
N TRP B 250 24.40 -5.98 25.87
CA TRP B 250 23.00 -5.97 26.29
C TRP B 250 22.74 -6.12 27.78
N GLU B 251 23.67 -6.69 28.54
CA GLU B 251 23.44 -6.87 29.98
C GLU B 251 23.52 -5.55 30.72
N GLN B 252 24.04 -4.50 30.08
CA GLN B 252 24.18 -3.22 30.74
C GLN B 252 23.44 -2.09 30.04
N VAL B 253 23.22 -2.14 28.73
CA VAL B 253 22.43 -1.08 28.09
C VAL B 253 20.96 -1.25 28.44
N HIS B 254 20.57 -2.45 28.84
CA HIS B 254 19.17 -2.67 29.19
C HIS B 254 18.85 -2.13 30.57
N THR B 255 19.84 -2.09 31.46
CA THR B 255 19.61 -1.51 32.78
C THR B 255 19.38 0.00 32.78
N GLU B 256 20.32 0.78 32.20
CA GLU B 256 20.25 2.21 31.87
C GLU B 256 19.44 3.04 32.86
N ALA B 257 19.70 2.78 34.13
CA ALA B 257 19.20 3.37 35.36
C ALA B 257 17.74 3.08 35.70
N ASN B 258 16.86 2.80 34.72
CA ASN B 258 15.89 1.72 34.92
C ASN B 258 15.40 1.03 33.64
N SER B 259 15.00 1.81 32.63
CA SER B 259 14.61 1.30 31.29
C SER B 259 13.52 0.23 31.46
N SER B 260 12.52 0.57 32.27
CA SER B 260 11.46 -0.33 32.72
C SER B 260 10.48 -0.79 31.64
N ARG B 261 10.48 -0.19 30.44
CA ARG B 261 9.34 -0.46 29.57
C ARG B 261 9.39 -1.83 28.92
N CYS B 262 10.48 -2.56 29.12
CA CYS B 262 10.71 -3.94 28.67
C CYS B 262 11.68 -4.61 29.63
N LEU B 263 11.33 -5.77 30.18
CA LEU B 263 12.23 -6.41 31.13
C LEU B 263 13.22 -7.34 30.43
N ARG B 264 14.13 -7.89 31.23
CA ARG B 264 15.24 -8.76 30.82
C ARG B 264 14.84 -10.15 30.37
N LYS B 265 14.19 -10.91 31.26
CA LYS B 265 13.84 -12.29 30.95
C LYS B 265 12.78 -12.43 29.88
N ASN B 266 12.05 -11.38 29.54
CA ASN B 266 11.16 -11.42 28.40
C ASN B 266 11.78 -10.75 27.19
N LEU B 267 13.08 -10.52 27.24
CA LEU B 267 13.86 -10.09 26.08
C LEU B 267 14.95 -11.07 25.65
N LEU B 268 15.62 -11.73 26.60
CA LEU B 268 16.61 -12.72 26.22
C LEU B 268 15.99 -13.89 25.47
N ALA B 269 14.75 -14.23 25.76
CA ALA B 269 14.09 -15.23 24.93
C ALA B 269 13.47 -14.62 23.69
N ALA B 270 13.53 -13.31 23.52
CA ALA B 270 13.01 -12.68 22.31
C ALA B 270 14.10 -12.47 21.26
N MET B 271 15.28 -12.03 21.68
CA MET B 271 16.39 -11.86 20.74
C MET B 271 17.26 -13.10 20.78
N GLU B 272 16.76 -14.15 20.16
CA GLU B 272 17.41 -15.45 20.11
C GLU B 272 17.84 -15.79 18.70
N GLY B 273 19.15 -15.92 18.49
CA GLY B 273 19.64 -16.37 17.21
C GLY B 273 19.53 -15.41 16.04
N TYR B 274 19.88 -14.15 16.28
CA TYR B 274 20.00 -13.24 15.16
C TYR B 274 21.36 -13.46 14.49
N ILE B 275 21.50 -12.96 13.28
CA ILE B 275 22.71 -13.18 12.49
C ILE B 275 23.47 -11.87 12.43
N GLY B 276 24.71 -11.91 12.87
CA GLY B 276 25.55 -10.72 12.87
C GLY B 276 26.64 -10.81 11.83
N VAL B 277 26.82 -9.71 11.11
CA VAL B 277 27.77 -9.68 9.99
C VAL B 277 28.90 -8.71 10.29
N ASP B 278 30.14 -9.19 10.19
CA ASP B 278 31.28 -8.32 10.45
C ASP B 278 32.43 -8.77 9.55
N PHE B 279 33.60 -8.19 9.75
CA PHE B 279 34.82 -8.63 9.10
C PHE B 279 35.69 -9.45 10.06
N GLU B 280 36.79 -9.96 9.54
CA GLU B 280 37.68 -10.85 10.26
C GLU B 280 39.06 -10.27 10.49
N PRO B 281 39.57 -10.36 11.71
CA PRO B 281 40.85 -9.73 12.02
C PRO B 281 42.05 -10.47 11.44
N LEU B 282 42.05 -11.79 11.44
CA LEU B 282 43.23 -12.51 10.99
C LEU B 282 42.85 -13.65 10.05
N SER B 283 43.87 -14.40 9.63
CA SER B 283 43.69 -15.49 8.70
C SER B 283 43.81 -16.83 9.40
N SER B 284 42.94 -17.76 9.04
CA SER B 284 42.89 -19.06 9.68
C SER B 284 43.91 -20.03 9.11
N LYS B 285 44.16 -19.94 7.80
CA LYS B 285 45.05 -20.85 7.08
C LYS B 285 46.51 -20.47 7.29
N GLN B 286 47.39 -21.16 6.56
CA GLN B 286 48.84 -21.01 6.71
C GLN B 286 49.47 -21.28 5.35
N ILE B 287 50.14 -20.25 4.81
CA ILE B 287 51.07 -20.32 3.69
C ILE B 287 52.27 -19.47 4.09
N LYS B 288 53.25 -19.32 3.20
CA LYS B 288 54.36 -18.40 3.43
C LYS B 288 54.01 -17.02 2.89
N THR B 289 53.82 -16.06 3.79
CA THR B 289 53.37 -14.74 3.40
C THR B 289 54.55 -13.90 2.90
N ILE B 290 54.33 -12.59 2.72
CA ILE B 290 55.37 -11.73 2.17
C ILE B 290 56.51 -11.48 3.14
N SER B 291 56.29 -11.64 4.44
CA SER B 291 57.37 -11.40 5.38
C SER B 291 58.32 -12.58 5.45
N GLY B 292 57.75 -13.78 5.55
CA GLY B 292 58.53 -14.99 5.63
C GLY B 292 58.22 -15.75 6.89
N LYS B 293 57.03 -15.52 7.46
CA LYS B 293 56.61 -16.18 8.69
C LYS B 293 55.11 -16.40 8.66
N THR B 294 54.67 -17.32 9.51
CA THR B 294 53.27 -17.65 9.67
C THR B 294 52.51 -16.57 10.43
N PRO B 295 51.18 -16.50 10.26
CA PRO B 295 50.35 -15.62 11.08
C PRO B 295 50.43 -15.94 12.56
N GLN B 296 50.64 -17.22 12.86
CA GLN B 296 50.85 -17.64 14.24
C GLN B 296 52.15 -17.07 14.79
N GLN B 297 53.21 -17.00 13.97
CA GLN B 297 54.43 -16.36 14.42
C GLN B 297 54.20 -14.91 14.77
N TYR B 298 53.55 -14.16 13.87
CA TYR B 298 53.31 -12.76 14.15
C TYR B 298 52.37 -12.54 15.33
N GLU B 299 51.33 -13.38 15.50
CA GLU B 299 50.49 -13.23 16.69
C GLU B 299 51.20 -13.54 18.01
N ARG B 300 52.06 -14.56 18.07
CA ARG B 300 52.80 -14.82 19.30
C ARG B 300 53.80 -13.69 19.58
N GLU B 301 54.49 -13.23 18.53
CA GLU B 301 55.46 -12.15 18.71
C GLU B 301 54.77 -10.86 19.12
N TYR B 302 53.58 -10.58 18.61
CA TYR B 302 52.85 -9.39 19.03
C TYR B 302 52.34 -9.52 20.45
N ASN B 303 51.93 -10.71 20.81
CA ASN B 303 51.35 -10.92 22.12
C ASN B 303 52.39 -10.91 23.23
N ASN B 304 53.63 -11.27 22.92
CA ASN B 304 54.69 -11.11 23.90
C ASN B 304 55.55 -9.88 23.61
N LYS B 305 55.20 -9.11 22.59
CA LYS B 305 55.93 -7.89 22.25
C LYS B 305 55.54 -6.72 23.13
N ARG B 306 54.24 -6.46 23.27
CA ARG B 306 53.79 -5.38 24.12
C ARG B 306 54.05 -5.67 25.59
N SER B 307 54.23 -4.62 26.36
CA SER B 307 54.60 -4.75 27.76
C SER B 307 53.36 -4.76 28.64
N GLY B 308 52.60 -3.67 28.62
CA GLY B 308 51.42 -3.59 29.47
C GLY B 308 50.21 -2.99 28.81
N VAL B 309 50.35 -2.54 27.57
CA VAL B 309 49.24 -1.93 26.86
C VAL B 309 48.26 -3.01 26.43
N GLY B 310 46.97 -2.77 26.68
CA GLY B 310 45.96 -3.74 26.36
C GLY B 310 45.87 -3.96 24.87
N PRO B 311 45.38 -5.12 24.45
CA PRO B 311 45.33 -5.41 23.01
C PRO B 311 44.18 -4.69 22.31
N SER B 312 44.39 -4.48 21.02
CA SER B 312 43.36 -3.91 20.16
C SER B 312 43.03 -4.88 19.05
N LYS B 313 42.05 -4.51 18.23
CA LYS B 313 41.68 -5.36 17.10
C LYS B 313 42.00 -4.72 15.76
N PHE B 314 42.85 -3.69 15.72
CA PHE B 314 43.19 -3.11 14.43
C PHE B 314 44.69 -3.03 14.15
N HIS B 315 45.53 -3.70 14.95
CA HIS B 315 46.96 -3.61 14.75
C HIS B 315 47.43 -4.45 13.56
N GLY B 316 46.58 -5.34 13.11
CA GLY B 316 46.94 -6.17 11.97
C GLY B 316 46.60 -5.51 10.67
N TYR B 317 45.48 -4.78 10.62
CA TYR B 317 45.18 -4.19 9.32
C TYR B 317 46.05 -2.98 9.03
N ALA B 318 46.85 -2.52 9.99
CA ALA B 318 47.80 -1.46 9.73
C ALA B 318 49.24 -1.94 9.65
N TYR B 319 49.53 -3.11 10.22
CA TYR B 319 50.91 -3.61 10.14
C TYR B 319 51.23 -4.04 8.73
N ASP B 320 50.22 -4.42 7.95
CA ASP B 320 50.50 -4.81 6.58
C ASP B 320 50.45 -3.59 5.67
N GLY B 321 49.69 -2.56 6.07
CA GLY B 321 49.57 -1.34 5.29
C GLY B 321 50.88 -0.59 5.22
N ILE B 322 51.67 -0.67 6.30
CA ILE B 322 52.96 -0.01 6.26
C ILE B 322 53.89 -0.70 5.25
N TRP B 323 53.87 -2.03 5.19
CA TRP B 323 54.67 -2.77 4.22
C TRP B 323 54.17 -2.53 2.82
N VAL B 324 52.85 -2.30 2.67
CA VAL B 324 52.27 -1.92 1.40
C VAL B 324 52.83 -0.60 0.94
N ILE B 325 52.93 0.35 1.86
CA ILE B 325 53.49 1.66 1.54
C ILE B 325 54.95 1.53 1.13
N ALA B 326 55.71 0.69 1.82
CA ALA B 326 57.11 0.53 1.47
C ALA B 326 57.27 -0.09 0.08
N LYS B 327 56.46 -1.10 -0.23
CA LYS B 327 56.57 -1.69 -1.56
C LYS B 327 56.08 -0.76 -2.67
N THR B 328 55.02 0.02 -2.45
CA THR B 328 54.59 0.97 -3.47
C THR B 328 55.65 2.05 -3.72
N LEU B 329 56.27 2.57 -2.65
CA LEU B 329 57.31 3.58 -2.84
C LEU B 329 58.49 2.98 -3.58
N GLN B 330 58.81 1.72 -3.29
CA GLN B 330 59.95 1.08 -3.97
C GLN B 330 59.63 0.83 -5.44
N ARG B 331 58.35 0.59 -5.76
CA ARG B 331 57.93 0.32 -7.13
C ARG B 331 57.66 1.60 -7.91
N ALA B 332 57.53 2.71 -7.21
CA ALA B 332 57.34 4.02 -7.81
C ALA B 332 58.63 4.81 -7.93
N MET B 333 59.60 4.54 -7.06
CA MET B 333 60.87 5.26 -7.08
C MET B 333 61.72 4.89 -8.29
N GLU B 334 61.83 3.61 -8.61
CA GLU B 334 62.76 3.18 -9.65
C GLU B 334 62.20 3.25 -11.07
N THR B 335 61.99 4.50 -11.56
CA THR B 335 61.63 4.66 -12.96
C THR B 335 62.92 4.78 -13.79
N LEU B 336 62.81 5.20 -15.05
CA LEU B 336 63.98 5.24 -15.94
C LEU B 336 65.04 6.28 -15.56
N HIS B 337 64.63 7.48 -15.19
CA HIS B 337 65.61 8.49 -14.80
C HIS B 337 66.16 8.27 -13.40
N ALA B 338 67.42 8.63 -13.18
CA ALA B 338 67.99 8.47 -11.85
C ALA B 338 68.46 9.78 -11.22
N SER B 339 69.31 10.55 -11.90
CA SER B 339 69.91 11.77 -11.35
C SER B 339 68.86 12.87 -11.21
N SER B 340 68.14 13.08 -12.31
CA SER B 340 67.05 14.04 -12.33
C SER B 340 65.94 13.57 -11.42
N ARG B 341 65.76 12.25 -11.33
CA ARG B 341 64.73 11.70 -10.46
C ARG B 341 65.07 11.83 -8.97
N HIS B 342 66.36 12.01 -8.64
CA HIS B 342 66.70 12.24 -7.23
C HIS B 342 66.74 13.72 -6.95
N GLN B 343 66.76 14.48 -8.02
CA GLN B 343 66.74 15.92 -7.90
C GLN B 343 65.27 16.27 -7.79
N ARG B 344 64.43 15.45 -8.43
CA ARG B 344 63.00 15.65 -8.51
C ARG B 344 62.34 15.11 -7.24
N ILE B 345 63.06 14.27 -6.48
CA ILE B 345 62.46 13.74 -5.26
C ILE B 345 63.14 14.36 -4.07
N GLN B 346 63.87 15.46 -4.32
CA GLN B 346 64.43 16.26 -3.25
C GLN B 346 64.17 17.74 -3.51
N ASP B 347 63.55 18.08 -4.66
CA ASP B 347 63.09 19.43 -4.97
C ASP B 347 61.59 19.59 -4.72
N PHE B 348 60.99 18.72 -3.92
CA PHE B 348 59.54 18.73 -3.72
C PHE B 348 59.10 19.85 -2.80
N ASN B 349 58.69 20.93 -3.44
CA ASN B 349 58.10 22.11 -2.81
C ASN B 349 56.59 22.05 -2.79
N TYR B 350 56.03 20.82 -2.75
CA TYR B 350 54.59 20.53 -2.82
C TYR B 350 53.93 21.02 -4.11
N THR B 351 54.67 21.18 -5.20
CA THR B 351 54.08 21.61 -6.46
C THR B 351 54.16 20.59 -7.59
N ASP B 352 54.93 19.51 -7.46
CA ASP B 352 55.10 18.58 -8.57
C ASP B 352 53.85 17.72 -8.74
N HIS B 353 53.08 18.00 -9.79
CA HIS B 353 51.84 17.25 -10.02
C HIS B 353 52.17 15.90 -10.66
N THR B 354 53.19 15.86 -11.51
CA THR B 354 53.61 14.65 -12.20
C THR B 354 54.12 13.61 -11.23
N LEU B 355 54.81 14.04 -10.18
CA LEU B 355 55.29 13.12 -9.16
C LEU B 355 54.10 12.51 -8.41
N GLY B 356 53.08 13.33 -8.18
CA GLY B 356 51.85 12.83 -7.56
C GLY B 356 51.16 11.82 -8.45
N ARG B 357 51.13 12.09 -9.75
CA ARG B 357 50.51 11.15 -10.68
C ARG B 357 51.27 9.85 -10.76
N ILE B 358 52.60 9.90 -10.78
CA ILE B 358 53.37 8.66 -10.88
C ILE B 358 53.34 7.90 -9.56
N ILE B 359 53.01 8.58 -8.46
CA ILE B 359 52.83 7.88 -7.21
C ILE B 359 51.47 7.22 -7.19
N LEU B 360 50.45 7.93 -7.63
CA LEU B 360 49.11 7.37 -7.55
C LEU B 360 48.99 6.20 -8.52
N ASN B 361 49.51 6.38 -9.74
CA ASN B 361 49.39 5.34 -10.75
C ASN B 361 50.27 4.14 -10.43
N ALA B 362 51.38 4.34 -9.69
CA ALA B 362 52.11 3.15 -9.29
C ALA B 362 51.53 2.48 -8.06
N MET B 363 50.88 3.22 -7.17
CA MET B 363 50.22 2.61 -6.03
C MET B 363 48.93 1.90 -6.45
N ASN B 364 48.36 2.32 -7.58
CA ASN B 364 47.08 1.77 -8.01
C ASN B 364 47.14 0.28 -8.23
N GLU B 365 48.21 -0.21 -8.83
CA GLU B 365 48.34 -1.64 -9.07
C GLU B 365 49.24 -2.19 -7.97
N THR B 366 48.75 -3.23 -7.30
CA THR B 366 49.53 -3.97 -6.31
C THR B 366 48.89 -5.33 -6.10
N ASN B 367 49.72 -6.36 -5.99
CA ASN B 367 49.20 -7.72 -5.88
C ASN B 367 50.27 -8.57 -5.20
N PHE B 368 50.04 -8.90 -3.94
CA PHE B 368 50.90 -9.80 -3.16
C PHE B 368 50.11 -10.29 -1.95
N PHE B 369 50.59 -11.37 -1.34
CA PHE B 369 49.97 -11.99 -0.19
C PHE B 369 50.55 -11.41 1.10
N GLY B 370 49.80 -10.54 1.76
CA GLY B 370 50.25 -9.97 3.01
C GLY B 370 49.97 -10.82 4.23
N VAL B 371 49.42 -10.23 5.29
CA VAL B 371 49.07 -10.96 6.51
C VAL B 371 47.57 -11.18 6.68
N THR B 372 46.74 -10.56 5.87
CA THR B 372 45.30 -10.76 5.93
C THR B 372 44.80 -11.38 4.64
N GLY B 373 45.64 -12.15 3.96
CA GLY B 373 45.33 -12.72 2.67
C GLY B 373 45.99 -11.93 1.56
N GLN B 374 45.43 -12.05 0.37
CA GLN B 374 45.93 -11.23 -0.72
C GLN B 374 45.47 -9.78 -0.54
N VAL B 375 46.34 -8.83 -0.87
CA VAL B 375 46.02 -7.41 -0.78
C VAL B 375 45.82 -6.87 -2.20
N VAL B 376 44.58 -6.87 -2.67
CA VAL B 376 44.23 -6.44 -4.01
C VAL B 376 43.14 -5.39 -3.87
N PHE B 377 43.18 -4.40 -4.75
CA PHE B 377 42.26 -3.26 -4.71
C PHE B 377 41.27 -3.28 -5.85
N ARG B 378 40.18 -2.55 -5.64
CA ARG B 378 39.14 -2.31 -6.63
C ARG B 378 38.64 -0.91 -6.33
N ASN B 379 38.97 0.02 -7.24
CA ASN B 379 38.58 1.42 -7.18
C ASN B 379 39.02 2.04 -5.86
N GLY B 380 40.13 1.55 -5.31
CA GLY B 380 40.62 2.04 -4.04
C GLY B 380 40.32 1.13 -2.85
N GLU B 381 39.17 0.48 -2.87
CA GLU B 381 38.77 -0.36 -1.76
C GLU B 381 39.43 -1.74 -1.80
N ARG B 382 39.87 -2.20 -0.63
CA ARG B 382 40.56 -3.48 -0.52
C ARG B 382 39.59 -4.64 -0.59
N MET B 383 39.95 -5.68 -1.32
CA MET B 383 39.18 -6.92 -1.30
C MET B 383 39.62 -7.75 -0.11
N GLY B 384 38.67 -8.12 0.74
CA GLY B 384 39.00 -8.71 2.02
C GLY B 384 38.25 -9.98 2.33
N THR B 385 37.79 -10.10 3.58
CA THR B 385 37.17 -11.32 4.09
C THR B 385 36.09 -10.91 5.07
N ILE B 386 34.99 -11.66 5.07
CA ILE B 386 33.81 -11.36 5.86
C ILE B 386 33.51 -12.53 6.77
N LYS B 387 33.12 -12.23 8.01
CA LYS B 387 32.85 -13.24 9.01
C LYS B 387 31.41 -13.14 9.47
N PHE B 388 30.80 -14.30 9.68
CA PHE B 388 29.42 -14.42 10.09
C PHE B 388 29.33 -14.98 11.50
N THR B 389 28.40 -14.45 12.28
CA THR B 389 28.20 -14.91 13.65
C THR B 389 26.73 -15.13 13.95
N GLN B 390 26.47 -16.00 14.93
CA GLN B 390 25.10 -16.27 15.33
C GLN B 390 25.07 -16.29 16.86
N PHE B 391 23.91 -15.94 17.41
CA PHE B 391 23.64 -15.85 18.85
C PHE B 391 23.03 -17.08 19.55
N GLN B 392 23.84 -17.75 20.37
CA GLN B 392 23.40 -18.96 21.10
C GLN B 392 23.83 -18.89 22.56
N ASP B 393 22.88 -19.09 23.47
CA ASP B 393 23.13 -19.17 24.92
C ASP B 393 23.81 -17.93 25.50
N SER B 394 23.28 -16.76 25.15
CA SER B 394 23.83 -15.45 25.51
C SER B 394 25.31 -15.31 25.15
N ARG B 395 25.66 -15.75 23.95
CA ARG B 395 27.03 -15.64 23.48
C ARG B 395 27.00 -15.74 21.96
N GLU B 396 28.03 -15.17 21.35
CA GLU B 396 28.19 -15.12 19.91
C GLU B 396 29.23 -16.12 19.43
N VAL B 397 28.90 -16.82 18.35
CA VAL B 397 29.79 -17.83 17.79
C VAL B 397 29.96 -17.59 16.29
N LYS B 398 31.17 -17.88 15.82
CA LYS B 398 31.53 -17.76 14.41
C LYS B 398 31.03 -18.95 13.61
N VAL B 399 30.41 -18.66 12.46
CA VAL B 399 29.69 -19.68 11.71
C VAL B 399 30.15 -19.75 10.26
N GLY B 400 30.79 -18.70 9.75
CA GLY B 400 31.15 -18.74 8.34
C GLY B 400 32.29 -17.83 7.95
N GLU B 401 32.51 -17.77 6.63
CA GLU B 401 33.52 -16.94 5.99
C GLU B 401 33.12 -16.71 4.54
N TYR B 402 33.63 -15.62 3.96
CA TYR B 402 33.37 -15.27 2.58
C TYR B 402 34.61 -14.72 1.92
N ASN B 403 35.11 -15.43 0.92
CA ASN B 403 36.23 -14.93 0.13
C ASN B 403 35.72 -13.92 -0.88
N ALA B 404 36.64 -13.15 -1.45
CA ALA B 404 36.24 -12.12 -2.39
C ALA B 404 36.80 -12.35 -3.77
N VAL B 405 38.03 -12.84 -3.86
CA VAL B 405 38.64 -13.14 -5.15
C VAL B 405 38.14 -14.46 -5.71
N ALA B 406 37.83 -15.41 -4.85
CA ALA B 406 37.27 -16.68 -5.31
C ALA B 406 35.75 -16.67 -5.29
N ASP B 407 35.15 -15.71 -4.59
CA ASP B 407 33.72 -15.46 -4.53
C ASP B 407 32.97 -16.68 -4.00
N THR B 408 33.54 -17.34 -3.00
CA THR B 408 32.97 -18.49 -2.33
C THR B 408 32.61 -18.15 -0.87
N LEU B 409 31.72 -18.96 -0.30
CA LEU B 409 31.23 -18.79 1.06
C LEU B 409 31.39 -20.13 1.75
N GLU B 410 32.22 -20.15 2.78
CA GLU B 410 32.47 -21.36 3.55
C GLU B 410 31.68 -21.27 4.83
N ILE B 411 30.95 -22.33 5.13
CA ILE B 411 30.15 -22.42 6.34
C ILE B 411 30.79 -23.43 7.29
N ILE B 412 31.07 -23.00 8.51
CA ILE B 412 31.58 -23.97 9.47
C ILE B 412 30.36 -24.75 9.94
N ASN B 413 30.16 -25.88 9.30
CA ASN B 413 29.17 -26.91 9.57
C ASN B 413 29.47 -27.69 10.84
N ASP B 414 28.44 -28.39 11.34
CA ASP B 414 28.37 -29.10 12.62
C ASP B 414 28.11 -28.09 13.74
N THR B 415 27.86 -26.83 13.39
CA THR B 415 27.56 -25.84 14.41
C THR B 415 26.22 -25.11 14.33
N ILE B 416 25.82 -24.64 13.15
CA ILE B 416 24.61 -23.85 13.04
C ILE B 416 23.38 -24.72 13.28
N ARG B 417 22.30 -24.07 13.69
CA ARG B 417 21.03 -24.72 13.99
C ARG B 417 19.91 -23.70 13.78
N PHE B 418 18.69 -24.20 13.87
CA PHE B 418 17.48 -23.38 13.77
C PHE B 418 16.53 -23.81 14.86
N GLN B 419 15.56 -22.94 15.14
CA GLN B 419 14.64 -23.17 16.25
C GLN B 419 13.66 -24.30 15.96
N GLY B 420 13.24 -24.44 14.72
CA GLY B 420 12.37 -25.54 14.35
C GLY B 420 13.19 -26.75 14.00
N SER B 421 12.94 -27.32 12.83
CA SER B 421 13.74 -28.41 12.30
C SER B 421 14.12 -28.21 10.85
N GLU B 422 13.90 -27.02 10.30
CA GLU B 422 14.15 -26.69 8.91
C GLU B 422 14.30 -25.18 8.79
N PRO B 423 14.89 -24.68 7.70
CA PRO B 423 14.91 -23.24 7.46
C PRO B 423 13.49 -22.72 7.27
N PRO B 424 13.22 -21.51 7.69
CA PRO B 424 11.88 -20.92 7.52
C PRO B 424 11.61 -20.58 6.06
N LYS B 425 10.37 -20.21 5.78
CA LYS B 425 9.92 -19.90 4.43
C LYS B 425 9.64 -18.42 4.32
N ASP B 426 9.66 -17.91 3.08
CA ASP B 426 9.46 -16.49 2.81
C ASP B 426 8.01 -16.06 2.92
N LYS B 427 7.10 -16.95 2.53
CA LYS B 427 5.66 -16.67 2.54
C LYS B 427 4.92 -17.99 2.65
N THR B 428 3.63 -17.87 2.98
CA THR B 428 2.74 -19.02 3.13
C THR B 428 2.40 -19.64 1.78
N ILE B 429 1.71 -20.77 1.83
CA ILE B 429 1.43 -21.58 0.66
C ILE B 429 0.05 -21.22 0.11
N ILE B 430 0.00 -21.07 -1.21
CA ILE B 430 -1.24 -20.83 -1.94
C ILE B 430 -1.75 -22.18 -2.42
N LEU B 431 -3.01 -22.48 -2.09
CA LEU B 431 -3.62 -23.77 -2.43
C LEU B 431 -4.92 -23.53 -3.18
N GLU B 432 -5.02 -24.09 -4.38
CA GLU B 432 -6.24 -23.98 -5.19
C GLU B 432 -7.18 -25.13 -4.86
N GLN B 433 -8.48 -24.83 -4.74
CA GLN B 433 -9.45 -25.84 -4.36
C GLN B 433 -10.74 -25.69 -5.16
N LEU B 434 -11.29 -26.82 -5.56
CA LEU B 434 -12.58 -26.88 -6.24
C LEU B 434 -13.69 -27.05 -5.21
N ARG B 435 -14.89 -26.61 -5.58
CA ARG B 435 -16.02 -26.74 -4.68
C ARG B 435 -16.82 -27.94 -5.15
N LYS B 436 -16.96 -28.97 -4.31
CA LYS B 436 -17.60 -30.20 -4.75
C LYS B 436 -19.05 -30.31 -4.25
N ILE B 437 -19.78 -31.23 -4.89
CA ILE B 437 -21.15 -31.54 -4.49
C ILE B 437 -21.15 -32.49 -3.32
N SER B 438 -22.14 -32.36 -2.44
CA SER B 438 -22.26 -33.26 -1.31
C SER B 438 -22.68 -34.64 -1.78
N LEU B 439 -21.88 -35.63 -1.41
CA LEU B 439 -22.11 -37.02 -1.81
C LEU B 439 -23.38 -37.65 -1.24
N PRO B 440 -23.82 -37.40 0.01
CA PRO B 440 -25.14 -37.90 0.40
C PRO B 440 -26.27 -37.37 -0.47
N LEU B 441 -26.23 -36.09 -0.85
CA LEU B 441 -27.24 -35.54 -1.73
C LEU B 441 -27.21 -36.20 -3.10
N TYR B 442 -26.01 -36.40 -3.65
CA TYR B 442 -25.90 -37.06 -4.94
C TYR B 442 -26.39 -38.50 -4.88
N SER B 443 -26.08 -39.23 -3.80
CA SER B 443 -26.53 -40.61 -3.65
C SER B 443 -28.05 -40.68 -3.53
N ILE B 444 -28.63 -39.79 -2.72
CA ILE B 444 -30.07 -39.80 -2.50
C ILE B 444 -30.80 -39.48 -3.80
N LEU B 445 -30.35 -38.45 -4.51
CA LEU B 445 -31.03 -38.05 -5.75
C LEU B 445 -30.85 -39.10 -6.83
N SER B 446 -29.68 -39.76 -6.87
CA SER B 446 -29.48 -40.84 -7.83
C SER B 446 -30.34 -42.04 -7.51
N ALA B 447 -30.53 -42.36 -6.23
CA ALA B 447 -31.39 -43.47 -5.85
C ALA B 447 -32.85 -43.17 -6.18
N LEU B 448 -33.28 -41.93 -5.96
CA LEU B 448 -34.65 -41.56 -6.29
C LEU B 448 -34.89 -41.62 -7.80
N THR B 449 -33.91 -41.16 -8.58
CA THR B 449 -34.04 -41.22 -10.03
C THR B 449 -34.01 -42.66 -10.52
N ILE B 450 -33.23 -43.52 -9.87
CA ILE B 450 -33.19 -44.93 -10.24
C ILE B 450 -34.53 -45.59 -9.92
N LEU B 451 -35.12 -45.23 -8.78
CA LEU B 451 -36.44 -45.75 -8.43
C LEU B 451 -37.49 -45.31 -9.44
N GLY B 452 -37.41 -44.04 -9.87
CA GLY B 452 -38.29 -43.58 -10.93
C GLY B 452 -38.06 -44.31 -12.24
N MET B 453 -36.82 -44.66 -12.55
CA MET B 453 -36.52 -45.43 -13.76
C MET B 453 -37.13 -46.83 -13.68
N ILE B 454 -37.06 -47.46 -12.50
CA ILE B 454 -37.65 -48.77 -12.29
C ILE B 454 -39.17 -48.71 -12.39
N MET B 455 -39.76 -47.62 -11.86
CA MET B 455 -41.20 -47.42 -11.97
C MET B 455 -41.59 -47.23 -13.43
N ALA B 456 -40.75 -46.53 -14.19
CA ALA B 456 -41.00 -46.39 -15.62
C ALA B 456 -40.90 -47.73 -16.35
N SER B 457 -39.97 -48.59 -15.91
CA SER B 457 -39.87 -49.92 -16.49
C SER B 457 -41.12 -50.74 -16.21
N ALA B 458 -41.67 -50.60 -15.00
CA ALA B 458 -42.92 -51.27 -14.64
C ALA B 458 -44.09 -50.73 -15.46
N PHE B 459 -44.12 -49.42 -15.68
CA PHE B 459 -45.17 -48.80 -16.46
C PHE B 459 -45.12 -49.27 -17.91
N LEU B 460 -43.90 -49.37 -18.46
CA LEU B 460 -43.72 -49.86 -19.82
C LEU B 460 -44.11 -51.34 -19.92
N PHE B 461 -43.80 -52.11 -18.87
CA PHE B 461 -44.26 -53.49 -18.80
C PHE B 461 -45.78 -53.58 -18.87
N PHE B 462 -46.46 -52.70 -18.13
CA PHE B 462 -47.92 -52.66 -18.17
C PHE B 462 -48.42 -52.26 -19.54
N ASN B 463 -47.72 -51.33 -20.18
CA ASN B 463 -48.11 -50.80 -21.48
C ASN B 463 -47.95 -51.87 -22.56
N ILE B 464 -46.93 -52.72 -22.41
CA ILE B 464 -46.67 -53.80 -23.34
C ILE B 464 -47.54 -55.01 -23.03
N LYS B 465 -47.97 -55.13 -21.78
CA LYS B 465 -48.70 -56.29 -21.29
C LYS B 465 -50.07 -56.31 -21.95
N ASN B 466 -50.82 -55.21 -21.81
CA ASN B 466 -52.19 -55.15 -22.33
C ASN B 466 -52.24 -54.35 -23.63
N ARG B 467 -51.21 -54.57 -24.43
CA ARG B 467 -50.95 -53.96 -25.73
C ARG B 467 -51.97 -54.36 -26.80
N ASN B 468 -52.68 -55.45 -26.56
CA ASN B 468 -53.66 -56.00 -27.50
C ASN B 468 -54.99 -56.33 -26.83
N GLN B 469 -55.52 -55.39 -26.04
CA GLN B 469 -56.74 -55.60 -25.27
C GLN B 469 -57.75 -54.53 -25.69
N LYS B 470 -58.91 -54.99 -26.15
CA LYS B 470 -60.05 -54.14 -26.52
C LYS B 470 -60.42 -53.10 -25.46
N LEU B 471 -60.26 -53.40 -24.18
CA LEU B 471 -60.58 -52.43 -23.13
C LEU B 471 -59.59 -51.26 -23.06
N ILE B 472 -58.50 -51.32 -23.81
CA ILE B 472 -57.46 -50.29 -23.78
C ILE B 472 -57.80 -49.11 -24.70
N LYS B 473 -59.07 -49.01 -25.15
CA LYS B 473 -59.62 -47.92 -25.95
C LYS B 473 -59.11 -47.91 -27.39
N MET B 474 -58.12 -48.75 -27.72
CA MET B 474 -57.53 -48.90 -29.06
C MET B 474 -57.21 -47.58 -29.74
N SER B 475 -56.75 -46.63 -28.94
CA SER B 475 -56.52 -45.25 -29.35
C SER B 475 -55.20 -44.81 -28.73
N SER B 476 -54.37 -44.15 -29.55
CA SER B 476 -53.09 -43.54 -29.19
C SER B 476 -52.17 -44.54 -28.50
N PRO B 477 -51.74 -45.64 -29.16
CA PRO B 477 -50.62 -46.42 -28.62
C PRO B 477 -49.27 -45.74 -28.72
N TYR B 478 -48.95 -45.30 -29.93
CA TYR B 478 -47.67 -44.68 -30.23
C TYR B 478 -47.45 -43.38 -29.49
N MET B 479 -48.49 -42.57 -29.30
CA MET B 479 -48.25 -41.31 -28.61
C MET B 479 -47.97 -41.52 -27.13
N ASN B 480 -48.67 -42.44 -26.47
CA ASN B 480 -48.36 -42.74 -25.09
C ASN B 480 -47.01 -43.42 -24.92
N ASN B 481 -46.66 -44.33 -25.85
CA ASN B 481 -45.35 -44.94 -25.86
C ASN B 481 -44.25 -43.90 -26.06
N LEU B 482 -44.50 -42.91 -26.89
CA LEU B 482 -43.51 -41.87 -27.15
C LEU B 482 -43.35 -40.93 -25.97
N ILE B 483 -44.45 -40.61 -25.28
CA ILE B 483 -44.41 -39.81 -24.07
C ILE B 483 -43.57 -40.51 -23.02
N ILE B 484 -43.83 -41.80 -22.82
CA ILE B 484 -43.13 -42.50 -21.74
C ILE B 484 -41.69 -42.79 -22.13
N LEU B 485 -41.41 -42.94 -23.44
CA LEU B 485 -40.04 -43.05 -23.88
C LEU B 485 -39.28 -41.74 -23.71
N GLY B 486 -39.97 -40.61 -23.92
CA GLY B 486 -39.36 -39.32 -23.66
C GLY B 486 -39.05 -39.10 -22.19
N GLY B 487 -39.96 -39.53 -21.33
CA GLY B 487 -39.68 -39.44 -19.90
C GLY B 487 -38.54 -40.34 -19.44
N MET B 488 -38.48 -41.57 -19.96
CA MET B 488 -37.36 -42.44 -19.65
C MET B 488 -36.04 -41.87 -20.17
N LEU B 489 -36.08 -41.22 -21.33
CA LEU B 489 -34.87 -40.62 -21.87
C LEU B 489 -34.49 -39.34 -21.13
N SER B 490 -35.46 -38.66 -20.54
CA SER B 490 -35.19 -37.45 -19.78
C SER B 490 -34.66 -37.74 -18.38
N TYR B 491 -35.01 -38.88 -17.77
CA TYR B 491 -34.46 -39.16 -16.45
C TYR B 491 -32.95 -39.39 -16.50
N ALA B 492 -32.47 -39.90 -17.64
CA ALA B 492 -31.03 -40.08 -17.81
C ALA B 492 -30.27 -38.76 -17.88
N SER B 493 -30.96 -37.67 -18.22
CA SER B 493 -30.34 -36.35 -18.22
C SER B 493 -29.96 -35.92 -16.81
N ILE B 494 -30.87 -36.09 -15.85
CA ILE B 494 -30.55 -35.72 -14.49
C ILE B 494 -29.66 -36.77 -13.84
N PHE B 495 -29.65 -37.99 -14.36
CA PHE B 495 -28.54 -38.87 -14.04
C PHE B 495 -27.19 -38.35 -14.52
N LEU B 496 -27.19 -37.65 -15.65
CA LEU B 496 -25.92 -37.32 -16.30
C LEU B 496 -25.40 -35.97 -15.86
N PHE B 497 -26.27 -35.13 -15.29
CA PHE B 497 -25.90 -33.75 -14.98
C PHE B 497 -24.78 -33.68 -13.94
N GLY B 498 -25.01 -34.29 -12.79
CA GLY B 498 -24.15 -34.05 -11.63
C GLY B 498 -22.81 -34.75 -11.73
N LEU B 499 -21.97 -34.25 -12.61
CA LEU B 499 -20.60 -34.74 -12.78
C LEU B 499 -19.64 -33.99 -11.87
N ASP B 500 -18.38 -34.43 -11.88
CA ASP B 500 -17.31 -33.77 -11.15
C ASP B 500 -15.99 -33.96 -11.88
N GLY B 501 -15.10 -32.98 -11.70
CA GLY B 501 -13.79 -33.03 -12.32
C GLY B 501 -12.87 -34.11 -11.80
N SER B 502 -13.11 -34.57 -10.57
CA SER B 502 -12.33 -35.68 -10.03
C SER B 502 -12.76 -37.03 -10.58
N PHE B 503 -13.98 -37.12 -11.08
CA PHE B 503 -14.50 -38.38 -11.59
C PHE B 503 -14.54 -38.42 -13.11
N VAL B 504 -13.99 -37.41 -13.79
CA VAL B 504 -13.94 -37.36 -15.24
C VAL B 504 -12.51 -37.21 -15.74
N SER B 505 -11.62 -36.67 -14.91
CA SER B 505 -10.18 -36.52 -15.15
C SER B 505 -9.90 -35.75 -16.44
N GLU B 506 -10.84 -34.89 -16.84
CA GLU B 506 -10.82 -34.16 -18.11
C GLU B 506 -10.61 -35.09 -19.30
N LYS B 507 -11.46 -36.11 -19.37
CA LYS B 507 -11.46 -37.07 -20.46
C LYS B 507 -12.75 -37.01 -21.27
N THR B 508 -13.89 -36.92 -20.60
CA THR B 508 -15.19 -36.85 -21.26
C THR B 508 -15.97 -35.61 -20.85
N PHE B 509 -15.35 -34.70 -20.11
CA PHE B 509 -16.05 -33.51 -19.63
C PHE B 509 -16.41 -32.58 -20.78
N GLU B 510 -15.58 -32.56 -21.82
CA GLU B 510 -15.80 -31.73 -22.99
C GLU B 510 -16.87 -32.28 -23.92
N THR B 511 -17.45 -33.43 -23.57
CA THR B 511 -18.47 -34.08 -24.38
C THR B 511 -19.78 -34.25 -23.61
N LEU B 512 -19.67 -34.50 -22.31
CA LEU B 512 -20.87 -34.70 -21.52
C LEU B 512 -21.75 -33.46 -21.42
N CYS B 513 -21.19 -32.25 -21.36
CA CYS B 513 -22.05 -31.07 -21.30
C CYS B 513 -22.87 -30.88 -22.59
N THR B 514 -22.32 -31.26 -23.75
CA THR B 514 -23.06 -31.06 -24.98
C THR B 514 -23.82 -32.31 -25.40
N VAL B 515 -23.65 -33.41 -24.70
CA VAL B 515 -24.60 -34.48 -24.93
C VAL B 515 -25.67 -34.43 -23.88
N ARG B 516 -25.41 -33.70 -22.79
CA ARG B 516 -26.45 -33.37 -21.84
C ARG B 516 -27.45 -32.51 -22.57
N THR B 517 -26.93 -31.54 -23.35
CA THR B 517 -27.79 -30.71 -24.17
C THR B 517 -28.49 -31.53 -25.26
N TRP B 518 -27.81 -32.55 -25.81
CA TRP B 518 -28.43 -33.44 -26.79
C TRP B 518 -29.67 -34.14 -26.22
N ILE B 519 -29.51 -34.80 -25.07
CA ILE B 519 -30.53 -35.62 -24.42
C ILE B 519 -31.64 -34.69 -23.94
N LEU B 520 -31.24 -33.49 -23.49
CA LEU B 520 -32.19 -32.52 -22.99
C LEU B 520 -33.10 -32.07 -24.12
N THR B 521 -32.52 -31.79 -25.29
CA THR B 521 -33.30 -31.31 -26.42
C THR B 521 -34.23 -32.41 -26.90
N VAL B 522 -33.79 -33.67 -26.84
CA VAL B 522 -34.65 -34.78 -27.22
C VAL B 522 -35.85 -34.84 -26.27
N GLY B 523 -35.59 -34.65 -24.98
CA GLY B 523 -36.66 -34.62 -23.99
C GLY B 523 -37.65 -33.49 -24.23
N TYR B 524 -37.13 -32.30 -24.56
CA TYR B 524 -37.96 -31.13 -24.87
C TYR B 524 -38.87 -31.44 -26.05
N THR B 525 -38.30 -32.03 -27.10
CA THR B 525 -39.04 -32.32 -28.32
C THR B 525 -40.15 -33.33 -28.04
N THR B 526 -39.85 -34.39 -27.29
CA THR B 526 -40.86 -35.41 -27.01
C THR B 526 -41.95 -34.83 -26.10
N ALA B 527 -41.55 -33.88 -25.24
CA ALA B 527 -42.49 -33.20 -24.35
C ALA B 527 -43.47 -32.37 -25.17
N PHE B 528 -42.94 -31.57 -26.08
CA PHE B 528 -43.73 -30.70 -26.92
C PHE B 528 -44.60 -31.51 -27.88
N GLY B 529 -44.15 -32.69 -28.31
CA GLY B 529 -44.97 -33.50 -29.17
C GLY B 529 -46.18 -34.06 -28.44
N ALA B 530 -45.97 -34.54 -27.21
CA ALA B 530 -47.09 -35.02 -26.39
C ALA B 530 -47.97 -33.86 -25.96
N MET B 531 -47.41 -32.65 -25.98
CA MET B 531 -48.17 -31.43 -25.78
C MET B 531 -49.06 -31.14 -27.00
N PHE B 532 -48.47 -31.27 -28.19
CA PHE B 532 -49.12 -30.86 -29.43
C PHE B 532 -50.19 -31.84 -29.87
N ALA B 533 -50.15 -33.09 -29.39
CA ALA B 533 -51.18 -34.02 -29.87
C ALA B 533 -52.58 -33.58 -29.42
N LYS B 534 -52.69 -32.99 -28.24
CA LYS B 534 -53.93 -32.43 -27.71
C LYS B 534 -54.45 -31.27 -28.57
N THR B 535 -53.55 -30.33 -28.89
CA THR B 535 -53.88 -29.17 -29.70
C THR B 535 -54.27 -29.57 -31.12
N TRP B 536 -53.71 -30.67 -31.63
CA TRP B 536 -54.16 -31.16 -32.92
C TRP B 536 -55.64 -31.57 -32.86
N ARG B 537 -56.07 -32.20 -31.77
CA ARG B 537 -57.47 -32.56 -31.62
C ARG B 537 -58.34 -31.33 -31.48
N VAL B 538 -57.86 -30.32 -30.74
CA VAL B 538 -58.59 -29.07 -30.58
C VAL B 538 -58.68 -28.28 -31.88
N HIS B 539 -57.64 -28.35 -32.72
CA HIS B 539 -57.67 -27.73 -34.03
C HIS B 539 -58.63 -28.50 -34.93
N ALA B 540 -58.79 -29.80 -34.68
CA ALA B 540 -59.71 -30.56 -35.52
C ALA B 540 -61.13 -30.23 -35.12
N ILE B 541 -61.34 -29.98 -33.82
CA ILE B 541 -62.67 -29.71 -33.28
C ILE B 541 -63.13 -28.30 -33.61
N PHE B 542 -62.20 -27.38 -33.85
CA PHE B 542 -62.52 -25.99 -34.14
C PHE B 542 -62.61 -25.73 -35.64
N LYS B 543 -63.00 -26.75 -36.40
CA LYS B 543 -63.11 -26.62 -37.85
C LYS B 543 -64.51 -26.18 -38.27
N ILE B 552 -56.87 -39.99 -44.04
CA ILE B 552 -56.02 -39.03 -44.73
C ILE B 552 -54.56 -39.21 -44.31
N LYS B 553 -54.33 -39.63 -43.07
CA LYS B 553 -52.97 -39.77 -42.58
C LYS B 553 -52.92 -40.75 -41.41
N ASP B 554 -52.09 -41.78 -41.57
CA ASP B 554 -51.84 -42.82 -40.58
C ASP B 554 -50.75 -42.52 -39.56
N GLN B 555 -49.66 -41.90 -39.99
CA GLN B 555 -48.49 -41.60 -39.16
C GLN B 555 -47.93 -40.20 -39.42
N LYS B 556 -48.67 -39.36 -40.14
CA LYS B 556 -48.17 -38.03 -40.48
C LYS B 556 -48.03 -37.08 -39.30
N LEU B 557 -48.87 -37.17 -38.27
CA LEU B 557 -48.64 -36.32 -37.11
C LEU B 557 -47.34 -36.69 -36.38
N LEU B 558 -47.05 -38.00 -36.28
CA LEU B 558 -45.77 -38.47 -35.74
C LEU B 558 -44.62 -38.03 -36.63
N VAL B 559 -44.86 -38.04 -37.94
CA VAL B 559 -43.87 -37.61 -38.91
C VAL B 559 -43.59 -36.13 -38.74
N ILE B 560 -44.62 -35.33 -38.48
CA ILE B 560 -44.43 -33.89 -38.38
C ILE B 560 -43.80 -33.50 -37.05
N VAL B 561 -44.06 -34.25 -35.98
CA VAL B 561 -43.34 -33.92 -34.76
C VAL B 561 -41.88 -34.37 -34.87
N GLY B 562 -41.63 -35.46 -35.60
CA GLY B 562 -40.26 -35.84 -35.88
C GLY B 562 -39.54 -34.86 -36.80
N GLY B 563 -40.26 -34.29 -37.77
CA GLY B 563 -39.68 -33.27 -38.63
C GLY B 563 -39.34 -31.98 -37.90
N MET B 564 -40.23 -31.56 -36.99
CA MET B 564 -39.95 -30.37 -36.18
C MET B 564 -38.74 -30.60 -35.29
N LEU B 565 -38.71 -31.75 -34.62
CA LEU B 565 -37.59 -32.10 -33.76
C LEU B 565 -36.31 -32.24 -34.56
N LEU B 566 -36.40 -32.76 -35.78
CA LEU B 566 -35.21 -32.95 -36.61
C LEU B 566 -34.67 -31.63 -37.12
N ILE B 567 -35.53 -30.71 -37.54
CA ILE B 567 -35.03 -29.45 -38.05
C ILE B 567 -34.45 -28.58 -36.94
N ASP B 568 -35.09 -28.58 -35.77
CA ASP B 568 -34.51 -27.79 -34.68
C ASP B 568 -33.33 -28.50 -34.02
N LEU B 569 -33.24 -29.82 -34.22
CA LEU B 569 -32.06 -30.51 -33.72
C LEU B 569 -30.87 -30.38 -34.64
N CYS B 570 -31.06 -30.44 -35.97
CA CYS B 570 -29.92 -30.16 -36.82
C CYS B 570 -29.50 -28.71 -36.71
N ILE B 571 -30.45 -27.78 -36.47
CA ILE B 571 -30.13 -26.40 -36.15
C ILE B 571 -29.20 -26.32 -34.94
N LEU B 572 -29.47 -27.16 -33.93
CA LEU B 572 -28.61 -27.19 -32.75
C LEU B 572 -27.29 -27.89 -33.05
N ILE B 573 -27.34 -29.04 -33.74
CA ILE B 573 -26.16 -29.88 -33.87
C ILE B 573 -25.14 -29.20 -34.76
N CYS B 574 -25.59 -28.45 -35.75
CA CYS B 574 -24.67 -27.71 -36.60
C CYS B 574 -24.20 -26.42 -35.94
N TRP B 575 -25.10 -25.71 -35.24
CA TRP B 575 -24.69 -24.55 -34.46
C TRP B 575 -23.65 -24.90 -33.42
N GLN B 576 -23.73 -26.10 -32.86
CA GLN B 576 -22.78 -26.49 -31.84
C GLN B 576 -21.60 -27.23 -32.44
N ALA B 577 -21.75 -27.74 -33.66
CA ALA B 577 -20.62 -28.22 -34.42
C ALA B 577 -19.67 -27.09 -34.70
N VAL B 578 -20.23 -25.91 -35.00
CA VAL B 578 -19.49 -24.67 -35.17
C VAL B 578 -19.09 -24.09 -33.83
N ASP B 579 -19.83 -24.40 -32.75
CA ASP B 579 -19.59 -23.77 -31.46
C ASP B 579 -18.80 -24.69 -30.56
N PRO B 580 -17.54 -24.37 -30.28
CA PRO B 580 -16.75 -25.24 -29.41
C PRO B 580 -16.90 -24.74 -27.98
N LEU B 581 -18.14 -24.83 -27.51
CA LEU B 581 -18.50 -24.55 -26.14
C LEU B 581 -17.76 -25.50 -25.21
N ARG B 582 -16.70 -25.01 -24.58
CA ARG B 582 -15.81 -25.90 -23.85
C ARG B 582 -15.66 -25.37 -22.42
N ARG B 583 -14.70 -25.95 -21.71
CA ARG B 583 -14.56 -25.71 -20.29
C ARG B 583 -13.84 -24.40 -20.01
N THR B 584 -14.32 -23.69 -19.00
CA THR B 584 -13.63 -22.50 -18.48
C THR B 584 -13.55 -22.62 -16.96
N VAL B 585 -12.83 -21.70 -16.32
CA VAL B 585 -12.71 -21.73 -14.87
C VAL B 585 -12.31 -20.37 -14.29
N GLU B 586 -13.03 -19.93 -13.26
CA GLU B 586 -12.77 -18.66 -12.61
C GLU B 586 -12.37 -18.94 -11.16
N LYS B 587 -11.89 -17.91 -10.46
CA LYS B 587 -11.39 -18.06 -9.10
C LYS B 587 -11.81 -16.85 -8.27
N TYR B 588 -11.83 -17.02 -6.94
CA TYR B 588 -12.20 -15.94 -6.02
C TYR B 588 -11.19 -15.93 -4.88
N SER B 589 -10.15 -15.12 -5.02
CA SER B 589 -9.05 -15.09 -4.05
C SER B 589 -9.43 -14.34 -2.77
N MET B 590 -10.04 -15.03 -1.81
CA MET B 590 -10.29 -14.43 -0.50
C MET B 590 -9.82 -15.35 0.60
N GLU B 591 -8.60 -15.86 0.45
CA GLU B 591 -8.08 -17.00 1.18
C GLU B 591 -8.03 -16.79 2.70
N PRO B 592 -8.90 -17.45 3.47
CA PRO B 592 -8.76 -17.38 4.94
C PRO B 592 -7.92 -18.56 5.44
N ASP B 593 -7.77 -18.70 6.75
CA ASP B 593 -7.15 -19.88 7.36
C ASP B 593 -8.24 -20.88 7.74
N PRO B 594 -8.52 -21.91 6.94
CA PRO B 594 -9.46 -22.95 7.39
C PRO B 594 -8.90 -23.95 8.39
N ALA B 595 -7.72 -24.51 8.10
CA ALA B 595 -7.10 -25.49 8.99
C ALA B 595 -6.52 -24.87 10.24
N GLY B 596 -6.27 -23.56 10.21
CA GLY B 596 -5.77 -22.82 11.32
C GLY B 596 -4.27 -22.61 11.31
N ARG B 597 -3.52 -23.32 10.47
CA ARG B 597 -2.08 -23.12 10.56
C ARG B 597 -1.66 -21.96 9.67
N ASP B 598 -1.46 -22.21 8.37
CA ASP B 598 -1.05 -21.11 7.51
C ASP B 598 -1.34 -21.27 6.02
N ILE B 599 -1.81 -22.44 5.56
CA ILE B 599 -2.02 -22.59 4.12
C ILE B 599 -3.26 -21.83 3.66
N SER B 600 -3.04 -20.80 2.86
CA SER B 600 -4.11 -19.94 2.35
C SER B 600 -4.78 -20.63 1.17
N ILE B 601 -6.09 -20.90 1.23
CA ILE B 601 -6.71 -21.64 0.13
C ILE B 601 -7.68 -20.72 -0.61
N ARG B 602 -7.70 -20.83 -1.93
CA ARG B 602 -8.65 -20.09 -2.73
C ARG B 602 -9.56 -21.04 -3.49
N PRO B 603 -10.81 -20.64 -3.73
CA PRO B 603 -11.71 -21.46 -4.55
C PRO B 603 -11.70 -21.06 -6.01
N LEU B 604 -11.79 -22.08 -6.87
CA LEU B 604 -11.98 -21.90 -8.30
C LEU B 604 -12.99 -22.92 -8.80
N LEU B 605 -13.79 -22.50 -9.79
CA LEU B 605 -14.85 -23.34 -10.33
C LEU B 605 -14.89 -23.30 -11.86
N GLU B 606 -15.32 -24.41 -12.45
CA GLU B 606 -15.36 -24.63 -13.88
C GLU B 606 -16.72 -24.33 -14.50
N HIS B 607 -16.75 -24.36 -15.84
CA HIS B 607 -17.95 -24.09 -16.64
C HIS B 607 -17.82 -24.84 -17.96
N CYS B 608 -18.85 -24.69 -18.80
CA CYS B 608 -18.89 -25.15 -20.20
C CYS B 608 -19.64 -24.10 -21.01
N GLU B 609 -18.92 -23.16 -21.60
CA GLU B 609 -19.55 -21.99 -22.20
C GLU B 609 -19.10 -21.85 -23.64
N ASN B 610 -19.48 -20.73 -24.25
CA ASN B 610 -19.11 -20.42 -25.63
C ASN B 610 -19.07 -18.90 -25.80
N THR B 611 -18.52 -18.45 -26.93
CA THR B 611 -18.46 -17.02 -27.17
C THR B 611 -19.77 -16.44 -27.71
N HIS B 612 -20.82 -17.26 -27.87
CA HIS B 612 -22.10 -16.80 -28.39
C HIS B 612 -23.26 -17.35 -27.57
N MET B 613 -23.16 -17.26 -26.25
CA MET B 613 -24.14 -17.88 -25.36
C MET B 613 -25.49 -17.17 -25.41
N THR B 614 -25.51 -15.91 -25.84
CA THR B 614 -26.77 -15.18 -25.91
C THR B 614 -27.61 -15.53 -27.14
N ILE B 615 -26.98 -15.55 -28.32
CA ILE B 615 -27.70 -15.80 -29.57
C ILE B 615 -28.38 -17.17 -29.60
N TRP B 616 -27.58 -18.24 -29.59
CA TRP B 616 -28.09 -19.60 -29.70
C TRP B 616 -28.99 -20.07 -28.56
N LEU B 617 -28.54 -19.91 -27.31
CA LEU B 617 -29.42 -20.23 -26.18
C LEU B 617 -30.66 -19.35 -26.15
N GLY B 618 -30.54 -18.06 -26.51
CA GLY B 618 -31.70 -17.20 -26.45
C GLY B 618 -32.73 -17.61 -27.49
N ILE B 619 -32.25 -18.07 -28.64
CA ILE B 619 -33.10 -18.50 -29.74
C ILE B 619 -33.85 -19.76 -29.37
N VAL B 620 -33.12 -20.75 -28.83
CA VAL B 620 -33.76 -22.01 -28.47
C VAL B 620 -34.71 -21.84 -27.30
N TYR B 621 -34.35 -20.97 -26.34
CA TYR B 621 -35.23 -20.73 -25.20
C TYR B 621 -36.48 -19.99 -25.63
N ALA B 622 -36.34 -19.05 -26.58
CA ALA B 622 -37.50 -18.33 -27.06
C ALA B 622 -38.41 -19.23 -27.87
N TYR B 623 -37.86 -20.15 -28.65
CA TYR B 623 -38.72 -21.03 -29.42
C TYR B 623 -39.42 -22.05 -28.54
N LYS B 624 -38.76 -22.52 -27.48
CA LYS B 624 -39.46 -23.37 -26.53
C LYS B 624 -40.54 -22.60 -25.78
N GLY B 625 -40.29 -21.33 -25.46
CA GLY B 625 -41.32 -20.51 -24.88
C GLY B 625 -42.49 -20.24 -25.79
N LEU B 626 -42.23 -20.06 -27.08
CA LEU B 626 -43.31 -19.90 -28.06
C LEU B 626 -44.15 -21.17 -28.18
N LEU B 627 -43.51 -22.33 -28.16
CA LEU B 627 -44.26 -23.59 -28.16
C LEU B 627 -45.11 -23.74 -26.91
N MET B 628 -44.56 -23.35 -25.76
CA MET B 628 -45.30 -23.36 -24.52
C MET B 628 -46.47 -22.39 -24.53
N LEU B 629 -46.30 -21.22 -25.14
CA LEU B 629 -47.38 -20.25 -25.23
C LEU B 629 -48.48 -20.73 -26.16
N PHE B 630 -48.12 -21.42 -27.25
CA PHE B 630 -49.14 -22.00 -28.11
C PHE B 630 -49.92 -23.09 -27.40
N GLY B 631 -49.22 -23.90 -26.62
CA GLY B 631 -49.92 -24.86 -25.79
C GLY B 631 -50.82 -24.24 -24.73
N CYS B 632 -50.38 -23.12 -24.16
CA CYS B 632 -51.20 -22.39 -23.20
C CYS B 632 -52.43 -21.80 -23.84
N PHE B 633 -52.31 -21.29 -25.07
CA PHE B 633 -53.48 -20.80 -25.80
C PHE B 633 -54.47 -21.91 -26.08
N LEU B 634 -53.97 -23.09 -26.47
CA LEU B 634 -54.86 -24.21 -26.73
C LEU B 634 -55.55 -24.70 -25.45
N ALA B 635 -54.82 -24.71 -24.33
CA ALA B 635 -55.40 -25.09 -23.05
C ALA B 635 -56.43 -24.08 -22.56
N TRP B 636 -56.17 -22.80 -22.81
CA TRP B 636 -57.16 -21.77 -22.50
C TRP B 636 -58.42 -21.92 -23.31
N GLU B 637 -58.28 -22.20 -24.61
CA GLU B 637 -59.46 -22.32 -25.46
C GLU B 637 -60.28 -23.56 -25.14
N THR B 638 -59.63 -24.71 -25.01
CA THR B 638 -60.35 -25.96 -24.83
C THR B 638 -60.50 -26.30 -23.35
N ARG B 639 -61.74 -26.56 -22.95
CA ARG B 639 -61.99 -27.07 -21.61
C ARG B 639 -62.86 -28.33 -21.69
N ASN B 640 -63.70 -28.41 -22.72
CA ASN B 640 -64.61 -29.53 -22.86
C ASN B 640 -65.09 -29.67 -24.31
N VAL B 641 -64.58 -30.67 -25.03
CA VAL B 641 -64.93 -30.88 -26.43
C VAL B 641 -65.85 -32.09 -26.54
N SER B 642 -66.40 -32.50 -25.39
CA SER B 642 -67.22 -33.72 -25.25
C SER B 642 -66.48 -34.97 -25.74
N ILE B 643 -65.23 -35.11 -25.33
CA ILE B 643 -64.41 -36.22 -25.81
C ILE B 643 -64.84 -37.50 -25.12
N PRO B 644 -65.03 -38.61 -25.83
CA PRO B 644 -65.28 -39.89 -25.14
C PRO B 644 -64.05 -40.43 -24.41
N ALA B 645 -64.18 -41.65 -23.87
CA ALA B 645 -63.14 -42.21 -23.02
C ALA B 645 -61.83 -42.50 -23.76
N LEU B 646 -61.82 -42.34 -25.09
CA LEU B 646 -60.58 -42.48 -25.86
C LEU B 646 -59.62 -41.34 -25.58
N ASN B 647 -60.15 -40.18 -25.23
CA ASN B 647 -59.35 -39.00 -24.93
C ASN B 647 -59.37 -38.66 -23.44
N ASP B 648 -58.34 -37.94 -23.01
CA ASP B 648 -58.11 -37.53 -21.63
C ASP B 648 -57.52 -36.13 -21.65
N SER B 649 -58.15 -35.26 -22.43
CA SER B 649 -57.83 -33.83 -22.63
C SER B 649 -57.73 -32.96 -21.38
N LYS B 650 -58.02 -33.48 -20.19
CA LYS B 650 -57.93 -32.66 -18.99
C LYS B 650 -56.60 -32.90 -18.29
N TYR B 651 -56.19 -34.16 -18.21
CA TYR B 651 -54.93 -34.51 -17.56
C TYR B 651 -53.75 -33.90 -18.32
N ILE B 652 -53.84 -33.87 -19.65
CA ILE B 652 -52.80 -33.31 -20.50
C ILE B 652 -52.71 -31.80 -20.28
N GLY B 653 -53.86 -31.15 -20.07
CA GLY B 653 -53.90 -29.74 -19.81
C GLY B 653 -53.29 -29.39 -18.46
N MET B 654 -53.63 -30.22 -17.46
CA MET B 654 -53.06 -30.03 -16.12
C MET B 654 -51.55 -30.20 -16.17
N SER B 655 -51.10 -31.17 -16.97
CA SER B 655 -49.69 -31.44 -17.13
C SER B 655 -48.99 -30.28 -17.81
N VAL B 656 -49.58 -29.73 -18.87
CA VAL B 656 -48.89 -28.67 -19.58
C VAL B 656 -48.85 -27.38 -18.76
N TYR B 657 -49.89 -27.06 -17.98
CA TYR B 657 -49.78 -25.85 -17.16
C TYR B 657 -48.75 -26.03 -16.03
N ASN B 658 -48.68 -27.23 -15.46
CA ASN B 658 -47.73 -27.47 -14.37
C ASN B 658 -46.32 -27.62 -14.93
N VAL B 659 -46.24 -27.89 -16.22
CA VAL B 659 -44.94 -28.05 -16.83
C VAL B 659 -44.43 -26.68 -17.22
N GLY B 660 -45.30 -25.84 -17.76
CA GLY B 660 -44.87 -24.56 -18.30
C GLY B 660 -44.42 -23.74 -17.10
N ILE B 661 -45.21 -23.77 -16.02
CA ILE B 661 -44.86 -23.01 -14.82
C ILE B 661 -43.57 -23.54 -14.19
N MET B 662 -43.44 -24.87 -14.07
CA MET B 662 -42.24 -25.46 -13.46
C MET B 662 -41.00 -25.15 -14.28
N CYS B 663 -41.12 -25.21 -15.61
CA CYS B 663 -40.00 -24.93 -16.49
C CYS B 663 -39.58 -23.47 -16.43
N ILE B 664 -40.53 -22.53 -16.47
CA ILE B 664 -40.15 -21.12 -16.46
C ILE B 664 -39.64 -20.70 -15.09
N ILE B 665 -39.93 -21.50 -14.07
CA ILE B 665 -39.33 -21.25 -12.77
C ILE B 665 -37.93 -21.83 -12.72
N GLY B 666 -37.75 -23.07 -13.17
CA GLY B 666 -36.47 -23.73 -13.04
C GLY B 666 -35.48 -23.01 -13.93
N ALA B 667 -35.98 -22.47 -15.05
CA ALA B 667 -35.16 -21.67 -15.96
C ALA B 667 -34.68 -20.40 -15.29
N ALA B 668 -35.59 -19.63 -14.67
CA ALA B 668 -35.14 -18.39 -14.05
C ALA B 668 -34.26 -18.65 -12.83
N VAL B 669 -34.47 -19.79 -12.17
CA VAL B 669 -33.66 -20.16 -11.03
C VAL B 669 -32.27 -20.57 -11.48
N SER B 670 -32.16 -21.41 -12.51
CA SER B 670 -30.84 -21.85 -12.92
C SER B 670 -30.08 -20.70 -13.57
N PHE B 671 -30.80 -19.70 -14.10
CA PHE B 671 -30.01 -18.59 -14.62
C PHE B 671 -29.56 -17.70 -13.48
N LEU B 672 -30.19 -17.83 -12.31
CA LEU B 672 -29.80 -16.88 -11.27
C LEU B 672 -28.78 -17.44 -10.29
N THR B 673 -29.01 -18.63 -9.72
CA THR B 673 -28.10 -19.12 -8.68
C THR B 673 -26.79 -19.60 -9.29
N ARG B 674 -25.86 -18.67 -9.52
CA ARG B 674 -24.57 -19.03 -10.09
C ARG B 674 -23.52 -19.29 -9.02
N ASP B 675 -23.60 -18.59 -7.90
CA ASP B 675 -22.61 -18.68 -6.84
C ASP B 675 -22.91 -19.74 -5.80
N GLN B 676 -23.91 -20.59 -5.99
CA GLN B 676 -24.24 -21.64 -5.03
C GLN B 676 -24.40 -22.98 -5.74
N PRO B 677 -23.31 -23.71 -5.95
CA PRO B 677 -23.37 -24.92 -6.77
C PRO B 677 -24.02 -26.10 -6.07
N ASN B 678 -24.44 -25.96 -4.81
CA ASN B 678 -25.06 -27.10 -4.14
C ASN B 678 -26.55 -26.94 -3.97
N VAL B 679 -27.17 -25.96 -4.62
CA VAL B 679 -28.61 -25.82 -4.57
C VAL B 679 -29.23 -25.89 -5.96
N GLN B 680 -28.51 -25.49 -7.01
CA GLN B 680 -29.10 -25.51 -8.34
C GLN B 680 -29.18 -26.90 -8.92
N PHE B 681 -28.25 -27.78 -8.54
CA PHE B 681 -28.37 -29.19 -8.92
C PHE B 681 -29.58 -29.83 -8.28
N CYS B 682 -29.79 -29.60 -6.98
CA CYS B 682 -30.94 -30.14 -6.28
C CYS B 682 -32.23 -29.49 -6.75
N ILE B 683 -32.14 -28.27 -7.27
CA ILE B 683 -33.33 -27.60 -7.80
C ILE B 683 -33.70 -28.18 -9.15
N VAL B 684 -32.73 -28.31 -10.06
CA VAL B 684 -33.06 -28.79 -11.39
C VAL B 684 -33.49 -30.24 -11.29
N ALA B 685 -32.87 -30.98 -10.36
CA ALA B 685 -33.24 -32.36 -10.13
C ALA B 685 -34.66 -32.49 -9.61
N LEU B 686 -35.04 -31.68 -8.61
CA LEU B 686 -36.40 -31.79 -8.09
C LEU B 686 -37.44 -31.34 -9.12
N VAL B 687 -37.17 -30.26 -9.86
CA VAL B 687 -38.15 -29.80 -10.84
C VAL B 687 -38.35 -30.83 -11.94
N ILE B 688 -37.27 -31.48 -12.38
CA ILE B 688 -37.39 -32.49 -13.43
C ILE B 688 -38.08 -33.72 -12.90
N ILE B 689 -37.63 -34.22 -11.75
CA ILE B 689 -38.13 -35.51 -11.27
C ILE B 689 -39.59 -35.36 -10.86
N PHE B 690 -39.91 -34.25 -10.19
CA PHE B 690 -41.25 -33.98 -9.72
C PHE B 690 -42.21 -33.77 -10.89
N CYS B 691 -41.77 -33.02 -11.91
CA CYS B 691 -42.59 -32.80 -13.08
C CYS B 691 -42.87 -34.12 -13.79
N SER B 692 -41.83 -34.93 -13.99
CA SER B 692 -42.01 -36.17 -14.73
C SER B 692 -42.86 -37.17 -13.97
N THR B 693 -42.67 -37.30 -12.65
CA THR B 693 -43.51 -38.24 -11.90
C THR B 693 -44.96 -37.78 -11.89
N ILE B 694 -45.20 -36.47 -11.73
CA ILE B 694 -46.57 -35.98 -11.73
C ILE B 694 -47.22 -36.14 -13.09
N THR B 695 -46.48 -35.90 -14.17
CA THR B 695 -47.04 -36.07 -15.51
C THR B 695 -47.35 -37.52 -15.80
N LEU B 696 -46.44 -38.43 -15.48
CA LEU B 696 -46.67 -39.85 -15.72
C LEU B 696 -47.82 -40.38 -14.87
N CYS B 697 -47.92 -39.95 -13.61
CA CYS B 697 -48.99 -40.44 -12.77
C CYS B 697 -50.35 -39.89 -13.19
N LEU B 698 -50.39 -38.63 -13.66
CA LEU B 698 -51.64 -38.04 -14.10
C LEU B 698 -52.07 -38.62 -15.44
N VAL B 699 -51.11 -39.11 -16.21
CA VAL B 699 -51.43 -39.70 -17.50
C VAL B 699 -51.92 -41.11 -17.26
N PHE B 700 -51.13 -41.89 -16.53
CA PHE B 700 -51.15 -43.33 -16.44
C PHE B 700 -52.16 -43.85 -15.43
N VAL B 701 -52.14 -43.36 -14.19
CA VAL B 701 -52.89 -43.95 -13.08
C VAL B 701 -54.41 -43.95 -13.22
N PRO B 702 -55.07 -43.07 -14.03
CA PRO B 702 -56.50 -43.29 -14.29
C PRO B 702 -56.76 -44.60 -15.02
N LYS B 703 -55.84 -44.95 -15.93
CA LYS B 703 -55.93 -46.24 -16.59
C LYS B 703 -55.55 -47.35 -15.62
N LEU B 704 -54.68 -47.05 -14.65
CA LEU B 704 -54.25 -48.08 -13.71
C LEU B 704 -55.42 -48.43 -12.80
N ILE B 705 -56.16 -47.42 -12.36
CA ILE B 705 -57.34 -47.62 -11.53
C ILE B 705 -58.42 -48.33 -12.33
N THR B 706 -58.50 -48.04 -13.65
CA THR B 706 -59.47 -48.73 -14.49
C THR B 706 -59.13 -50.20 -14.61
N LEU B 707 -57.84 -50.50 -14.76
CA LEU B 707 -57.37 -51.89 -14.84
C LEU B 707 -57.50 -52.60 -13.50
N ARG B 708 -57.41 -51.84 -12.40
CA ARG B 708 -57.61 -52.41 -11.07
C ARG B 708 -59.08 -52.71 -10.85
N THR B 709 -59.95 -51.94 -11.48
CA THR B 709 -61.37 -52.23 -11.42
C THR B 709 -61.61 -53.49 -12.25
N ASN B 710 -61.02 -53.52 -13.44
CA ASN B 710 -61.08 -54.66 -14.37
C ASN B 710 -62.49 -55.11 -14.71
C1 NAG C . 22.78 10.02 -22.32
C2 NAG C . 21.98 9.13 -23.32
C3 NAG C . 22.92 8.43 -24.29
C4 NAG C . 23.83 9.44 -24.98
C5 NAG C . 24.66 10.10 -23.88
C6 NAG C . 25.68 11.09 -24.38
C7 NAG C . 19.95 8.45 -22.11
C8 NAG C . 19.25 7.34 -21.42
N2 NAG C . 21.16 8.16 -22.62
O3 NAG C . 22.15 7.73 -25.27
O4 NAG C . 24.63 8.83 -25.98
O5 NAG C . 23.75 10.83 -23.04
O6 NAG C . 26.88 11.03 -23.62
O7 NAG C . 19.46 9.57 -22.21
C1 NAG C . 24.25 9.44 -27.23
C2 NAG C . 25.37 9.28 -28.26
C3 NAG C . 24.96 9.91 -29.59
C4 NAG C . 23.63 9.34 -30.06
C5 NAG C . 22.58 9.50 -28.96
C6 NAG C . 21.25 8.86 -29.31
C7 NAG C . 27.49 9.21 -27.01
C8 NAG C . 28.71 9.98 -26.61
N2 NAG C . 26.61 9.87 -27.79
O3 NAG C . 25.96 9.67 -30.57
O4 NAG C . 23.20 10.01 -31.24
O5 NAG C . 23.03 8.88 -27.75
O6 NAG C . 20.18 9.48 -28.62
O7 NAG C . 27.29 8.06 -26.64
C1 NAG D . 25.49 38.75 25.28
C2 NAG D . 25.50 38.90 26.82
C3 NAG D . 24.37 38.10 27.46
C4 NAG D . 23.04 38.48 26.82
C5 NAG D . 23.11 38.34 25.31
C6 NAG D . 21.85 38.79 24.61
C7 NAG D . 27.62 37.63 27.61
C8 NAG D . 27.23 36.32 26.95
N2 NAG D . 26.80 38.71 27.48
O3 NAG D . 24.35 38.32 28.86
O4 NAG D . 21.97 37.77 27.43
O5 NAG D . 24.19 39.12 24.78
O6 NAG D . 20.91 37.72 24.53
O7 NAG D . 28.68 37.72 28.23
C1 NAG D . 21.02 38.50 28.29
C2 NAG D . 21.23 40.01 28.57
C3 NAG D . 20.03 40.55 29.36
C4 NAG D . 18.71 40.20 28.67
C5 NAG D . 18.63 38.73 28.29
C6 NAG D . 17.43 38.40 27.43
C7 NAG D . 23.31 41.24 28.99
C8 NAG D . 24.51 41.39 29.86
N2 NAG D . 22.45 40.27 29.32
O3 NAG D . 20.15 41.96 29.49
O4 NAG D . 17.63 40.52 29.54
O5 NAG D . 19.79 38.33 27.54
O6 NAG D . 16.23 38.85 28.04
O7 NAG D . 23.11 41.96 28.01
C1 NAG E . 31.70 57.54 18.27
C2 NAG E . 32.53 57.82 19.53
C3 NAG E . 31.99 59.07 20.24
C4 NAG E . 31.95 60.25 19.28
C5 NAG E . 31.16 59.88 18.03
C6 NAG E . 31.18 60.96 16.97
C7 NAG E . 33.61 56.24 21.10
C8 NAG E . 34.90 56.98 20.86
N2 NAG E . 32.53 56.68 20.43
O3 NAG E . 32.83 59.37 21.35
O4 NAG E . 31.27 61.34 19.89
O5 NAG E . 31.72 58.70 17.41
O6 NAG E . 32.47 61.07 16.38
O7 NAG E . 33.55 55.27 21.85
C1 NAG E . 31.83 62.31 20.83
C2 NAG E . 33.31 62.77 20.70
C3 NAG E . 33.58 63.92 21.64
C4 NAG E . 32.58 65.05 21.43
C5 NAG E . 31.16 64.52 21.55
C6 NAG E . 30.11 65.56 21.22
C7 NAG E . 35.46 61.60 20.46
C8 NAG E . 36.27 60.41 20.86
N2 NAG E . 34.23 61.67 20.98
O3 NAG E . 34.91 64.43 21.42
O4 NAG E . 32.78 66.06 22.40
O5 NAG E . 30.97 63.44 20.62
O6 NAG E . 30.35 66.76 21.95
O7 NAG E . 35.90 62.46 19.71
C1 NAG F . 20.99 63.98 3.26
C2 NAG F . 19.47 64.02 3.17
C3 NAG F . 19.01 65.37 2.68
C4 NAG F . 19.65 66.50 3.50
C5 NAG F . 21.15 66.27 3.75
C6 NAG F . 21.75 67.15 4.82
C7 NAG F . 18.14 62.02 2.70
C8 NAG F . 17.74 61.00 1.67
N2 NAG F . 18.99 62.96 2.29
O3 NAG F . 17.59 65.45 2.79
O4 NAG F . 19.39 67.77 2.91
O5 NAG F . 21.39 64.92 4.17
O6 NAG F . 23.17 67.19 4.70
O7 NAG F . 17.69 61.99 3.84
C1 NAG F . 18.61 68.57 3.82
C2 NAG F . 19.14 70.00 3.75
C3 NAG F . 18.28 70.98 4.55
C4 NAG F . 16.80 70.80 4.25
C5 NAG F . 16.40 69.34 4.40
C6 NAG F . 14.97 69.06 4.05
C7 NAG F . 21.41 70.92 3.60
C8 NAG F . 22.80 70.87 4.15
N2 NAG F . 20.53 70.09 4.16
O3 NAG F . 18.74 72.30 4.28
O4 NAG F . 15.97 71.61 5.08
O5 NAG F . 17.21 68.55 3.52
O6 NAG F . 14.64 67.69 4.24
O7 NAG F . 21.10 71.69 2.70
C1 BMA F . 15.69 72.85 4.39
C2 BMA F . 14.31 73.41 4.74
C3 BMA F . 14.14 74.77 4.03
C4 BMA F . 15.36 75.71 4.27
C5 BMA F . 16.68 74.94 4.03
C6 BMA F . 17.93 75.73 4.37
O2 BMA F . 14.20 73.66 6.10
O3 BMA F . 12.94 75.42 4.40
O4 BMA F . 15.31 76.82 3.41
O5 BMA F . 16.66 73.78 4.84
O6 BMA F . 19.03 74.83 4.38
C1 NAG G . 44.72 0.31 -11.71
C2 NAG G . 44.35 0.86 -13.09
C3 NAG G . 43.08 0.20 -13.60
C4 NAG G . 43.24 -1.32 -13.60
C5 NAG G . 43.62 -1.81 -12.21
C6 NAG G . 43.89 -3.29 -12.16
C7 NAG G . 45.08 3.14 -13.60
C8 NAG G . 44.77 4.61 -13.45
N2 NAG G . 44.19 2.31 -13.04
O3 NAG G . 42.79 0.68 -14.91
O4 NAG G . 42.00 -1.90 -14.01
O5 NAG G . 44.83 -1.15 -11.78
O6 NAG G . 45.16 -3.62 -12.70
O7 NAG G . 46.08 2.74 -14.18
C1 NAG G . 41.84 -2.47 -15.35
C2 NAG G . 43.05 -2.51 -16.33
C3 NAG G . 42.70 -3.36 -17.55
C4 NAG G . 42.22 -4.74 -17.14
C5 NAG G . 41.02 -4.61 -16.21
C6 NAG G . 40.53 -5.94 -15.67
C7 NAG G . 44.73 -0.76 -16.77
C8 NAG G . 45.77 -1.75 -16.30
N2 NAG G . 43.46 -1.18 -16.75
O3 NAG G . 43.84 -3.47 -18.40
O4 NAG G . 41.83 -5.49 -18.29
O5 NAG G . 41.39 -3.82 -15.06
O6 NAG G . 41.53 -6.95 -15.81
O7 NAG G . 45.04 0.37 -17.13
CAB QD7 H . 21.09 31.45 0.17
CAC QD7 H . 21.44 30.81 1.50
CAD QD7 H . 22.67 29.91 1.36
CAG QD7 H . 22.62 27.37 2.75
NAA QD7 H . 20.03 32.48 0.31
OAF QD7 H . 24.36 29.37 3.29
OAH QD7 H . 21.95 29.75 3.89
PAE QD7 H . 22.92 29.11 2.94
C1 NAG I . 13.92 -0.12 38.66
C2 NAG I . 14.65 -1.43 38.36
C3 NAG I . 14.37 -2.45 39.46
C4 NAG I . 14.69 -1.86 40.83
C5 NAG I . 13.95 -0.54 41.03
C6 NAG I . 14.34 0.15 42.31
C7 NAG I . 15.18 -2.53 36.25
C8 NAG I . 14.64 -3.06 34.95
N2 NAG I . 14.29 -1.98 37.07
O3 NAG I . 15.16 -3.61 39.24
O4 NAG I . 14.30 -2.77 41.86
O5 NAG I . 14.27 0.35 39.96
O6 NAG I . 15.64 -0.25 42.74
O7 NAG I . 16.37 -2.62 36.54
C1 NAG J . 28.02 -31.07 6.94
C2 NAG J . 29.03 -32.09 7.48
C3 NAG J . 28.61 -33.51 7.08
C4 NAG J . 27.18 -33.78 7.51
C5 NAG J . 26.25 -32.70 6.96
C6 NAG J . 24.82 -32.86 7.41
C7 NAG J . 31.37 -31.33 7.72
C8 NAG J . 31.07 -31.10 9.17
N2 NAG J . 30.37 -31.80 6.97
O3 NAG J . 29.49 -34.43 7.72
O4 NAG J . 26.77 -35.05 7.02
O5 NAG J . 26.70 -31.41 7.39
O6 NAG J . 23.94 -32.89 6.29
O7 NAG J . 32.48 -31.09 7.24
#